data_3E9N
#
_entry.id   3E9N
#
_cell.length_a   238.107
_cell.length_b   62.260
_cell.length_c   127.295
_cell.angle_alpha   90.000
_cell.angle_beta   99.190
_cell.angle_gamma   90.000
#
_symmetry.space_group_name_H-M   'C 1 2 1'
#
loop_
_entity.id
_entity.type
_entity.pdbx_description
1 polymer 'PUTATIVE SHORT-CHAIN DEHYDROGENASE/REDUCTASE'
2 water water
#
_entity_poly.entity_id   1
_entity_poly.type   'polypeptide(L)'
_entity_poly.pdbx_seq_one_letter_code
;MSLKKKIAVVTGATGGMGIEIVKDLSRDHIVYALGRNPEHLAALAEIEGVEPIESDIVKEVLEEGGVDKLKNLDHVDTLV
HAAAVARDTTIEAGSVAEWHAHLDLNVIVPAELSRQLLPALRAASGCVIYINSGAGNGPHPGNTIYAASKHALRGLADAF
RKEEANNGIRVSTVSPGPTNTPMLQGLMDSQGTNFRPEIYIEPKEIANAIRFVIDAGETTQITNVDVRPRIELADRKEGH
HHHHH
;
_entity_poly.pdbx_strand_id   A,B,C,D,E,F,G,H
#
# COMPACT_ATOMS: atom_id res chain seq x y z
N LYS A 6 30.19 -42.25 -17.42
CA LYS A 6 28.70 -42.48 -17.48
C LYS A 6 28.11 -42.01 -18.77
N ILE A 7 26.98 -42.59 -19.15
CA ILE A 7 26.43 -42.28 -20.46
C ILE A 7 25.08 -41.57 -20.46
N ALA A 8 25.02 -40.47 -21.20
CA ALA A 8 23.87 -39.62 -21.27
C ALA A 8 23.36 -39.53 -22.70
N VAL A 9 22.04 -39.52 -22.86
CA VAL A 9 21.41 -39.22 -24.17
C VAL A 9 20.43 -38.05 -23.99
N VAL A 10 20.54 -37.04 -24.84
CA VAL A 10 19.75 -35.83 -24.71
C VAL A 10 19.18 -35.48 -26.07
N THR A 11 17.84 -35.47 -26.17
CA THR A 11 17.12 -35.00 -27.36
C THR A 11 16.85 -33.51 -27.29
N GLY A 12 16.57 -32.90 -28.44
CA GLY A 12 16.38 -31.46 -28.50
C GLY A 12 17.66 -30.77 -28.11
N ALA A 13 18.79 -31.41 -28.40
CA ALA A 13 20.08 -30.94 -27.91
C ALA A 13 20.52 -29.59 -28.46
N THR A 14 19.90 -29.13 -29.56
CA THR A 14 20.25 -27.85 -30.15
C THR A 14 19.30 -26.69 -29.80
N GLY A 15 18.18 -27.02 -29.11
CA GLY A 15 17.31 -26.00 -28.53
C GLY A 15 18.05 -25.32 -27.38
N GLY A 16 17.50 -24.22 -26.86
CA GLY A 16 18.12 -23.47 -25.74
C GLY A 16 18.40 -24.30 -24.49
N MET A 17 17.39 -25.03 -24.02
CA MET A 17 17.52 -25.96 -22.87
C MET A 17 18.55 -27.08 -23.12
N GLY A 18 18.41 -27.80 -24.24
CA GLY A 18 19.31 -28.91 -24.51
C GLY A 18 20.78 -28.50 -24.53
N ILE A 19 21.09 -27.38 -25.16
CA ILE A 19 22.46 -26.90 -25.11
C ILE A 19 22.99 -26.79 -23.69
N GLU A 20 22.23 -26.11 -22.81
CA GLU A 20 22.67 -26.00 -21.42
C GLU A 20 22.73 -27.39 -20.74
N ILE A 21 21.79 -28.28 -21.06
CA ILE A 21 21.79 -29.62 -20.47
C ILE A 21 23.02 -30.42 -20.95
N VAL A 22 23.35 -30.31 -22.23
CA VAL A 22 24.54 -31.01 -22.73
C VAL A 22 25.81 -30.50 -22.06
N LYS A 23 25.94 -29.18 -21.93
CA LYS A 23 27.16 -28.64 -21.28
C LYS A 23 27.23 -29.14 -19.84
N ASP A 24 26.10 -29.24 -19.14
CA ASP A 24 26.16 -29.64 -17.72
C ASP A 24 26.57 -31.10 -17.56
N LEU A 25 25.90 -31.98 -18.30
CA LEU A 25 26.13 -33.42 -18.20
C LEU A 25 27.49 -33.87 -18.70
N SER A 26 28.10 -33.05 -19.55
CA SER A 26 29.39 -33.36 -20.16
C SER A 26 30.47 -33.29 -19.10
N ARG A 27 30.16 -32.73 -17.93
CA ARG A 27 31.11 -32.76 -16.83
C ARG A 27 31.42 -34.21 -16.45
N ASP A 28 30.44 -35.09 -16.46
CA ASP A 28 30.69 -36.41 -15.90
C ASP A 28 30.06 -37.51 -16.74
N HIS A 29 29.61 -37.21 -17.96
CA HIS A 29 29.05 -38.21 -18.87
C HIS A 29 29.68 -37.92 -20.25
N ILE A 30 29.88 -38.96 -21.05
CA ILE A 30 29.92 -38.88 -22.50
C ILE A 30 28.47 -38.65 -22.94
N VAL A 31 28.21 -37.57 -23.65
CA VAL A 31 26.83 -37.19 -23.98
C VAL A 31 26.50 -37.39 -25.45
N TYR A 32 25.52 -38.25 -25.75
CA TYR A 32 24.94 -38.29 -27.09
C TYR A 32 23.87 -37.25 -27.25
N ALA A 33 24.19 -36.22 -28.00
CA ALA A 33 23.36 -35.07 -28.16
C ALA A 33 22.63 -35.05 -29.52
N LEU A 34 21.37 -35.48 -29.52
CA LEU A 34 20.54 -35.50 -30.72
C LEU A 34 19.85 -34.17 -31.01
N GLY A 35 20.07 -33.66 -32.20
CA GLY A 35 19.60 -32.31 -32.51
C GLY A 35 19.41 -32.05 -33.99
N ARG A 36 18.81 -30.90 -34.29
CA ARG A 36 18.39 -30.50 -35.64
C ARG A 36 19.31 -29.42 -36.24
N ASN A 37 19.77 -28.49 -35.38
CA ASN A 37 20.64 -27.39 -35.85
C ASN A 37 22.14 -27.73 -36.02
N PRO A 38 22.61 -27.67 -37.27
CA PRO A 38 23.94 -28.18 -37.65
C PRO A 38 25.08 -27.32 -37.11
N GLU A 39 24.84 -26.02 -36.96
CA GLU A 39 25.85 -25.14 -36.38
C GLU A 39 25.95 -25.35 -34.85
N HIS A 40 24.82 -25.66 -34.20
CA HIS A 40 24.87 -25.81 -32.74
C HIS A 40 25.54 -27.12 -32.44
N LEU A 41 25.28 -28.09 -33.35
CA LEU A 41 25.80 -29.44 -33.24
C LEU A 41 27.31 -29.41 -33.36
N ALA A 42 27.80 -28.66 -34.36
CA ALA A 42 29.23 -28.44 -34.52
C ALA A 42 29.72 -27.76 -33.27
N ALA A 43 29.05 -26.68 -32.88
CA ALA A 43 29.44 -26.00 -31.65
C ALA A 43 29.50 -26.99 -30.46
N LEU A 44 28.49 -27.85 -30.35
CA LEU A 44 28.44 -28.86 -29.29
C LEU A 44 29.61 -29.85 -29.32
N ALA A 45 29.98 -30.33 -30.51
CA ALA A 45 31.11 -31.25 -30.62
C ALA A 45 32.46 -30.61 -30.23
N GLU A 46 32.50 -29.30 -30.04
CA GLU A 46 33.71 -28.70 -29.50
C GLU A 46 33.87 -29.05 -28.01
N ILE A 47 32.81 -29.60 -27.40
CA ILE A 47 32.88 -29.97 -25.98
C ILE A 47 33.40 -31.37 -25.89
N GLU A 48 34.34 -31.61 -24.98
CA GLU A 48 35.01 -32.91 -24.95
C GLU A 48 34.04 -33.95 -24.41
N GLY A 49 33.90 -35.04 -25.16
CA GLY A 49 33.05 -36.16 -24.77
C GLY A 49 31.63 -35.93 -25.23
N VAL A 50 31.44 -34.95 -26.10
CA VAL A 50 30.12 -34.78 -26.66
C VAL A 50 30.05 -35.43 -28.03
N GLU A 51 29.14 -36.40 -28.21
CA GLU A 51 28.91 -37.03 -29.48
C GLU A 51 27.63 -36.54 -30.16
N PRO A 52 27.77 -35.60 -31.10
CA PRO A 52 26.63 -35.02 -31.82
C PRO A 52 25.97 -35.99 -32.79
N ILE A 53 24.65 -36.01 -32.78
CA ILE A 53 23.91 -36.82 -33.68
C ILE A 53 22.87 -35.95 -34.36
N GLU A 54 23.07 -35.66 -35.64
CA GLU A 54 22.06 -34.95 -36.40
C GLU A 54 20.98 -35.97 -36.71
N SER A 55 19.74 -35.58 -36.46
CA SER A 55 18.68 -36.54 -36.41
C SER A 55 17.38 -35.83 -36.59
N ASP A 56 16.51 -36.47 -37.34
CA ASP A 56 15.12 -36.08 -37.53
C ASP A 56 14.47 -37.12 -36.61
N ILE A 57 14.12 -36.70 -35.40
CA ILE A 57 13.91 -37.66 -34.34
C ILE A 57 12.59 -38.45 -34.48
N VAL A 58 11.53 -37.77 -34.88
CA VAL A 58 10.25 -38.45 -35.05
C VAL A 58 10.42 -39.55 -36.11
N LYS A 59 11.01 -39.18 -37.25
CA LYS A 59 11.23 -40.12 -38.32
C LYS A 59 12.08 -41.31 -37.82
N GLU A 60 13.24 -41.01 -37.25
CA GLU A 60 14.09 -42.09 -36.75
C GLU A 60 13.47 -42.93 -35.61
N VAL A 61 12.96 -42.29 -34.56
CA VAL A 61 12.38 -43.09 -33.47
C VAL A 61 11.09 -43.85 -33.84
N LEU A 62 10.18 -43.17 -34.52
CA LEU A 62 8.85 -43.73 -34.83
C LEU A 62 8.78 -44.50 -36.15
N GLU A 63 9.42 -44.00 -37.19
CA GLU A 63 9.26 -44.68 -38.48
C GLU A 63 10.33 -45.75 -38.70
N GLU A 64 11.59 -45.44 -38.41
CA GLU A 64 12.71 -46.37 -38.61
C GLU A 64 13.11 -47.33 -37.46
N GLY A 65 12.38 -47.37 -36.37
CA GLY A 65 12.73 -48.35 -35.32
C GLY A 65 13.96 -48.05 -34.45
N GLY A 66 14.58 -46.88 -34.56
CA GLY A 66 15.60 -46.44 -33.58
C GLY A 66 16.68 -45.58 -34.18
N VAL A 67 17.40 -44.83 -33.37
CA VAL A 67 18.51 -44.04 -33.88
C VAL A 67 19.81 -44.89 -33.94
N ASP A 68 20.25 -45.29 -35.13
CA ASP A 68 21.40 -46.23 -35.28
C ASP A 68 22.57 -45.96 -34.34
N LYS A 69 22.98 -44.69 -34.23
CA LYS A 69 24.09 -44.33 -33.38
C LYS A 69 23.84 -44.50 -31.86
N LEU A 70 22.63 -44.87 -31.48
CA LEU A 70 22.35 -45.11 -30.06
C LEU A 70 22.19 -46.58 -29.87
N LYS A 71 22.19 -47.31 -30.98
CA LYS A 71 21.90 -48.74 -30.88
C LYS A 71 22.97 -49.59 -30.17
N ASN A 72 24.22 -49.13 -30.19
CA ASN A 72 25.28 -49.88 -29.59
C ASN A 72 25.41 -49.63 -28.10
N LEU A 73 24.65 -48.71 -27.50
CA LEU A 73 24.78 -48.42 -26.04
C LEU A 73 24.18 -49.50 -25.21
N ASP A 74 24.94 -50.08 -24.31
CA ASP A 74 24.38 -51.18 -23.52
C ASP A 74 24.12 -50.75 -22.07
N HIS A 75 24.60 -49.58 -21.69
CA HIS A 75 24.20 -48.93 -20.42
C HIS A 75 23.87 -47.45 -20.70
N VAL A 76 22.68 -46.98 -20.39
CA VAL A 76 22.44 -45.54 -20.43
C VAL A 76 22.11 -45.03 -19.01
N ASP A 77 22.89 -44.06 -18.52
CA ASP A 77 22.74 -43.56 -17.14
C ASP A 77 21.67 -42.46 -17.05
N THR A 78 21.64 -41.59 -18.05
CA THR A 78 20.78 -40.43 -18.07
C THR A 78 20.21 -40.27 -19.50
N LEU A 79 18.89 -40.21 -19.57
CA LEU A 79 18.17 -39.93 -20.79
C LEU A 79 17.24 -38.73 -20.51
N VAL A 80 17.44 -37.65 -21.25
CA VAL A 80 16.67 -36.43 -21.06
C VAL A 80 15.94 -36.08 -22.37
N HIS A 81 14.63 -35.99 -22.31
CA HIS A 81 13.80 -35.77 -23.46
C HIS A 81 13.50 -34.27 -23.49
N ALA A 82 14.33 -33.50 -24.19
CA ALA A 82 14.09 -32.07 -24.43
C ALA A 82 13.64 -31.75 -25.89
N ALA A 83 13.42 -32.71 -26.76
CA ALA A 83 12.78 -32.34 -28.03
C ALA A 83 11.34 -31.86 -27.73
N GLY A 94 -3.17 -27.40 -41.20
CA GLY A 94 -4.40 -27.69 -40.44
C GLY A 94 -4.20 -28.25 -39.02
N SER A 95 -5.27 -28.30 -38.23
CA SER A 95 -5.25 -28.85 -36.89
C SER A 95 -4.86 -30.30 -36.81
N VAL A 96 -5.28 -31.12 -37.76
CA VAL A 96 -5.00 -32.52 -37.64
C VAL A 96 -3.49 -32.73 -37.70
N ALA A 97 -2.88 -32.09 -38.68
CA ALA A 97 -1.45 -32.20 -38.84
C ALA A 97 -0.73 -31.66 -37.59
N GLU A 98 -1.24 -30.57 -37.05
CA GLU A 98 -0.77 -30.05 -35.77
C GLU A 98 -0.87 -31.06 -34.58
N TRP A 99 -2.05 -31.68 -34.35
CA TRP A 99 -2.15 -32.79 -33.41
C TRP A 99 -1.08 -33.88 -33.57
N HIS A 100 -0.90 -34.34 -34.80
CA HIS A 100 0.06 -35.41 -35.05
C HIS A 100 1.48 -34.93 -34.74
N ALA A 101 1.81 -33.73 -35.19
CA ALA A 101 3.15 -33.20 -34.94
C ALA A 101 3.46 -33.12 -33.42
N HIS A 102 2.58 -32.47 -32.67
CA HIS A 102 2.76 -32.38 -31.24
C HIS A 102 2.79 -33.70 -30.49
N LEU A 103 1.78 -34.55 -30.69
CA LEU A 103 1.72 -35.82 -29.96
C LEU A 103 2.87 -36.68 -30.35
N ASP A 104 3.24 -36.69 -31.63
CA ASP A 104 4.37 -37.53 -32.07
C ASP A 104 5.61 -37.12 -31.28
N LEU A 105 5.91 -35.83 -31.35
CA LEU A 105 7.15 -35.37 -30.80
C LEU A 105 7.16 -35.29 -29.27
N ASN A 106 6.05 -34.85 -28.63
CA ASN A 106 6.03 -34.63 -27.16
C ASN A 106 5.68 -35.89 -26.31
N VAL A 107 5.07 -36.89 -26.94
CA VAL A 107 4.54 -38.01 -26.18
C VAL A 107 5.03 -39.33 -26.77
N ILE A 108 4.83 -39.55 -28.08
CA ILE A 108 5.15 -40.88 -28.61
C ILE A 108 6.67 -41.17 -28.69
N VAL A 109 7.44 -40.18 -29.13
CA VAL A 109 8.86 -40.31 -29.21
C VAL A 109 9.44 -40.56 -27.78
N PRO A 110 9.13 -39.72 -26.76
CA PRO A 110 9.67 -40.10 -25.41
C PRO A 110 9.30 -41.50 -24.98
N ALA A 111 8.05 -41.91 -25.16
CA ALA A 111 7.68 -43.26 -24.82
C ALA A 111 8.47 -44.30 -25.64
N GLU A 112 8.60 -44.12 -26.94
CA GLU A 112 9.16 -45.20 -27.76
C GLU A 112 10.70 -45.19 -27.75
N LEU A 113 11.32 -44.01 -27.73
CA LEU A 113 12.74 -43.90 -27.45
C LEU A 113 13.12 -44.49 -26.10
N SER A 114 12.30 -44.31 -25.09
CA SER A 114 12.63 -44.89 -23.80
C SER A 114 12.46 -46.40 -23.91
N ARG A 115 11.51 -46.87 -24.69
CA ARG A 115 11.31 -48.30 -24.79
C ARG A 115 12.54 -48.92 -25.50
N GLN A 116 13.02 -48.24 -26.54
CA GLN A 116 14.09 -48.81 -27.35
C GLN A 116 15.35 -48.85 -26.50
N LEU A 117 15.53 -47.88 -25.59
CA LEU A 117 16.73 -47.80 -24.71
C LEU A 117 16.48 -48.50 -23.39
N LEU A 118 15.29 -49.03 -23.21
CA LEU A 118 14.98 -49.73 -21.97
C LEU A 118 16.05 -50.71 -21.43
N PRO A 119 16.60 -51.59 -22.29
CA PRO A 119 17.53 -52.61 -21.75
C PRO A 119 18.76 -51.98 -21.15
N ALA A 120 19.25 -50.97 -21.84
CA ALA A 120 20.40 -50.22 -21.39
C ALA A 120 20.08 -49.36 -20.13
N LEU A 121 18.83 -48.92 -19.99
CA LEU A 121 18.45 -48.06 -18.88
C LEU A 121 18.41 -48.94 -17.61
N ARG A 122 17.87 -50.15 -17.75
CA ARG A 122 17.78 -51.11 -16.67
C ARG A 122 19.15 -51.54 -16.27
N ALA A 123 19.98 -51.84 -17.27
CA ALA A 123 21.35 -52.26 -17.03
C ALA A 123 22.13 -51.25 -16.22
N ALA A 124 21.91 -49.95 -16.45
CA ALA A 124 22.64 -48.91 -15.73
C ALA A 124 21.89 -48.39 -14.52
N SER A 125 20.69 -48.92 -14.27
CA SER A 125 19.74 -48.26 -13.37
C SER A 125 19.59 -46.73 -13.63
N GLY A 126 19.37 -46.34 -14.87
CA GLY A 126 19.45 -44.93 -15.26
C GLY A 126 18.28 -44.06 -14.84
N CYS A 127 18.41 -42.79 -15.16
CA CYS A 127 17.37 -41.80 -14.88
CA CYS A 127 17.37 -41.83 -14.86
C CYS A 127 16.80 -41.31 -16.19
N VAL A 128 15.47 -41.29 -16.29
CA VAL A 128 14.77 -40.77 -17.45
C VAL A 128 14.07 -39.48 -17.01
N ILE A 129 14.39 -38.37 -17.66
CA ILE A 129 13.81 -37.13 -17.29
C ILE A 129 13.02 -36.57 -18.45
N TYR A 130 11.75 -36.24 -18.22
CA TYR A 130 10.90 -35.59 -19.24
C TYR A 130 10.81 -34.10 -18.96
N ILE A 131 10.94 -33.26 -20.00
CA ILE A 131 10.72 -31.85 -19.86
C ILE A 131 9.35 -31.60 -20.39
N ASN A 132 8.43 -31.23 -19.49
CA ASN A 132 7.00 -31.05 -19.82
C ASN A 132 6.56 -29.57 -19.97
N ASN A 143 -4.04 -23.14 -25.82
CA ASN A 143 -4.57 -24.05 -26.83
C ASN A 143 -4.94 -25.47 -26.31
N THR A 144 -5.72 -26.15 -27.12
CA THR A 144 -6.28 -27.44 -26.81
C THR A 144 -5.22 -28.53 -27.01
N ILE A 145 -4.38 -28.36 -28.01
CA ILE A 145 -3.39 -29.36 -28.33
C ILE A 145 -2.24 -29.35 -27.33
N TYR A 146 -1.91 -28.17 -26.83
CA TYR A 146 -0.81 -28.08 -25.92
C TYR A 146 -1.17 -28.65 -24.58
N ALA A 147 -2.37 -28.32 -24.10
CA ALA A 147 -2.89 -28.90 -22.86
C ALA A 147 -2.92 -30.41 -22.93
N ALA A 148 -3.33 -30.95 -24.08
CA ALA A 148 -3.52 -32.38 -24.15
C ALA A 148 -2.21 -33.14 -24.11
N SER A 149 -1.24 -32.64 -24.87
CA SER A 149 0.04 -33.30 -24.92
C SER A 149 0.80 -33.15 -23.63
N LYS A 150 0.69 -32.02 -22.95
CA LYS A 150 1.43 -31.94 -21.69
C LYS A 150 0.76 -32.78 -20.61
N HIS A 151 -0.58 -32.90 -20.65
CA HIS A 151 -1.26 -33.80 -19.74
C HIS A 151 -0.96 -35.24 -20.12
N ALA A 152 -0.87 -35.50 -21.43
CA ALA A 152 -0.47 -36.82 -21.90
C ALA A 152 0.94 -37.27 -21.40
N LEU A 153 1.91 -36.37 -21.55
CA LEU A 153 3.29 -36.65 -21.27
C LEU A 153 3.38 -36.98 -19.78
N ARG A 154 2.59 -36.28 -19.00
CA ARG A 154 2.59 -36.46 -17.58
C ARG A 154 2.05 -37.81 -17.14
N GLY A 155 0.95 -38.28 -17.74
CA GLY A 155 0.46 -39.66 -17.45
C GLY A 155 1.41 -40.77 -17.91
N LEU A 156 2.07 -40.54 -19.02
CA LEU A 156 3.14 -41.42 -19.52
C LEU A 156 4.24 -41.52 -18.44
N ALA A 157 4.77 -40.38 -18.00
CA ALA A 157 5.86 -40.39 -17.05
C ALA A 157 5.54 -41.19 -15.79
N ASP A 158 4.39 -40.90 -15.17
CA ASP A 158 3.94 -41.58 -13.95
C ASP A 158 3.73 -43.07 -14.10
N ALA A 159 3.21 -43.53 -15.23
CA ALA A 159 2.91 -44.99 -15.37
C ALA A 159 4.20 -45.76 -15.68
N PHE A 160 5.07 -45.09 -16.41
CA PHE A 160 6.40 -45.59 -16.73
C PHE A 160 7.21 -45.77 -15.44
N ARG A 161 7.24 -44.71 -14.63
CA ARG A 161 7.86 -44.77 -13.31
C ARG A 161 7.41 -45.99 -12.53
N LYS A 162 6.11 -46.25 -12.48
CA LYS A 162 5.58 -47.39 -11.71
C LYS A 162 5.97 -48.70 -12.36
N GLU A 163 5.93 -48.76 -13.69
CA GLU A 163 6.40 -49.93 -14.39
C GLU A 163 7.88 -50.25 -14.10
N GLU A 164 8.73 -49.22 -13.93
CA GLU A 164 10.17 -49.51 -13.92
C GLU A 164 10.91 -49.32 -12.59
N ALA A 165 10.22 -48.87 -11.53
CA ALA A 165 10.91 -48.61 -10.24
C ALA A 165 11.72 -49.81 -9.74
N ASN A 166 11.10 -51.00 -9.76
CA ASN A 166 11.80 -52.25 -9.39
C ASN A 166 13.04 -52.59 -10.19
N ASN A 167 13.15 -52.04 -11.39
CA ASN A 167 14.32 -52.33 -12.17
C ASN A 167 15.44 -51.36 -11.97
N GLY A 168 15.25 -50.40 -11.05
CA GLY A 168 16.35 -49.51 -10.74
C GLY A 168 16.26 -48.24 -11.52
N ILE A 169 15.24 -48.10 -12.37
CA ILE A 169 15.08 -46.89 -13.15
C ILE A 169 14.36 -45.77 -12.40
N ARG A 170 14.92 -44.57 -12.47
CA ARG A 170 14.28 -43.43 -11.90
C ARG A 170 13.68 -42.59 -13.01
N VAL A 171 12.49 -42.05 -12.72
CA VAL A 171 11.76 -41.32 -13.71
C VAL A 171 11.37 -39.98 -13.10
N SER A 172 11.60 -38.91 -13.86
CA SER A 172 11.38 -37.60 -13.36
C SER A 172 10.83 -36.64 -14.41
N THR A 173 10.00 -35.70 -13.95
CA THR A 173 9.46 -34.69 -14.82
C THR A 173 9.85 -33.34 -14.34
N VAL A 174 10.45 -32.56 -15.20
CA VAL A 174 10.75 -31.23 -14.86
C VAL A 174 9.69 -30.44 -15.60
N SER A 175 8.88 -29.65 -14.89
CA SER A 175 7.73 -28.98 -15.55
C SER A 175 7.82 -27.46 -15.55
N PRO A 176 8.33 -26.90 -16.64
CA PRO A 176 8.27 -25.43 -16.77
C PRO A 176 6.84 -24.91 -17.07
N GLY A 177 6.59 -23.65 -16.78
CA GLY A 177 5.28 -23.12 -17.12
C GLY A 177 5.20 -21.66 -16.73
N PRO A 178 4.08 -21.03 -17.03
CA PRO A 178 3.94 -19.59 -16.77
C PRO A 178 3.67 -19.27 -15.29
N THR A 179 4.00 -18.06 -14.89
CA THR A 179 3.72 -17.62 -13.53
C THR A 179 2.40 -16.88 -13.51
N ARG A 196 6.17 -13.73 -16.52
CA ARG A 196 4.91 -14.45 -16.75
C ARG A 196 4.98 -15.66 -17.68
N PRO A 197 5.23 -15.47 -18.98
CA PRO A 197 5.22 -16.69 -19.82
C PRO A 197 6.49 -17.49 -19.63
N GLU A 198 6.47 -18.79 -19.92
CA GLU A 198 7.60 -19.66 -19.56
C GLU A 198 8.93 -19.41 -20.31
N ILE A 199 8.86 -18.85 -21.52
CA ILE A 199 10.05 -18.50 -22.28
C ILE A 199 11.01 -17.62 -21.48
N TYR A 200 10.51 -16.91 -20.47
CA TYR A 200 11.40 -16.10 -19.64
C TYR A 200 12.18 -16.91 -18.58
N ILE A 201 12.00 -18.21 -18.52
CA ILE A 201 12.88 -19.05 -17.68
C ILE A 201 14.28 -19.19 -18.33
N GLU A 202 15.35 -18.82 -17.61
CA GLU A 202 16.71 -19.08 -18.12
C GLU A 202 16.86 -20.58 -18.31
N PRO A 203 17.29 -20.97 -19.52
CA PRO A 203 17.51 -22.37 -19.81
C PRO A 203 18.53 -23.04 -18.93
N LYS A 204 19.49 -22.31 -18.40
CA LYS A 204 20.40 -22.96 -17.47
C LYS A 204 19.72 -23.51 -16.19
N GLU A 205 18.59 -22.93 -15.79
CA GLU A 205 17.86 -23.37 -14.60
C GLU A 205 17.24 -24.75 -14.80
N ILE A 206 16.86 -25.03 -16.04
CA ILE A 206 16.41 -26.37 -16.42
C ILE A 206 17.55 -27.41 -16.35
N ALA A 207 18.71 -27.03 -16.90
CA ALA A 207 19.94 -27.85 -16.73
C ALA A 207 20.23 -28.10 -15.22
N ASN A 208 20.23 -27.06 -14.37
CA ASN A 208 20.34 -27.27 -12.91
C ASN A 208 19.27 -28.21 -12.36
N ALA A 209 18.04 -28.11 -12.85
CA ALA A 209 17.00 -28.99 -12.35
C ALA A 209 17.35 -30.42 -12.66
N ILE A 210 17.87 -30.63 -13.88
CA ILE A 210 18.27 -31.97 -14.29
C ILE A 210 19.42 -32.48 -13.46
N ARG A 211 20.38 -31.61 -13.21
CA ARG A 211 21.52 -31.96 -12.36
C ARG A 211 21.06 -32.31 -10.94
N PHE A 212 20.16 -31.51 -10.38
CA PHE A 212 19.63 -31.84 -9.07
C PHE A 212 18.96 -33.22 -9.07
N VAL A 213 18.31 -33.59 -10.18
CA VAL A 213 17.51 -34.82 -10.14
C VAL A 213 18.40 -36.06 -10.14
N ILE A 214 19.42 -36.03 -11.00
CA ILE A 214 20.25 -37.22 -11.20
C ILE A 214 21.26 -37.38 -10.06
N ASP A 215 21.60 -36.26 -9.42
CA ASP A 215 22.51 -36.27 -8.29
C ASP A 215 21.86 -36.73 -7.01
N ALA A 216 20.54 -36.88 -6.97
CA ALA A 216 19.89 -37.30 -5.69
C ALA A 216 20.34 -38.65 -5.21
N GLY A 217 20.40 -38.82 -3.90
CA GLY A 217 20.94 -40.06 -3.34
C GLY A 217 20.06 -41.25 -3.68
N GLU A 218 20.54 -42.44 -3.35
CA GLU A 218 20.02 -43.70 -3.87
C GLU A 218 18.71 -44.10 -3.25
N THR A 219 18.43 -43.64 -2.03
CA THR A 219 17.16 -43.97 -1.40
C THR A 219 16.06 -43.03 -1.87
N THR A 220 16.36 -42.19 -2.85
CA THR A 220 15.43 -41.13 -3.26
C THR A 220 15.15 -41.10 -4.77
N GLN A 221 13.99 -40.57 -5.11
CA GLN A 221 13.57 -40.19 -6.46
C GLN A 221 13.02 -38.76 -6.35
N ILE A 222 13.59 -37.83 -7.11
CA ILE A 222 12.97 -36.52 -7.26
C ILE A 222 12.12 -36.74 -8.47
N THR A 223 10.83 -37.01 -8.24
CA THR A 223 9.94 -37.31 -9.35
C THR A 223 9.42 -36.09 -10.12
N ASN A 224 9.26 -34.95 -9.45
CA ASN A 224 8.78 -33.80 -10.18
C ASN A 224 9.36 -32.50 -9.65
N VAL A 225 9.62 -31.57 -10.56
CA VAL A 225 10.17 -30.25 -10.19
C VAL A 225 9.35 -29.24 -10.96
N ASP A 226 8.59 -28.39 -10.29
CA ASP A 226 7.78 -27.39 -10.98
C ASP A 226 8.57 -26.06 -11.05
N VAL A 227 8.76 -25.55 -12.26
CA VAL A 227 9.65 -24.42 -12.53
C VAL A 227 8.83 -23.27 -13.14
N ARG A 228 9.07 -22.03 -12.70
CA ARG A 228 8.28 -20.89 -13.15
C ARG A 228 9.17 -19.67 -13.21
N PRO A 229 8.82 -18.67 -14.04
CA PRO A 229 9.54 -17.40 -14.01
C PRO A 229 9.37 -16.64 -12.69
N ARG A 230 10.35 -15.80 -12.38
CA ARG A 230 10.22 -14.75 -11.39
C ARG A 230 9.84 -13.45 -12.10
N LYS B 6 22.40 -12.81 4.29
CA LYS B 6 21.01 -13.38 4.31
C LYS B 6 20.55 -13.86 5.70
N ILE B 7 19.26 -13.83 5.93
CA ILE B 7 18.72 -14.22 7.21
C ILE B 7 17.71 -15.30 6.97
N ALA B 8 17.78 -16.37 7.75
CA ALA B 8 16.89 -17.50 7.53
C ALA B 8 16.23 -17.77 8.83
N VAL B 9 15.00 -18.22 8.74
CA VAL B 9 14.27 -18.64 9.91
C VAL B 9 13.81 -20.04 9.63
N VAL B 10 14.20 -20.97 10.49
CA VAL B 10 13.81 -22.35 10.33
C VAL B 10 13.10 -22.88 11.58
N THR B 11 11.92 -23.41 11.40
CA THR B 11 11.25 -24.07 12.51
C THR B 11 11.52 -25.57 12.46
N GLY B 12 11.13 -26.32 13.50
CA GLY B 12 11.53 -27.73 13.61
C GLY B 12 13.04 -27.96 13.45
N ALA B 13 13.85 -26.98 13.89
CA ALA B 13 15.32 -27.00 13.79
C ALA B 13 16.07 -28.15 14.50
N THR B 14 15.44 -28.87 15.46
CA THR B 14 16.14 -29.94 16.16
C THR B 14 15.62 -31.30 15.67
N GLY B 15 14.70 -31.30 14.72
CA GLY B 15 14.33 -32.58 14.10
C GLY B 15 15.48 -32.91 13.15
N GLY B 16 15.45 -34.14 12.62
CA GLY B 16 16.47 -34.63 11.69
C GLY B 16 16.60 -33.77 10.46
N MET B 17 15.44 -33.41 9.91
CA MET B 17 15.35 -32.51 8.76
C MET B 17 15.93 -31.16 9.12
N GLY B 18 15.40 -30.59 10.21
CA GLY B 18 15.77 -29.27 10.69
C GLY B 18 17.26 -29.11 10.89
N ILE B 19 17.89 -30.14 11.48
CA ILE B 19 19.33 -30.11 11.72
C ILE B 19 20.05 -30.00 10.39
N GLU B 20 19.68 -30.83 9.42
CA GLU B 20 20.39 -30.76 8.12
C GLU B 20 20.05 -29.47 7.39
N ILE B 21 18.86 -28.94 7.55
CA ILE B 21 18.53 -27.66 6.92
C ILE B 21 19.37 -26.53 7.53
N VAL B 22 19.47 -26.48 8.85
CA VAL B 22 20.35 -25.50 9.51
C VAL B 22 21.83 -25.60 9.10
N LYS B 23 22.34 -26.83 8.99
CA LYS B 23 23.73 -27.01 8.58
C LYS B 23 23.98 -26.50 7.17
N ASP B 24 23.00 -26.70 6.29
CA ASP B 24 23.17 -26.24 4.93
C ASP B 24 22.92 -24.73 4.75
N LEU B 25 21.78 -24.24 5.30
CA LEU B 25 21.49 -22.78 5.21
C LEU B 25 22.56 -21.90 5.89
N SER B 26 23.19 -22.40 6.96
CA SER B 26 24.24 -21.63 7.60
C SER B 26 25.46 -21.39 6.70
N ARG B 27 25.55 -22.05 5.56
CA ARG B 27 26.62 -21.67 4.65
C ARG B 27 26.55 -20.22 4.20
N ASP B 28 25.33 -19.67 4.04
CA ASP B 28 25.21 -18.30 3.48
C ASP B 28 24.18 -17.40 4.17
N HIS B 29 23.64 -17.87 5.28
CA HIS B 29 22.60 -17.17 5.97
C HIS B 29 23.02 -17.11 7.42
N ILE B 30 22.65 -16.06 8.13
CA ILE B 30 22.52 -16.18 9.55
C ILE B 30 21.21 -16.97 9.74
N VAL B 31 21.22 -18.01 10.58
CA VAL B 31 20.02 -18.87 10.73
C VAL B 31 19.40 -18.77 12.11
N TYR B 32 18.14 -18.36 12.16
CA TYR B 32 17.41 -18.38 13.42
C TYR B 32 16.80 -19.73 13.48
N ALA B 33 17.30 -20.57 14.34
CA ALA B 33 16.84 -21.92 14.40
C ALA B 33 15.87 -22.09 15.56
N LEU B 34 14.57 -22.22 15.28
CA LEU B 34 13.59 -22.51 16.34
C LEU B 34 13.38 -24.00 16.49
N GLY B 35 13.64 -24.52 17.67
CA GLY B 35 13.28 -25.91 17.94
C GLY B 35 12.95 -26.20 19.38
N ARG B 36 12.65 -27.48 19.62
CA ARG B 36 12.33 -28.00 20.96
C ARG B 36 13.57 -28.45 21.82
N ASN B 37 14.44 -29.30 21.24
CA ASN B 37 15.56 -29.95 21.97
C ASN B 37 16.77 -29.04 22.27
N PRO B 38 16.97 -28.74 23.55
CA PRO B 38 18.03 -27.81 24.04
C PRO B 38 19.46 -28.29 23.74
N GLU B 39 19.67 -29.59 23.72
CA GLU B 39 21.00 -30.10 23.46
C GLU B 39 21.35 -29.94 21.97
N HIS B 40 20.40 -30.26 21.09
CA HIS B 40 20.66 -30.04 19.67
C HIS B 40 20.79 -28.55 19.39
N LEU B 41 20.12 -27.76 20.23
CA LEU B 41 20.10 -26.30 20.06
C LEU B 41 21.48 -25.75 20.39
N ALA B 42 22.04 -26.30 21.46
CA ALA B 42 23.39 -26.00 21.89
C ALA B 42 24.38 -26.43 20.78
N ALA B 43 24.21 -27.65 20.29
CA ALA B 43 25.02 -28.14 19.21
C ALA B 43 24.93 -27.16 18.05
N LEU B 44 23.71 -26.80 17.65
CA LEU B 44 23.55 -25.96 16.45
C LEU B 44 24.18 -24.60 16.64
N ALA B 45 24.16 -24.12 17.88
CA ALA B 45 24.72 -22.81 18.21
C ALA B 45 26.23 -22.73 18.02
N GLU B 46 26.92 -23.87 17.97
CA GLU B 46 28.35 -23.86 17.66
C GLU B 46 28.57 -23.63 16.16
N ILE B 47 27.48 -23.60 15.38
CA ILE B 47 27.65 -23.25 13.96
C ILE B 47 27.71 -21.71 13.75
N GLU B 48 28.78 -21.22 13.15
CA GLU B 48 28.93 -19.78 13.01
C GLU B 48 27.66 -19.16 12.44
N GLY B 49 27.09 -18.19 13.17
CA GLY B 49 25.88 -17.50 12.72
C GLY B 49 24.57 -18.08 13.22
N VAL B 50 24.61 -19.23 13.90
CA VAL B 50 23.36 -19.87 14.25
C VAL B 50 22.81 -19.37 15.53
N GLU B 51 21.61 -18.82 15.42
CA GLU B 51 20.87 -18.30 16.56
C GLU B 51 19.78 -19.24 17.09
N PRO B 52 20.05 -19.98 18.19
CA PRO B 52 19.09 -20.93 18.69
C PRO B 52 17.96 -20.26 19.45
N ILE B 53 16.75 -20.69 19.21
CA ILE B 53 15.62 -20.17 19.93
C ILE B 53 14.85 -21.38 20.46
N GLU B 54 14.96 -21.67 21.76
CA GLU B 54 14.15 -22.75 22.30
C GLU B 54 12.72 -22.27 22.26
N SER B 55 11.80 -23.08 21.74
CA SER B 55 10.46 -22.56 21.55
C SER B 55 9.39 -23.63 21.55
N ASP B 56 8.29 -23.34 22.24
CA ASP B 56 7.05 -24.06 22.10
C ASP B 56 6.30 -23.28 21.03
N ILE B 57 6.37 -23.75 19.79
CA ILE B 57 5.97 -22.93 18.64
C ILE B 57 4.46 -22.61 18.53
N VAL B 58 3.60 -23.57 18.81
CA VAL B 58 2.19 -23.27 18.80
C VAL B 58 1.88 -22.07 19.75
N LYS B 59 2.40 -22.14 20.98
CA LYS B 59 1.98 -21.29 22.03
C LYS B 59 2.50 -19.91 21.68
N GLU B 60 3.78 -19.83 21.37
CA GLU B 60 4.36 -18.55 21.04
C GLU B 60 3.70 -17.88 19.83
N VAL B 61 3.42 -18.68 18.79
CA VAL B 61 2.98 -18.12 17.52
C VAL B 61 1.49 -17.85 17.56
N LEU B 62 0.72 -18.81 18.06
CA LEU B 62 -0.73 -18.66 18.07
C LEU B 62 -1.23 -17.73 19.22
N GLU B 63 -0.82 -17.99 20.47
CA GLU B 63 -1.35 -17.25 21.64
C GLU B 63 -0.55 -16.00 21.95
N GLU B 64 0.75 -16.14 22.15
CA GLU B 64 1.54 -14.94 22.45
C GLU B 64 1.74 -13.89 21.33
N GLY B 65 1.26 -14.21 20.12
CA GLY B 65 1.41 -13.32 18.95
C GLY B 65 2.83 -13.14 18.40
N GLY B 66 3.75 -14.02 18.77
CA GLY B 66 5.06 -13.94 18.12
C GLY B 66 6.24 -14.52 18.87
N VAL B 67 7.25 -14.89 18.11
CA VAL B 67 8.46 -15.39 18.71
C VAL B 67 9.39 -14.22 19.00
N ASP B 68 9.74 -14.11 20.28
CA ASP B 68 10.38 -12.93 20.79
C ASP B 68 11.65 -12.59 20.03
N LYS B 69 12.52 -13.58 19.82
CA LYS B 69 13.82 -13.29 19.23
C LYS B 69 13.75 -13.03 17.73
N LEU B 70 12.53 -13.10 17.17
CA LEU B 70 12.29 -12.83 15.76
C LEU B 70 11.68 -11.43 15.51
N LYS B 71 11.42 -10.67 16.58
CA LYS B 71 10.63 -9.43 16.43
C LYS B 71 11.36 -8.20 15.87
N ASN B 72 12.66 -8.07 16.11
CA ASN B 72 13.39 -6.92 15.54
C ASN B 72 14.07 -7.19 14.20
N LEU B 73 13.63 -8.22 13.46
CA LEU B 73 14.21 -8.51 12.14
C LEU B 73 13.47 -7.74 11.06
N ASP B 74 14.20 -6.93 10.29
CA ASP B 74 13.58 -6.25 9.16
C ASP B 74 13.82 -6.96 7.82
N HIS B 75 14.64 -8.01 7.82
CA HIS B 75 14.78 -8.81 6.62
C HIS B 75 14.67 -10.28 6.97
N VAL B 76 13.83 -11.00 6.26
CA VAL B 76 13.94 -12.44 6.26
C VAL B 76 13.98 -12.90 4.82
N ASP B 77 15.09 -13.50 4.39
CA ASP B 77 15.21 -13.94 3.01
C ASP B 77 14.64 -15.32 2.75
N THR B 78 14.65 -16.17 3.77
CA THR B 78 14.21 -17.54 3.63
C THR B 78 13.50 -17.96 4.92
N LEU B 79 12.25 -18.37 4.85
CA LEU B 79 11.60 -18.94 6.00
C LEU B 79 11.20 -20.37 5.64
N VAL B 80 11.65 -21.34 6.42
CA VAL B 80 11.37 -22.74 6.15
C VAL B 80 10.55 -23.33 7.29
N HIS B 81 9.35 -23.83 7.00
CA HIS B 81 8.48 -24.39 8.00
C HIS B 81 8.72 -25.89 8.02
N ALA B 82 9.45 -26.38 9.01
CA ALA B 82 9.82 -27.80 9.02
C ALA B 82 9.38 -28.40 10.35
N ALA B 83 8.81 -27.56 11.20
CA ALA B 83 8.20 -28.04 12.43
C ALA B 83 7.10 -29.04 12.12
N SER B 95 -8.64 -38.04 19.78
CA SER B 95 -8.56 -37.86 18.34
C SER B 95 -8.92 -36.41 17.95
N VAL B 96 -9.89 -35.81 18.64
CA VAL B 96 -10.21 -34.42 18.43
C VAL B 96 -9.01 -33.56 18.85
N ALA B 97 -8.33 -34.05 19.88
CA ALA B 97 -7.17 -33.37 20.40
C ALA B 97 -6.03 -33.57 19.40
N GLU B 98 -5.93 -34.78 18.84
CA GLU B 98 -4.98 -35.01 17.77
C GLU B 98 -5.18 -34.10 16.52
N TRP B 99 -6.42 -34.00 16.06
CA TRP B 99 -6.76 -33.06 15.02
C TRP B 99 -6.30 -31.66 15.42
N HIS B 100 -6.50 -31.29 16.68
CA HIS B 100 -6.12 -29.93 17.04
C HIS B 100 -4.61 -29.77 17.03
N ALA B 101 -3.90 -30.84 17.41
CA ALA B 101 -2.46 -30.78 17.49
C ALA B 101 -1.89 -30.70 16.09
N HIS B 102 -2.30 -31.62 15.22
CA HIS B 102 -1.81 -31.61 13.85
C HIS B 102 -2.14 -30.32 13.11
N LEU B 103 -3.42 -29.94 13.09
CA LEU B 103 -3.80 -28.77 12.35
C LEU B 103 -3.18 -27.49 12.91
N ASP B 104 -3.04 -27.41 14.22
CA ASP B 104 -2.46 -26.22 14.83
C ASP B 104 -1.00 -26.03 14.39
N LEU B 105 -0.27 -27.13 14.46
CA LEU B 105 1.15 -27.18 14.15
C LEU B 105 1.50 -27.30 12.62
N ASN B 106 0.74 -28.07 11.88
CA ASN B 106 0.97 -28.21 10.45
C ASN B 106 0.46 -27.09 9.55
N VAL B 107 -0.49 -26.27 10.03
CA VAL B 107 -1.17 -25.34 9.13
C VAL B 107 -1.26 -23.91 9.66
N ILE B 108 -1.74 -23.80 10.89
CA ILE B 108 -2.08 -22.49 11.37
C ILE B 108 -0.80 -21.82 11.75
N VAL B 109 0.08 -22.58 12.39
CA VAL B 109 1.37 -22.04 12.76
C VAL B 109 2.12 -21.53 11.51
N PRO B 110 2.21 -22.36 10.44
CA PRO B 110 2.86 -21.81 9.24
C PRO B 110 2.12 -20.59 8.68
N ALA B 111 0.80 -20.65 8.60
CA ALA B 111 0.04 -19.44 8.14
C ALA B 111 0.36 -18.21 8.98
N GLU B 112 0.28 -18.38 10.30
CA GLU B 112 0.36 -17.27 11.23
C GLU B 112 1.79 -16.80 11.37
N LEU B 113 2.73 -17.76 11.39
CA LEU B 113 4.12 -17.35 11.44
C LEU B 113 4.53 -16.62 10.15
N SER B 114 3.99 -17.03 9.01
CA SER B 114 4.30 -16.26 7.80
C SER B 114 3.74 -14.84 7.89
N ARG B 115 2.44 -14.71 8.17
CA ARG B 115 1.80 -13.41 8.42
C ARG B 115 2.67 -12.49 9.30
N GLN B 116 3.05 -12.97 10.48
CA GLN B 116 3.83 -12.16 11.39
C GLN B 116 5.19 -11.77 10.80
N LEU B 117 5.68 -12.51 9.80
CA LEU B 117 6.99 -12.15 9.25
C LEU B 117 6.87 -11.48 7.89
N LEU B 118 5.63 -11.16 7.54
CA LEU B 118 5.31 -10.62 6.24
C LEU B 118 6.12 -9.38 5.89
N PRO B 119 6.20 -8.41 6.83
CA PRO B 119 6.94 -7.17 6.52
C PRO B 119 8.42 -7.44 6.25
N ALA B 120 9.06 -8.25 7.10
CA ALA B 120 10.47 -8.58 6.88
C ALA B 120 10.68 -9.39 5.58
N LEU B 121 9.70 -10.21 5.20
CA LEU B 121 9.75 -10.99 3.95
C LEU B 121 9.58 -10.12 2.70
N ARG B 122 8.62 -9.20 2.72
CA ARG B 122 8.45 -8.26 1.60
C ARG B 122 9.68 -7.38 1.52
N ALA B 123 10.20 -6.95 2.65
CA ALA B 123 11.33 -6.04 2.57
C ALA B 123 12.51 -6.77 1.97
N ALA B 124 12.64 -8.06 2.28
CA ALA B 124 13.74 -8.83 1.68
C ALA B 124 13.38 -9.42 0.29
N SER B 125 12.15 -9.26 -0.15
CA SER B 125 11.60 -10.09 -1.25
C SER B 125 12.07 -11.54 -1.03
N GLY B 126 11.73 -12.12 0.13
CA GLY B 126 12.21 -13.44 0.49
C GLY B 126 11.33 -14.60 0.03
N CYS B 127 11.72 -15.79 0.51
CA CYS B 127 11.19 -17.08 0.08
CA CYS B 127 11.18 -17.06 0.05
C CYS B 127 10.62 -17.80 1.27
N VAL B 128 9.45 -18.40 1.09
CA VAL B 128 8.81 -19.17 2.12
C VAL B 128 8.68 -20.58 1.65
N ILE B 129 9.24 -21.51 2.42
CA ILE B 129 9.21 -22.91 2.04
C ILE B 129 8.47 -23.73 3.09
N TYR B 130 7.49 -24.49 2.62
CA TYR B 130 6.72 -25.36 3.46
C TYR B 130 7.13 -26.80 3.11
N ILE B 131 7.59 -27.57 4.10
CA ILE B 131 7.86 -28.96 3.97
C ILE B 131 6.57 -29.69 4.24
N ASN B 132 5.94 -30.26 3.23
CA ASN B 132 4.76 -31.07 3.46
C ASN B 132 5.09 -32.47 3.97
N ASN B 143 -4.23 -42.81 7.66
CA ASN B 143 -4.99 -41.94 8.56
C ASN B 143 -5.50 -40.64 7.95
N THR B 144 -6.52 -40.16 8.61
CA THR B 144 -7.45 -39.24 8.08
C THR B 144 -7.06 -37.82 8.48
N ILE B 145 -6.33 -37.70 9.58
CA ILE B 145 -5.83 -36.42 10.06
C ILE B 145 -4.65 -36.03 9.19
N TYR B 146 -3.90 -37.05 8.77
CA TYR B 146 -2.65 -36.94 8.06
C TYR B 146 -2.93 -36.46 6.63
N ALA B 147 -3.92 -37.07 6.00
CA ALA B 147 -4.41 -36.65 4.69
C ALA B 147 -4.89 -35.17 4.63
N ALA B 148 -5.73 -34.79 5.59
CA ALA B 148 -6.34 -33.49 5.61
C ALA B 148 -5.32 -32.42 5.92
N SER B 149 -4.42 -32.69 6.85
CA SER B 149 -3.34 -31.74 7.09
C SER B 149 -2.41 -31.57 5.89
N LYS B 150 -2.03 -32.64 5.22
CA LYS B 150 -1.10 -32.45 4.14
C LYS B 150 -1.80 -31.73 2.95
N HIS B 151 -3.07 -32.04 2.68
CA HIS B 151 -3.76 -31.29 1.64
C HIS B 151 -4.01 -29.83 2.07
N ALA B 152 -4.37 -29.67 3.34
CA ALA B 152 -4.56 -28.34 3.94
C ALA B 152 -3.29 -27.46 3.81
N LEU B 153 -2.14 -28.08 4.08
CA LEU B 153 -0.87 -27.35 3.94
C LEU B 153 -0.66 -26.96 2.49
N ARG B 154 -1.00 -27.85 1.57
CA ARG B 154 -0.84 -27.58 0.14
C ARG B 154 -1.75 -26.42 -0.35
N GLY B 155 -3.02 -26.42 0.06
CA GLY B 155 -3.91 -25.26 -0.17
C GLY B 155 -3.40 -23.94 0.42
N LEU B 156 -3.08 -23.94 1.70
CA LEU B 156 -2.47 -22.76 2.26
C LEU B 156 -1.32 -22.19 1.38
N ALA B 157 -0.39 -23.07 0.96
CA ALA B 157 0.81 -22.59 0.25
C ALA B 157 0.49 -21.97 -1.11
N ASP B 158 -0.28 -22.70 -1.92
CA ASP B 158 -0.72 -22.22 -3.22
C ASP B 158 -1.54 -20.91 -3.10
N ALA B 159 -2.33 -20.76 -2.04
CA ALA B 159 -3.13 -19.54 -1.93
C ALA B 159 -2.26 -18.37 -1.40
N PHE B 160 -1.42 -18.65 -0.43
CA PHE B 160 -0.48 -17.65 0.03
C PHE B 160 0.42 -17.20 -1.13
N ARG B 161 0.71 -18.10 -2.07
CA ARG B 161 1.54 -17.71 -3.23
C ARG B 161 0.83 -16.62 -4.03
N LYS B 162 -0.48 -16.80 -4.23
CA LYS B 162 -1.27 -15.84 -5.00
C LYS B 162 -1.34 -14.49 -4.32
N GLU B 163 -1.52 -14.50 -3.00
CA GLU B 163 -1.65 -13.27 -2.22
C GLU B 163 -0.39 -12.45 -2.23
N GLU B 164 0.74 -13.12 -2.30
CA GLU B 164 1.98 -12.40 -2.12
C GLU B 164 2.83 -12.37 -3.38
N ALA B 165 2.25 -12.86 -4.48
CA ALA B 165 2.91 -12.81 -5.77
C ALA B 165 3.38 -11.38 -6.13
N ASN B 166 2.48 -10.40 -6.01
CA ASN B 166 2.83 -9.05 -6.41
C ASN B 166 3.61 -8.28 -5.39
N ASN B 167 3.80 -8.88 -4.22
CA ASN B 167 4.61 -8.25 -3.19
C ASN B 167 6.06 -8.71 -3.16
N GLY B 168 6.48 -9.46 -4.18
CA GLY B 168 7.90 -9.92 -4.23
C GLY B 168 8.27 -11.06 -3.26
N ILE B 169 7.28 -11.82 -2.79
CA ILE B 169 7.54 -13.01 -1.99
C ILE B 169 7.32 -14.30 -2.80
N ARG B 170 8.27 -15.22 -2.72
CA ARG B 170 8.21 -16.49 -3.46
C ARG B 170 7.87 -17.60 -2.50
N VAL B 171 7.08 -18.56 -2.99
CA VAL B 171 6.52 -19.58 -2.10
C VAL B 171 6.74 -20.97 -2.73
N SER B 172 7.14 -21.91 -1.91
CA SER B 172 7.65 -23.10 -2.45
C SER B 172 7.22 -24.27 -1.55
N THR B 173 6.85 -25.41 -2.12
CA THR B 173 6.65 -26.59 -1.33
C THR B 173 7.62 -27.72 -1.68
N VAL B 174 8.10 -28.38 -0.63
CA VAL B 174 8.85 -29.62 -0.75
C VAL B 174 7.90 -30.66 -0.17
N SER B 175 7.49 -31.60 -1.01
CA SER B 175 6.43 -32.58 -0.72
C SER B 175 7.05 -33.98 -0.69
N PRO B 176 7.50 -34.44 0.49
CA PRO B 176 8.18 -35.71 0.76
C PRO B 176 7.23 -36.87 1.06
N ILE B 201 12.58 -41.09 4.32
CA ILE B 201 13.41 -40.29 3.42
C ILE B 201 14.63 -39.56 4.09
N GLU B 202 15.83 -39.87 3.62
CA GLU B 202 17.03 -39.20 4.12
C GLU B 202 16.88 -37.69 4.33
N PRO B 203 17.03 -37.22 5.58
CA PRO B 203 17.02 -35.83 5.96
C PRO B 203 17.85 -34.90 5.08
N LYS B 204 19.01 -35.35 4.60
CA LYS B 204 19.86 -34.43 3.86
C LYS B 204 19.27 -34.15 2.49
N GLU B 205 18.53 -35.12 1.97
CA GLU B 205 17.88 -34.95 0.68
C GLU B 205 16.90 -33.79 0.72
N ILE B 206 16.17 -33.65 1.82
CA ILE B 206 15.34 -32.47 2.07
C ILE B 206 16.16 -31.20 2.10
N ALA B 207 17.26 -31.19 2.83
CA ALA B 207 18.12 -29.99 2.83
C ALA B 207 18.67 -29.65 1.42
N ASN B 208 19.03 -30.70 0.67
CA ASN B 208 19.42 -30.52 -0.72
C ASN B 208 18.30 -29.90 -1.53
N ALA B 209 17.07 -30.36 -1.30
CA ALA B 209 15.99 -29.84 -2.09
C ALA B 209 15.77 -28.38 -1.75
N ILE B 210 16.00 -28.03 -0.48
CA ILE B 210 15.79 -26.66 -0.09
C ILE B 210 16.87 -25.80 -0.70
N ARG B 211 18.08 -26.34 -0.74
CA ARG B 211 19.21 -25.61 -1.25
C ARG B 211 18.99 -25.38 -2.75
N PHE B 212 18.45 -26.38 -3.45
CA PHE B 212 18.15 -26.24 -4.85
C PHE B 212 17.04 -25.16 -5.07
N VAL B 213 16.03 -25.16 -4.22
CA VAL B 213 14.99 -24.15 -4.35
C VAL B 213 15.53 -22.73 -4.22
N ILE B 214 16.27 -22.46 -3.17
CA ILE B 214 16.69 -21.09 -2.99
C ILE B 214 17.88 -20.70 -3.87
N ASP B 215 18.50 -21.64 -4.61
CA ASP B 215 19.68 -21.29 -5.44
C ASP B 215 19.24 -20.85 -6.84
N ALA B 216 17.96 -20.96 -7.11
CA ALA B 216 17.37 -20.56 -8.38
C ALA B 216 17.82 -19.14 -8.81
N GLY B 217 18.10 -18.96 -10.10
CA GLY B 217 18.59 -17.65 -10.58
C GLY B 217 17.59 -16.50 -10.44
N GLU B 218 18.03 -15.30 -10.82
CA GLU B 218 17.20 -14.08 -10.80
C GLU B 218 15.87 -14.15 -11.58
N THR B 219 15.76 -15.05 -12.55
CA THR B 219 14.55 -15.07 -13.39
C THR B 219 13.69 -16.29 -13.14
N THR B 220 14.10 -17.14 -12.21
CA THR B 220 13.35 -18.40 -12.05
C THR B 220 12.99 -18.67 -10.61
N GLN B 221 11.92 -19.41 -10.42
CA GLN B 221 11.67 -19.95 -9.11
C GLN B 221 11.20 -21.37 -9.21
N ILE B 222 11.48 -22.16 -8.18
CA ILE B 222 11.10 -23.54 -8.12
C ILE B 222 9.94 -23.61 -7.15
N THR B 223 8.72 -23.85 -7.63
CA THR B 223 7.55 -23.75 -6.73
C THR B 223 7.19 -25.06 -6.04
N ASN B 224 7.58 -26.18 -6.61
CA ASN B 224 7.37 -27.43 -5.92
C ASN B 224 8.43 -28.47 -6.34
N VAL B 225 8.79 -29.34 -5.40
CA VAL B 225 9.69 -30.45 -5.61
C VAL B 225 9.08 -31.65 -4.89
N ASP B 226 8.74 -32.71 -5.63
CA ASP B 226 8.31 -33.97 -5.07
C ASP B 226 9.49 -34.92 -4.82
N VAL B 227 9.63 -35.35 -3.58
CA VAL B 227 10.65 -36.26 -3.14
C VAL B 227 9.99 -37.59 -2.72
N ARG B 228 10.42 -38.70 -3.30
CA ARG B 228 9.81 -40.01 -3.02
C ARG B 228 10.90 -40.96 -2.68
N PRO B 229 10.55 -42.03 -1.96
CA PRO B 229 11.54 -43.05 -1.71
C PRO B 229 11.96 -43.62 -3.08
N ARG B 230 13.12 -44.24 -3.13
CA ARG B 230 13.54 -44.87 -4.37
C ARG B 230 12.37 -45.65 -4.99
N ILE B 231 11.85 -46.61 -4.25
CA ILE B 231 10.74 -47.44 -4.77
C ILE B 231 9.46 -47.32 -3.92
N LYS C 6 -34.80 -32.24 -29.68
CA LYS C 6 -33.35 -31.88 -29.67
C LYS C 6 -32.58 -32.83 -30.56
N ILE C 7 -31.33 -32.43 -30.86
CA ILE C 7 -30.47 -33.24 -31.70
C ILE C 7 -29.23 -33.72 -30.96
N ALA C 8 -28.94 -35.02 -31.10
CA ALA C 8 -27.80 -35.65 -30.45
C ALA C 8 -26.93 -36.31 -31.50
N VAL C 9 -25.61 -36.29 -31.26
CA VAL C 9 -24.64 -37.07 -32.03
C VAL C 9 -23.82 -37.89 -31.06
N VAL C 10 -23.81 -39.20 -31.25
CA VAL C 10 -23.15 -40.09 -30.33
C VAL C 10 -22.17 -40.93 -31.11
N THR C 11 -20.89 -40.95 -30.71
CA THR C 11 -19.97 -41.83 -31.40
C THR C 11 -19.88 -43.16 -30.64
N GLY C 12 -19.39 -44.21 -31.30
CA GLY C 12 -19.33 -45.53 -30.64
C GLY C 12 -20.72 -46.05 -30.25
N ALA C 13 -21.72 -45.71 -31.06
CA ALA C 13 -23.13 -46.07 -30.80
C ALA C 13 -23.42 -47.57 -30.69
N THR C 14 -22.58 -48.40 -31.32
CA THR C 14 -22.86 -49.83 -31.33
C THR C 14 -22.08 -50.57 -30.25
N GLY C 15 -21.15 -49.88 -29.60
CA GLY C 15 -20.50 -50.40 -28.42
C GLY C 15 -21.50 -50.55 -27.28
N GLY C 16 -21.10 -51.25 -26.22
CA GLY C 16 -21.99 -51.51 -25.06
C GLY C 16 -22.53 -50.27 -24.36
N MET C 17 -21.67 -49.26 -24.14
CA MET C 17 -22.10 -47.95 -23.64
C MET C 17 -23.00 -47.26 -24.66
N GLY C 18 -22.54 -47.22 -25.90
CA GLY C 18 -23.18 -46.46 -26.97
C GLY C 18 -24.65 -46.79 -27.06
N ILE C 19 -24.95 -48.08 -27.12
CA ILE C 19 -26.34 -48.53 -27.20
C ILE C 19 -27.22 -47.96 -26.09
N GLU C 20 -26.75 -47.94 -24.85
CA GLU C 20 -27.57 -47.45 -23.74
C GLU C 20 -27.66 -45.94 -23.71
N ILE C 21 -26.63 -45.26 -24.18
CA ILE C 21 -26.65 -43.80 -24.32
C ILE C 21 -27.63 -43.40 -25.44
N VAL C 22 -27.55 -44.12 -26.55
CA VAL C 22 -28.51 -43.91 -27.63
C VAL C 22 -29.97 -44.17 -27.20
N LYS C 23 -30.24 -45.26 -26.47
CA LYS C 23 -31.61 -45.53 -25.98
C LYS C 23 -32.12 -44.40 -25.14
N ASP C 24 -31.34 -43.97 -24.15
CA ASP C 24 -31.75 -42.94 -23.21
C ASP C 24 -31.98 -41.61 -23.88
N LEU C 25 -31.11 -41.28 -24.83
CA LEU C 25 -31.23 -40.02 -25.53
C LEU C 25 -32.40 -40.01 -26.53
N SER C 26 -32.73 -41.17 -27.08
CA SER C 26 -33.85 -41.21 -28.04
C SER C 26 -35.19 -40.77 -27.42
N ARG C 27 -35.32 -40.86 -26.11
CA ARG C 27 -36.49 -40.29 -25.46
C ARG C 27 -36.77 -38.83 -25.86
N ASP C 28 -35.75 -37.98 -25.96
CA ASP C 28 -36.02 -36.57 -26.28
C ASP C 28 -35.09 -35.96 -27.35
N HIS C 29 -34.39 -36.83 -28.06
CA HIS C 29 -33.56 -36.38 -29.16
C HIS C 29 -33.76 -37.32 -30.30
N ILE C 30 -33.74 -36.78 -31.51
CA ILE C 30 -33.29 -37.54 -32.68
C ILE C 30 -31.78 -37.77 -32.49
N VAL C 31 -31.36 -39.03 -32.63
CA VAL C 31 -29.99 -39.38 -32.35
C VAL C 31 -29.20 -39.83 -33.60
N TYR C 32 -28.22 -39.03 -34.02
CA TYR C 32 -27.25 -39.53 -34.98
C TYR C 32 -26.24 -40.44 -34.32
N ALA C 33 -26.34 -41.72 -34.63
CA ALA C 33 -25.62 -42.76 -33.94
C ALA C 33 -24.56 -43.38 -34.82
N LEU C 34 -23.31 -42.97 -34.66
CA LEU C 34 -22.25 -43.42 -35.56
C LEU C 34 -21.72 -44.75 -35.12
N GLY C 35 -21.55 -45.69 -36.05
CA GLY C 35 -20.83 -46.93 -35.74
C GLY C 35 -20.33 -47.74 -36.93
N ARG C 36 -19.60 -48.82 -36.63
CA ARG C 36 -19.09 -49.71 -37.67
C ARG C 36 -19.87 -51.04 -37.77
N ASN C 37 -20.30 -51.55 -36.60
CA ASN C 37 -21.07 -52.78 -36.51
C ASN C 37 -22.40 -52.66 -37.26
N PRO C 38 -22.52 -53.36 -38.40
CA PRO C 38 -23.67 -53.15 -39.30
C PRO C 38 -24.94 -53.83 -38.81
N GLU C 39 -24.78 -54.82 -37.93
CA GLU C 39 -25.94 -55.54 -37.38
C GLU C 39 -26.48 -54.76 -36.20
N HIS C 40 -25.58 -54.21 -35.39
CA HIS C 40 -26.02 -53.45 -34.21
C HIS C 40 -26.59 -52.10 -34.63
N LEU C 41 -26.11 -51.60 -35.77
CA LEU C 41 -26.63 -50.38 -36.34
C LEU C 41 -28.07 -50.60 -36.82
N ALA C 42 -28.33 -51.77 -37.41
CA ALA C 42 -29.70 -52.10 -37.85
C ALA C 42 -30.54 -52.35 -36.61
N ALA C 43 -29.98 -53.09 -35.66
CA ALA C 43 -30.65 -53.27 -34.37
C ALA C 43 -31.14 -51.92 -33.81
N LEU C 44 -30.20 -50.98 -33.67
CA LEU C 44 -30.53 -49.66 -33.13
C LEU C 44 -31.48 -48.89 -34.01
N ALA C 45 -31.41 -49.13 -35.31
CA ALA C 45 -32.31 -48.47 -36.25
C ALA C 45 -33.76 -48.81 -35.94
N GLU C 46 -33.96 -49.81 -35.07
CA GLU C 46 -35.28 -50.25 -34.66
C GLU C 46 -35.79 -49.41 -33.51
N ILE C 47 -34.96 -48.48 -33.05
CA ILE C 47 -35.40 -47.53 -32.05
C ILE C 47 -35.78 -46.28 -32.77
N GLU C 48 -37.02 -45.87 -32.56
CA GLU C 48 -37.54 -44.78 -33.32
C GLU C 48 -36.85 -43.50 -32.87
N GLY C 49 -36.48 -42.66 -33.83
CA GLY C 49 -35.71 -41.45 -33.55
C GLY C 49 -34.20 -41.64 -33.69
N VAL C 50 -33.79 -42.86 -34.00
CA VAL C 50 -32.39 -43.16 -34.22
C VAL C 50 -32.11 -43.24 -35.72
N GLU C 51 -31.24 -42.35 -36.22
CA GLU C 51 -30.77 -42.41 -37.59
C GLU C 51 -29.35 -42.90 -37.61
N PRO C 52 -29.16 -44.22 -37.75
CA PRO C 52 -27.80 -44.76 -37.70
C PRO C 52 -26.94 -44.26 -38.88
N ILE C 53 -25.63 -44.40 -38.74
CA ILE C 53 -24.70 -43.86 -39.70
C ILE C 53 -23.52 -44.78 -39.65
N GLU C 54 -23.33 -45.55 -40.73
CA GLU C 54 -22.16 -46.42 -40.88
C GLU C 54 -20.93 -45.53 -41.03
N SER C 55 -19.87 -45.86 -40.31
CA SER C 55 -18.68 -45.02 -40.35
C SER C 55 -17.40 -45.65 -39.84
N ASP C 56 -16.34 -45.39 -40.58
CA ASP C 56 -14.97 -45.56 -40.11
C ASP C 56 -14.56 -44.18 -39.63
N ILE C 57 -14.75 -43.91 -38.36
CA ILE C 57 -14.76 -42.52 -37.90
C ILE C 57 -13.38 -41.80 -37.90
N VAL C 58 -12.32 -42.54 -37.63
CA VAL C 58 -10.98 -41.98 -37.73
C VAL C 58 -10.73 -41.49 -39.16
N LYS C 59 -10.94 -42.36 -40.14
CA LYS C 59 -10.80 -42.01 -41.56
C LYS C 59 -11.65 -40.78 -41.90
N GLU C 60 -12.92 -40.81 -41.53
CA GLU C 60 -13.82 -39.75 -42.01
C GLU C 60 -13.61 -38.42 -41.34
N VAL C 61 -13.40 -38.46 -40.00
CA VAL C 61 -13.11 -37.25 -39.24
C VAL C 61 -11.68 -36.69 -39.50
N LEU C 62 -10.70 -37.57 -39.59
CA LEU C 62 -9.32 -37.13 -39.66
C LEU C 62 -8.80 -37.00 -41.10
N GLU C 63 -9.14 -37.92 -41.99
CA GLU C 63 -8.62 -37.77 -43.35
C GLU C 63 -9.59 -36.86 -44.12
N GLU C 64 -10.86 -37.27 -44.17
CA GLU C 64 -11.82 -36.65 -45.06
C GLU C 64 -12.44 -35.35 -44.58
N GLY C 65 -12.19 -34.94 -43.34
CA GLY C 65 -12.59 -33.59 -42.87
C GLY C 65 -14.05 -33.46 -42.44
N GLY C 66 -14.70 -34.60 -42.23
CA GLY C 66 -16.05 -34.57 -41.64
C GLY C 66 -16.77 -35.89 -41.85
N VAL C 67 -17.77 -36.17 -41.04
CA VAL C 67 -18.66 -37.28 -41.37
C VAL C 67 -19.80 -36.75 -42.24
N ASP C 68 -19.85 -37.19 -43.51
CA ASP C 68 -20.93 -36.84 -44.46
C ASP C 68 -22.33 -36.54 -43.87
N LYS C 69 -22.98 -37.59 -43.38
CA LYS C 69 -24.37 -37.50 -42.93
C LYS C 69 -24.60 -36.55 -41.76
N LEU C 70 -23.57 -35.80 -41.35
CA LEU C 70 -23.68 -34.82 -40.26
C LEU C 70 -23.47 -33.41 -40.76
N LYS C 71 -23.22 -33.29 -42.05
CA LYS C 71 -22.91 -31.98 -42.58
C LYS C 71 -24.12 -31.05 -42.69
N ASN C 72 -25.32 -31.62 -42.80
CA ASN C 72 -26.57 -30.84 -42.79
C ASN C 72 -26.93 -30.15 -41.47
N LEU C 73 -26.33 -30.57 -40.35
CA LEU C 73 -26.86 -30.14 -39.07
C LEU C 73 -26.50 -28.71 -38.70
N ASP C 74 -27.53 -27.89 -38.55
CA ASP C 74 -27.31 -26.50 -38.19
C ASP C 74 -27.39 -26.32 -36.68
N HIS C 75 -28.02 -27.28 -35.98
CA HIS C 75 -28.00 -27.26 -34.51
C HIS C 75 -27.58 -28.66 -34.03
N VAL C 76 -26.70 -28.74 -33.03
CA VAL C 76 -26.51 -29.96 -32.28
C VAL C 76 -26.58 -29.68 -30.76
N ASP C 77 -27.42 -30.42 -30.05
CA ASP C 77 -27.63 -30.14 -28.64
C ASP C 77 -26.68 -30.91 -27.72
N THR C 78 -26.43 -32.16 -28.09
CA THR C 78 -25.74 -33.12 -27.25
C THR C 78 -24.80 -33.93 -28.13
N LEU C 79 -23.51 -33.66 -28.01
CA LEU C 79 -22.50 -34.48 -28.67
C LEU C 79 -21.81 -35.32 -27.62
N VAL C 80 -21.82 -36.63 -27.81
CA VAL C 80 -21.27 -37.55 -26.86
C VAL C 80 -20.20 -38.43 -27.51
N HIS C 81 -18.94 -38.28 -27.10
CA HIS C 81 -17.85 -39.07 -27.65
C HIS C 81 -17.66 -40.37 -26.87
N ALA C 82 -18.08 -41.49 -27.43
CA ALA C 82 -18.09 -42.75 -26.68
C ALA C 82 -17.33 -43.81 -27.48
N ALA C 83 -16.89 -43.42 -28.67
CA ALA C 83 -16.03 -44.29 -29.45
C ALA C 83 -14.71 -44.48 -28.70
N GLY C 94 2.08 -52.95 -27.40
CA GLY C 94 2.64 -51.73 -26.78
C GLY C 94 3.48 -50.86 -27.74
N SER C 95 3.08 -50.84 -29.01
CA SER C 95 3.93 -50.40 -30.13
C SER C 95 3.57 -49.00 -30.61
N VAL C 96 4.39 -48.45 -31.52
CA VAL C 96 4.07 -47.16 -32.15
C VAL C 96 2.65 -47.19 -32.73
N ALA C 97 2.33 -48.29 -33.39
CA ALA C 97 0.98 -48.46 -33.95
C ALA C 97 -0.10 -48.42 -32.90
N GLU C 98 0.10 -49.09 -31.76
CA GLU C 98 -0.86 -48.96 -30.66
C GLU C 98 -1.03 -47.49 -30.21
N TRP C 99 0.07 -46.79 -29.95
CA TRP C 99 0.01 -45.35 -29.66
C TRP C 99 -0.84 -44.57 -30.64
N HIS C 100 -0.60 -44.79 -31.94
CA HIS C 100 -1.34 -44.05 -32.98
C HIS C 100 -2.82 -44.43 -32.96
N ALA C 101 -3.10 -45.73 -32.78
CA ALA C 101 -4.50 -46.17 -32.81
C ALA C 101 -5.22 -45.47 -31.68
N HIS C 102 -4.69 -45.62 -30.47
CA HIS C 102 -5.40 -45.10 -29.32
C HIS C 102 -5.56 -43.62 -29.27
N LEU C 103 -4.47 -42.89 -29.53
CA LEU C 103 -4.50 -41.43 -29.46
C LEU C 103 -5.31 -40.84 -30.58
N ASP C 104 -5.24 -41.45 -31.78
CA ASP C 104 -6.07 -41.04 -32.90
C ASP C 104 -7.56 -41.14 -32.52
N LEU C 105 -7.98 -42.33 -32.10
CA LEU C 105 -9.39 -42.59 -31.78
C LEU C 105 -9.89 -41.84 -30.58
N ASN C 106 -9.07 -41.75 -29.54
CA ASN C 106 -9.53 -41.27 -28.21
C ASN C 106 -9.21 -39.83 -27.93
N VAL C 107 -8.34 -39.26 -28.72
CA VAL C 107 -8.04 -37.87 -28.52
C VAL C 107 -8.28 -36.99 -29.72
N ILE C 108 -7.75 -37.38 -30.87
CA ILE C 108 -7.72 -36.48 -32.01
C ILE C 108 -9.10 -36.44 -32.66
N VAL C 109 -9.72 -37.62 -32.79
CA VAL C 109 -11.12 -37.68 -33.19
C VAL C 109 -12.04 -36.77 -32.37
N PRO C 110 -12.05 -36.91 -31.03
CA PRO C 110 -12.99 -36.05 -30.29
C PRO C 110 -12.72 -34.57 -30.44
N ALA C 111 -11.45 -34.16 -30.46
CA ALA C 111 -11.17 -32.75 -30.68
C ALA C 111 -11.63 -32.27 -32.06
N GLU C 112 -11.49 -33.12 -33.08
CA GLU C 112 -11.73 -32.68 -34.45
C GLU C 112 -13.21 -32.69 -34.76
N LEU C 113 -13.89 -33.77 -34.36
CA LEU C 113 -15.33 -33.85 -34.43
C LEU C 113 -15.96 -32.66 -33.71
N SER C 114 -15.55 -32.39 -32.48
CA SER C 114 -16.10 -31.22 -31.82
C SER C 114 -15.84 -29.97 -32.64
N ARG C 115 -14.61 -29.82 -33.15
CA ARG C 115 -14.28 -28.62 -33.92
C ARG C 115 -15.21 -28.52 -35.16
N GLN C 116 -15.43 -29.65 -35.81
CA GLN C 116 -16.19 -29.67 -37.04
C GLN C 116 -17.67 -29.29 -36.78
N LEU C 117 -18.21 -29.76 -35.65
CA LEU C 117 -19.60 -29.45 -35.24
C LEU C 117 -19.69 -28.18 -34.43
N LEU C 118 -18.59 -27.47 -34.31
CA LEU C 118 -18.58 -26.24 -33.52
C LEU C 118 -19.64 -25.18 -33.96
N PRO C 119 -19.88 -25.02 -35.28
CA PRO C 119 -20.97 -24.13 -35.65
C PRO C 119 -22.33 -24.64 -35.15
N ALA C 120 -22.61 -25.92 -35.35
CA ALA C 120 -23.91 -26.46 -34.93
C ALA C 120 -24.08 -26.36 -33.39
N LEU C 121 -23.01 -26.69 -32.65
CA LEU C 121 -23.05 -26.63 -31.18
C LEU C 121 -23.26 -25.19 -30.64
N ARG C 122 -22.61 -24.21 -31.26
CA ARG C 122 -22.79 -22.83 -30.81
C ARG C 122 -24.24 -22.41 -31.06
N ALA C 123 -24.77 -22.75 -32.24
CA ALA C 123 -26.14 -22.36 -32.59
C ALA C 123 -27.11 -22.89 -31.53
N ALA C 124 -26.97 -24.17 -31.18
CA ALA C 124 -27.84 -24.77 -30.18
C ALA C 124 -27.46 -24.46 -28.73
N SER C 125 -26.38 -23.74 -28.49
CA SER C 125 -25.78 -23.64 -27.13
C SER C 125 -25.69 -25.02 -26.44
N GLY C 126 -25.12 -26.01 -27.13
CA GLY C 126 -25.21 -27.36 -26.65
C GLY C 126 -24.11 -27.82 -25.70
N CYS C 127 -24.15 -29.12 -25.40
CA CYS C 127 -23.12 -29.64 -24.55
CA CYS C 127 -23.26 -29.76 -24.46
C CYS C 127 -22.40 -30.83 -25.16
N VAL C 128 -21.10 -30.85 -24.88
CA VAL C 128 -20.22 -31.89 -25.36
C VAL C 128 -19.78 -32.71 -24.18
N ILE C 129 -19.93 -34.03 -24.31
CA ILE C 129 -19.55 -34.94 -23.24
C ILE C 129 -18.46 -35.91 -23.70
N TYR C 130 -17.39 -35.99 -22.91
CA TYR C 130 -16.33 -36.94 -23.18
C TYR C 130 -16.39 -38.05 -22.16
N ILE C 131 -16.50 -39.27 -22.63
CA ILE C 131 -16.36 -40.39 -21.74
C ILE C 131 -14.88 -40.80 -21.70
N ASN C 132 -14.23 -40.57 -20.55
CA ASN C 132 -12.92 -41.17 -20.38
C ASN C 132 -13.05 -42.66 -20.11
N ASN C 143 -0.14 -49.80 -17.94
CA ASN C 143 -0.07 -49.46 -19.36
C ASN C 143 0.05 -47.95 -19.57
N THR C 144 1.13 -47.66 -20.24
CA THR C 144 1.67 -46.36 -20.43
C THR C 144 0.77 -45.61 -21.44
N ILE C 145 0.24 -46.34 -22.43
CA ILE C 145 -0.58 -45.79 -23.47
C ILE C 145 -1.96 -45.38 -22.96
N TYR C 146 -2.50 -46.16 -22.02
CA TYR C 146 -3.80 -45.96 -21.44
C TYR C 146 -3.78 -44.76 -20.48
N ALA C 147 -2.79 -44.67 -19.59
CA ALA C 147 -2.60 -43.47 -18.79
C ALA C 147 -2.39 -42.23 -19.67
N ALA C 148 -1.57 -42.34 -20.71
CA ALA C 148 -1.28 -41.16 -21.48
C ALA C 148 -2.52 -40.70 -22.18
N SER C 149 -3.32 -41.62 -22.73
CA SER C 149 -4.48 -41.12 -23.45
C SER C 149 -5.60 -40.63 -22.55
N LYS C 150 -5.78 -41.25 -21.37
CA LYS C 150 -6.85 -40.75 -20.51
C LYS C 150 -6.55 -39.34 -19.94
N HIS C 151 -5.29 -39.08 -19.61
CA HIS C 151 -4.85 -37.73 -19.22
C HIS C 151 -4.95 -36.75 -20.39
N ALA C 152 -4.61 -37.22 -21.60
CA ALA C 152 -4.72 -36.39 -22.78
C ALA C 152 -6.17 -35.88 -23.01
N LEU C 153 -7.12 -36.79 -22.96
CA LEU C 153 -8.55 -36.46 -23.15
C LEU C 153 -9.01 -35.47 -22.10
N ARG C 154 -8.58 -35.68 -20.88
CA ARG C 154 -9.01 -34.79 -19.83
C ARG C 154 -8.41 -33.41 -20.09
N GLY C 155 -7.14 -33.35 -20.45
CA GLY C 155 -6.59 -32.06 -20.76
C GLY C 155 -7.30 -31.48 -21.97
N LEU C 156 -7.54 -32.28 -23.02
CA LEU C 156 -8.33 -31.80 -24.18
C LEU C 156 -9.66 -31.14 -23.74
N ALA C 157 -10.40 -31.85 -22.89
CA ALA C 157 -11.70 -31.41 -22.47
C ALA C 157 -11.67 -30.15 -21.64
N ASP C 158 -10.73 -30.05 -20.70
CA ASP C 158 -10.69 -28.88 -19.87
C ASP C 158 -10.24 -27.63 -20.61
N ALA C 159 -9.44 -27.75 -21.68
CA ALA C 159 -9.00 -26.52 -22.37
C ALA C 159 -10.12 -26.06 -23.33
N PHE C 160 -10.73 -27.05 -23.97
CA PHE C 160 -11.88 -26.85 -24.80
C PHE C 160 -12.96 -26.10 -24.05
N ARG C 161 -13.23 -26.51 -22.81
CA ARG C 161 -14.27 -25.88 -22.02
C ARG C 161 -13.99 -24.40 -21.87
N LYS C 162 -12.74 -24.05 -21.54
CA LYS C 162 -12.35 -22.65 -21.36
C LYS C 162 -12.47 -21.88 -22.64
N GLU C 163 -12.07 -22.51 -23.74
CA GLU C 163 -12.14 -21.88 -25.03
C GLU C 163 -13.54 -21.48 -25.45
N GLU C 164 -14.52 -22.33 -25.11
CA GLU C 164 -15.89 -22.14 -25.56
C GLU C 164 -16.88 -21.61 -24.50
N ALA C 165 -16.42 -21.30 -23.30
CA ALA C 165 -17.35 -20.91 -22.23
C ALA C 165 -18.14 -19.67 -22.64
N ASN C 166 -17.44 -18.69 -23.20
CA ASN C 166 -18.08 -17.45 -23.63
C ASN C 166 -19.00 -17.61 -24.85
N ASN C 167 -18.83 -18.69 -25.60
CA ASN C 167 -19.63 -18.92 -26.76
C ASN C 167 -20.80 -19.80 -26.46
N GLY C 168 -21.07 -20.05 -25.18
CA GLY C 168 -22.29 -20.78 -24.81
C GLY C 168 -22.32 -22.29 -24.91
N ILE C 169 -21.17 -22.93 -25.11
CA ILE C 169 -21.11 -24.41 -25.10
C ILE C 169 -20.75 -24.96 -23.72
N ARG C 170 -21.44 -25.99 -23.29
CA ARG C 170 -21.05 -26.63 -22.05
C ARG C 170 -20.22 -27.89 -22.32
N VAL C 171 -19.23 -28.13 -21.46
CA VAL C 171 -18.35 -29.27 -21.65
C VAL C 171 -18.26 -30.11 -20.39
N SER C 172 -18.41 -31.41 -20.58
CA SER C 172 -18.46 -32.25 -19.41
C SER C 172 -17.70 -33.57 -19.61
N THR C 173 -17.10 -34.10 -18.53
CA THR C 173 -16.40 -35.39 -18.61
C THR C 173 -17.01 -36.41 -17.65
N VAL C 174 -16.97 -37.67 -18.06
CA VAL C 174 -17.37 -38.75 -17.22
C VAL C 174 -16.10 -39.59 -17.11
N SER C 175 -15.59 -39.69 -15.90
CA SER C 175 -14.27 -40.26 -15.67
C SER C 175 -14.42 -41.58 -14.90
N PRO C 176 -14.52 -42.70 -15.63
CA PRO C 176 -14.64 -44.03 -15.01
C PRO C 176 -13.34 -44.39 -14.32
N GLY C 177 -13.40 -45.36 -13.41
CA GLY C 177 -12.19 -45.75 -12.65
C GLY C 177 -12.22 -47.17 -12.08
N PRO C 178 -11.07 -47.61 -11.53
CA PRO C 178 -10.96 -48.84 -10.67
C PRO C 178 -11.60 -48.72 -9.25
N GLU C 202 -21.94 -51.31 -15.47
CA GLU C 202 -23.11 -51.42 -16.33
C GLU C 202 -23.24 -50.14 -17.17
N PRO C 203 -23.21 -50.29 -18.51
CA PRO C 203 -23.31 -49.20 -19.47
C PRO C 203 -24.49 -48.29 -19.20
N LYS C 204 -25.61 -48.86 -18.77
CA LYS C 204 -26.80 -48.05 -18.48
C LYS C 204 -26.48 -47.01 -17.43
N GLU C 205 -25.54 -47.33 -16.55
CA GLU C 205 -25.19 -46.40 -15.47
C GLU C 205 -24.38 -45.27 -16.00
N ILE C 206 -23.65 -45.50 -17.09
CA ILE C 206 -23.03 -44.38 -17.81
C ILE C 206 -24.09 -43.53 -18.51
N ALA C 207 -25.09 -44.19 -19.07
CA ALA C 207 -26.16 -43.48 -19.75
C ALA C 207 -26.86 -42.58 -18.75
N ASN C 208 -27.11 -43.10 -17.55
CA ASN C 208 -27.72 -42.28 -16.49
C ASN C 208 -26.86 -41.07 -16.12
N ALA C 209 -25.55 -41.24 -16.05
CA ALA C 209 -24.71 -40.10 -15.69
C ALA C 209 -24.79 -38.98 -16.72
N ILE C 210 -24.89 -39.39 -17.98
CA ILE C 210 -24.95 -38.46 -19.09
C ILE C 210 -26.27 -37.72 -19.06
N ARG C 211 -27.35 -38.47 -18.81
CA ARG C 211 -28.68 -37.89 -18.63
C ARG C 211 -28.67 -36.90 -17.49
N PHE C 212 -28.04 -37.26 -16.37
CA PHE C 212 -27.85 -36.34 -15.23
C PHE C 212 -27.12 -35.10 -15.72
N VAL C 213 -26.07 -35.27 -16.49
CA VAL C 213 -25.34 -34.08 -16.93
C VAL C 213 -26.12 -33.07 -17.84
N ILE C 214 -26.80 -33.59 -18.85
CA ILE C 214 -27.51 -32.73 -19.77
C ILE C 214 -28.76 -32.16 -19.14
N ASP C 215 -29.35 -32.85 -18.16
CA ASP C 215 -30.56 -32.36 -17.50
C ASP C 215 -30.33 -31.32 -16.40
N ALA C 216 -29.09 -30.87 -16.18
CA ALA C 216 -28.81 -29.92 -15.08
C ALA C 216 -29.56 -28.61 -15.22
N GLY C 217 -29.70 -27.88 -14.13
CA GLY C 217 -30.60 -26.73 -14.12
C GLY C 217 -30.16 -25.62 -15.07
N GLU C 218 -30.96 -24.57 -15.15
CA GLU C 218 -30.61 -23.44 -16.01
C GLU C 218 -29.31 -22.79 -15.55
N THR C 219 -29.10 -22.71 -14.24
CA THR C 219 -28.00 -21.94 -13.66
C THR C 219 -26.72 -22.73 -13.37
N THR C 220 -26.76 -24.04 -13.64
CA THR C 220 -25.75 -24.97 -13.15
C THR C 220 -25.22 -25.84 -14.28
N GLN C 221 -23.92 -26.10 -14.23
CA GLN C 221 -23.27 -27.03 -15.13
C GLN C 221 -22.72 -28.22 -14.35
N ILE C 222 -22.75 -29.41 -14.92
CA ILE C 222 -22.01 -30.53 -14.32
C ILE C 222 -20.79 -30.85 -15.18
N THR C 223 -19.62 -30.31 -14.80
CA THR C 223 -18.39 -30.40 -15.59
C THR C 223 -17.70 -31.76 -15.48
N ASN C 224 -17.89 -32.45 -14.36
CA ASN C 224 -17.29 -33.75 -14.20
C ASN C 224 -18.01 -34.69 -13.22
N VAL C 225 -18.03 -35.97 -13.57
CA VAL C 225 -18.59 -37.00 -12.77
C VAL C 225 -17.57 -38.15 -12.70
N ASP C 226 -17.02 -38.40 -11.49
CA ASP C 226 -16.10 -39.57 -11.24
C ASP C 226 -16.89 -40.85 -10.91
N VAL C 227 -16.70 -41.88 -11.70
CA VAL C 227 -17.52 -43.08 -11.57
C VAL C 227 -16.57 -44.21 -11.31
N ARG C 228 -16.98 -45.17 -10.46
CA ARG C 228 -16.20 -46.34 -10.04
C ARG C 228 -17.13 -47.53 -9.75
N PRO C 229 -16.61 -48.77 -9.85
CA PRO C 229 -17.46 -49.98 -9.67
C PRO C 229 -18.10 -50.18 -8.26
N LYS D 6 -35.57 -46.08 5.08
CA LYS D 6 -34.25 -45.38 4.95
C LYS D 6 -34.15 -44.19 5.90
N ILE D 7 -32.98 -44.05 6.52
CA ILE D 7 -32.71 -42.99 7.50
C ILE D 7 -31.66 -42.03 6.93
N ALA D 8 -31.75 -40.75 7.27
CA ALA D 8 -30.81 -39.80 6.72
C ALA D 8 -30.46 -38.78 7.75
N VAL D 9 -29.22 -38.29 7.69
CA VAL D 9 -28.81 -37.27 8.59
C VAL D 9 -28.21 -36.20 7.74
N VAL D 10 -28.59 -34.94 7.99
CA VAL D 10 -28.15 -33.80 7.22
C VAL D 10 -27.76 -32.72 8.17
N THR D 11 -26.52 -32.22 8.06
CA THR D 11 -26.16 -31.05 8.84
C THR D 11 -26.34 -29.72 8.09
N GLY D 12 -26.33 -28.59 8.79
CA GLY D 12 -26.66 -27.31 8.14
C GLY D 12 -27.96 -27.42 7.35
N ALA D 13 -28.91 -28.16 7.93
CA ALA D 13 -30.19 -28.45 7.29
C ALA D 13 -31.09 -27.24 7.17
N THR D 14 -30.79 -26.16 7.89
CA THR D 14 -31.60 -24.95 7.78
C THR D 14 -30.94 -23.90 6.91
N GLY D 15 -29.74 -24.18 6.38
CA GLY D 15 -29.14 -23.24 5.44
C GLY D 15 -29.78 -23.54 4.11
N GLY D 16 -29.59 -22.65 3.13
CA GLY D 16 -30.16 -22.80 1.77
C GLY D 16 -30.12 -24.19 1.14
N MET D 17 -28.93 -24.81 1.17
CA MET D 17 -28.73 -26.14 0.58
C MET D 17 -29.44 -27.20 1.41
N GLY D 18 -29.36 -27.04 2.73
CA GLY D 18 -29.82 -28.05 3.66
C GLY D 18 -31.28 -28.27 3.45
N ILE D 19 -32.02 -27.14 3.44
CA ILE D 19 -33.47 -27.15 3.22
C ILE D 19 -33.87 -27.98 1.98
N GLU D 20 -33.29 -27.67 0.82
CA GLU D 20 -33.58 -28.43 -0.39
C GLU D 20 -33.16 -29.91 -0.32
N ILE D 21 -32.00 -30.17 0.29
CA ILE D 21 -31.54 -31.54 0.53
C ILE D 21 -32.52 -32.35 1.40
N VAL D 22 -33.00 -31.75 2.48
CA VAL D 22 -33.97 -32.42 3.34
C VAL D 22 -35.32 -32.67 2.65
N LYS D 23 -35.81 -31.69 1.91
CA LYS D 23 -37.05 -31.93 1.10
C LYS D 23 -36.92 -33.14 0.18
N ASP D 24 -35.87 -33.14 -0.66
CA ASP D 24 -35.71 -34.23 -1.60
C ASP D 24 -35.49 -35.55 -0.89
N LEU D 25 -34.68 -35.51 0.18
CA LEU D 25 -34.38 -36.74 0.91
C LEU D 25 -35.63 -37.30 1.58
N SER D 26 -36.50 -36.40 2.05
CA SER D 26 -37.78 -36.82 2.67
C SER D 26 -38.71 -37.62 1.77
N ARG D 27 -38.52 -37.54 0.45
CA ARG D 27 -39.31 -38.40 -0.42
C ARG D 27 -39.16 -39.88 -0.06
N ASP D 28 -37.96 -40.36 0.27
CA ASP D 28 -37.79 -41.78 0.61
C ASP D 28 -36.98 -42.08 1.88
N HIS D 29 -36.81 -41.09 2.75
CA HIS D 29 -35.99 -41.22 3.95
C HIS D 29 -36.73 -40.57 5.13
N ILE D 30 -36.55 -41.09 6.34
CA ILE D 30 -36.83 -40.31 7.54
C ILE D 30 -35.62 -39.37 7.67
N VAL D 31 -35.81 -38.07 7.77
CA VAL D 31 -34.63 -37.22 7.79
C VAL D 31 -34.36 -36.53 9.14
N TYR D 32 -33.19 -36.76 9.71
CA TYR D 32 -32.80 -36.08 10.92
C TYR D 32 -32.02 -34.87 10.50
N ALA D 33 -32.63 -33.72 10.69
CA ALA D 33 -32.13 -32.49 10.13
C ALA D 33 -31.49 -31.65 11.21
N LEU D 34 -30.20 -31.35 11.10
CA LEU D 34 -29.54 -30.58 12.14
C LEU D 34 -29.41 -29.12 11.76
N GLY D 35 -29.85 -28.24 12.65
CA GLY D 35 -29.74 -26.82 12.39
C GLY D 35 -29.68 -26.01 13.68
N ARG D 36 -29.46 -24.70 13.55
CA ARG D 36 -29.52 -23.77 14.68
C ARG D 36 -30.67 -22.73 14.50
N ASN D 37 -31.21 -22.61 13.29
CA ASN D 37 -32.36 -21.74 13.02
C ASN D 37 -33.66 -22.39 13.51
N PRO D 38 -34.19 -21.91 14.65
CA PRO D 38 -35.33 -22.56 15.31
C PRO D 38 -36.61 -22.37 14.50
N GLU D 39 -36.63 -21.29 13.73
CA GLU D 39 -37.74 -20.96 12.84
C GLU D 39 -37.68 -21.81 11.56
N HIS D 40 -36.47 -22.05 11.04
CA HIS D 40 -36.38 -22.91 9.86
C HIS D 40 -36.56 -24.35 10.31
N LEU D 41 -36.16 -24.61 11.54
CA LEU D 41 -36.26 -25.96 12.10
C LEU D 41 -37.74 -26.26 12.32
N ALA D 42 -38.45 -25.30 12.90
CA ALA D 42 -39.89 -25.42 13.02
C ALA D 42 -40.47 -25.64 11.64
N ALA D 43 -40.09 -24.78 10.71
CA ALA D 43 -40.56 -24.86 9.33
C ALA D 43 -40.39 -26.27 8.76
N LEU D 44 -39.17 -26.79 8.84
CA LEU D 44 -38.82 -28.12 8.30
C LEU D 44 -39.65 -29.26 8.86
N ALA D 45 -39.89 -29.21 10.17
CA ALA D 45 -40.64 -30.25 10.89
C ALA D 45 -42.02 -30.49 10.31
N GLU D 46 -42.48 -29.53 9.50
CA GLU D 46 -43.81 -29.60 8.89
C GLU D 46 -43.88 -30.72 7.86
N ILE D 47 -42.74 -31.04 7.27
CA ILE D 47 -42.65 -32.08 6.24
C ILE D 47 -42.72 -33.46 6.89
N GLU D 48 -43.47 -34.38 6.30
CA GLU D 48 -43.60 -35.71 6.87
C GLU D 48 -42.25 -36.42 6.83
N GLY D 49 -41.93 -37.17 7.88
CA GLY D 49 -40.70 -37.96 7.92
C GLY D 49 -39.47 -37.17 8.36
N VAL D 50 -39.60 -35.86 8.43
CA VAL D 50 -38.51 -35.03 8.91
C VAL D 50 -38.58 -34.84 10.42
N GLU D 51 -37.54 -35.27 11.12
CA GLU D 51 -37.43 -35.09 12.57
C GLU D 51 -36.29 -34.13 12.89
N PRO D 52 -36.61 -32.85 13.15
CA PRO D 52 -35.59 -31.81 13.39
C PRO D 52 -34.90 -31.92 14.74
N ILE D 53 -33.73 -31.31 14.84
CA ILE D 53 -32.82 -31.40 15.97
C ILE D 53 -32.06 -30.08 16.15
N GLU D 54 -32.41 -29.32 17.17
CA GLU D 54 -31.67 -28.08 17.42
C GLU D 54 -30.34 -28.45 18.07
N SER D 55 -29.25 -27.91 17.53
CA SER D 55 -27.91 -28.32 17.93
C SER D 55 -26.86 -27.27 17.67
N ASP D 56 -25.97 -27.10 18.64
CA ASP D 56 -24.79 -26.28 18.48
C ASP D 56 -23.69 -27.28 18.10
N ILE D 57 -23.56 -27.53 16.80
CA ILE D 57 -22.94 -28.80 16.34
C ILE D 57 -21.42 -28.92 16.62
N VAL D 58 -20.71 -27.81 16.48
CA VAL D 58 -19.31 -27.77 16.91
C VAL D 58 -19.17 -28.20 18.38
N LYS D 59 -19.80 -27.46 19.28
CA LYS D 59 -19.81 -27.81 20.72
C LYS D 59 -20.22 -29.27 20.97
N GLU D 60 -21.26 -29.72 20.30
CA GLU D 60 -21.76 -31.05 20.54
C GLU D 60 -20.89 -32.16 20.00
N VAL D 61 -20.60 -32.13 18.70
CA VAL D 61 -19.79 -33.18 18.07
C VAL D 61 -18.37 -33.22 18.62
N LEU D 62 -17.75 -32.05 18.77
CA LEU D 62 -16.34 -31.96 19.18
C LEU D 62 -16.12 -31.95 20.72
N GLU D 63 -16.76 -31.01 21.41
CA GLU D 63 -16.48 -30.78 22.81
C GLU D 63 -17.24 -31.74 23.76
N GLU D 64 -18.46 -32.16 23.38
CA GLU D 64 -19.27 -33.15 24.15
C GLU D 64 -19.31 -34.58 23.59
N GLY D 65 -18.52 -34.83 22.54
CA GLY D 65 -18.47 -36.13 21.87
C GLY D 65 -19.76 -36.72 21.35
N GLY D 66 -20.66 -35.88 20.84
CA GLY D 66 -21.90 -36.43 20.26
C GLY D 66 -23.07 -35.46 20.21
N VAL D 67 -23.99 -35.73 19.28
CA VAL D 67 -25.31 -35.09 19.26
C VAL D 67 -26.31 -36.10 19.84
N ASP D 68 -26.96 -35.74 20.95
CA ASP D 68 -27.76 -36.69 21.75
C ASP D 68 -28.79 -37.42 20.90
N LYS D 69 -29.53 -36.64 20.13
CA LYS D 69 -30.68 -37.18 19.43
C LYS D 69 -30.31 -38.07 18.24
N LEU D 70 -29.02 -38.20 17.93
CA LEU D 70 -28.55 -39.12 16.86
C LEU D 70 -27.98 -40.41 17.41
N LYS D 71 -27.76 -40.42 18.73
CA LYS D 71 -27.02 -41.50 19.39
C LYS D 71 -27.70 -42.86 19.30
N ASN D 72 -29.00 -42.88 19.07
CA ASN D 72 -29.76 -44.11 19.16
C ASN D 72 -30.20 -44.71 17.83
N LEU D 73 -29.69 -44.18 16.73
CA LEU D 73 -30.06 -44.66 15.38
C LEU D 73 -29.42 -46.00 15.09
N ASP D 74 -30.20 -46.99 14.63
CA ASP D 74 -29.59 -48.29 14.37
C ASP D 74 -29.05 -48.45 12.95
N HIS D 75 -29.25 -47.42 12.14
CA HIS D 75 -28.50 -47.28 10.90
C HIS D 75 -28.72 -45.91 10.29
N VAL D 76 -27.73 -45.48 9.51
CA VAL D 76 -27.81 -44.24 8.75
C VAL D 76 -27.48 -44.63 7.32
N ASP D 77 -28.45 -44.44 6.42
CA ASP D 77 -28.28 -44.80 4.99
C ASP D 77 -27.63 -43.65 4.20
N THR D 78 -27.92 -42.42 4.58
CA THR D 78 -27.30 -41.26 3.95
C THR D 78 -26.86 -40.25 5.01
N LEU D 79 -25.58 -39.93 5.06
CA LEU D 79 -25.13 -38.81 5.87
C LEU D 79 -24.59 -37.69 4.96
N VAL D 80 -25.17 -36.51 5.07
CA VAL D 80 -24.76 -35.38 4.23
C VAL D 80 -24.24 -34.25 5.08
N HIS D 81 -22.97 -33.90 4.88
CA HIS D 81 -22.37 -32.80 5.60
C HIS D 81 -22.53 -31.43 4.93
N ALA D 82 -23.58 -30.68 5.30
CA ALA D 82 -23.75 -29.36 4.75
C ALA D 82 -23.54 -28.24 5.77
N ALA D 83 -23.33 -28.57 7.04
CA ALA D 83 -23.02 -27.47 7.96
C ALA D 83 -21.69 -26.79 7.56
N SER D 95 -7.06 -14.45 10.20
CA SER D 95 -7.00 -14.44 11.68
C SER D 95 -7.05 -15.86 12.32
N VAL D 96 -6.28 -16.05 13.39
CA VAL D 96 -6.27 -17.30 14.14
C VAL D 96 -7.67 -17.73 14.54
N ALA D 97 -8.44 -16.81 15.12
CA ALA D 97 -9.83 -17.14 15.44
C ALA D 97 -10.57 -17.69 14.23
N GLU D 98 -10.38 -17.04 13.06
CA GLU D 98 -10.99 -17.47 11.79
C GLU D 98 -10.43 -18.84 11.40
N TRP D 99 -9.16 -19.08 11.61
CA TRP D 99 -8.61 -20.41 11.31
C TRP D 99 -9.34 -21.49 12.07
N HIS D 100 -9.59 -21.24 13.35
CA HIS D 100 -10.17 -22.24 14.23
C HIS D 100 -11.62 -22.54 13.93
N ALA D 101 -12.41 -21.49 13.72
CA ALA D 101 -13.83 -21.68 13.41
C ALA D 101 -14.03 -22.53 12.15
N HIS D 102 -13.43 -22.08 11.05
CA HIS D 102 -13.56 -22.79 9.78
C HIS D 102 -13.06 -24.21 9.84
N LEU D 103 -11.85 -24.38 10.33
CA LEU D 103 -11.31 -25.74 10.47
C LEU D 103 -12.19 -26.59 11.36
N ASP D 104 -12.69 -26.00 12.47
CA ASP D 104 -13.58 -26.74 13.38
C ASP D 104 -14.80 -27.28 12.67
N LEU D 105 -15.44 -26.36 11.97
CA LEU D 105 -16.73 -26.60 11.34
C LEU D 105 -16.66 -27.30 9.96
N ASN D 106 -15.71 -26.90 9.13
CA ASN D 106 -15.64 -27.45 7.76
C ASN D 106 -14.96 -28.81 7.68
N VAL D 107 -14.04 -29.10 8.60
CA VAL D 107 -13.21 -30.32 8.52
C VAL D 107 -13.35 -31.25 9.72
N ILE D 108 -13.08 -30.73 10.92
CA ILE D 108 -13.07 -31.60 12.11
C ILE D 108 -14.44 -32.19 12.41
N VAL D 109 -15.49 -31.36 12.35
CA VAL D 109 -16.85 -31.84 12.60
C VAL D 109 -17.27 -32.94 11.63
N PRO D 110 -17.09 -32.74 10.31
CA PRO D 110 -17.44 -33.88 9.45
C PRO D 110 -16.60 -35.13 9.72
N ALA D 111 -15.35 -34.95 10.11
CA ALA D 111 -14.47 -36.10 10.42
C ALA D 111 -15.02 -36.86 11.61
N GLU D 112 -15.37 -36.09 12.63
CA GLU D 112 -15.71 -36.60 13.96
C GLU D 112 -17.13 -37.11 14.02
N LEU D 113 -18.04 -36.37 13.33
CA LEU D 113 -19.43 -36.79 13.27
C LEU D 113 -19.52 -38.08 12.53
N SER D 114 -18.80 -38.14 11.43
CA SER D 114 -18.70 -39.34 10.63
C SER D 114 -18.17 -40.51 11.45
N ARG D 115 -17.11 -40.30 12.23
CA ARG D 115 -16.58 -41.38 13.07
C ARG D 115 -17.65 -41.82 14.08
N GLN D 116 -18.19 -40.84 14.79
CA GLN D 116 -19.24 -41.13 15.75
C GLN D 116 -20.38 -41.96 15.18
N LEU D 117 -20.76 -41.75 13.92
CA LEU D 117 -21.83 -42.54 13.27
C LEU D 117 -21.32 -43.76 12.53
N LEU D 118 -20.04 -44.03 12.67
CA LEU D 118 -19.48 -45.18 11.98
C LEU D 118 -20.31 -46.48 12.11
N PRO D 119 -20.77 -46.82 13.33
CA PRO D 119 -21.46 -48.13 13.50
C PRO D 119 -22.82 -48.18 12.80
N ALA D 120 -23.51 -47.04 12.76
CA ALA D 120 -24.80 -46.96 12.02
C ALA D 120 -24.55 -46.96 10.52
N LEU D 121 -23.51 -46.26 10.09
CA LEU D 121 -23.16 -46.23 8.66
C LEU D 121 -22.82 -47.64 8.24
N ARG D 122 -22.02 -48.35 9.05
CA ARG D 122 -21.59 -49.69 8.67
C ARG D 122 -22.77 -50.63 8.64
N ALA D 123 -23.70 -50.45 9.58
CA ALA D 123 -24.89 -51.30 9.64
C ALA D 123 -25.68 -51.20 8.34
N ALA D 124 -25.82 -49.99 7.82
CA ALA D 124 -26.64 -49.80 6.61
C ALA D 124 -25.88 -49.94 5.29
N SER D 125 -24.56 -50.13 5.33
CA SER D 125 -23.68 -49.80 4.18
C SER D 125 -24.08 -48.45 3.62
N GLY D 126 -24.07 -47.41 4.42
CA GLY D 126 -24.55 -46.12 3.97
C GLY D 126 -23.60 -45.30 3.10
N CYS D 127 -24.04 -44.08 2.81
CA CYS D 127 -23.37 -43.13 1.95
CA CYS D 127 -23.33 -43.16 1.95
C CYS D 127 -22.99 -41.92 2.74
N VAL D 128 -21.75 -41.50 2.62
CA VAL D 128 -21.40 -40.26 3.26
C VAL D 128 -21.08 -39.30 2.13
N ILE D 129 -21.70 -38.12 2.15
CA ILE D 129 -21.48 -37.14 1.13
C ILE D 129 -21.01 -35.86 1.78
N TYR D 130 -19.87 -35.36 1.32
CA TYR D 130 -19.35 -34.10 1.83
C TYR D 130 -19.52 -33.04 0.75
N ILE D 131 -20.08 -31.88 1.12
CA ILE D 131 -20.21 -30.78 0.20
C ILE D 131 -19.02 -29.89 0.38
N ASN D 132 -18.20 -29.74 -0.65
CA ASN D 132 -16.97 -28.97 -0.49
C ASN D 132 -17.11 -27.55 -1.05
N ASN D 143 -9.47 -16.57 2.77
CA ASN D 143 -9.03 -17.00 1.39
C ASN D 143 -7.88 -18.06 1.41
N THR D 144 -6.78 -17.68 2.04
CA THR D 144 -5.80 -18.64 2.51
C THR D 144 -6.52 -19.73 3.35
N ILE D 145 -7.39 -19.32 4.24
CA ILE D 145 -8.26 -20.22 5.01
C ILE D 145 -9.20 -21.05 4.14
N TYR D 146 -9.84 -20.39 3.18
CA TYR D 146 -10.81 -21.04 2.31
C TYR D 146 -10.20 -22.15 1.46
N ALA D 147 -9.09 -21.82 0.80
CA ALA D 147 -8.27 -22.83 0.10
C ALA D 147 -7.91 -24.02 1.02
N ALA D 148 -7.24 -23.71 2.12
CA ALA D 148 -6.79 -24.75 3.06
C ALA D 148 -7.89 -25.68 3.48
N SER D 149 -9.01 -25.15 3.92
CA SER D 149 -10.08 -26.04 4.44
C SER D 149 -10.75 -26.80 3.33
N LYS D 150 -10.93 -26.15 2.19
CA LYS D 150 -11.50 -26.91 1.08
C LYS D 150 -10.60 -28.05 0.61
N HIS D 151 -9.28 -27.87 0.56
CA HIS D 151 -8.40 -29.02 0.30
C HIS D 151 -8.36 -30.04 1.44
N ALA D 152 -8.35 -29.54 2.69
CA ALA D 152 -8.44 -30.43 3.87
C ALA D 152 -9.67 -31.31 3.77
N LEU D 153 -10.78 -30.70 3.39
CA LEU D 153 -12.04 -31.44 3.34
C LEU D 153 -11.91 -32.52 2.30
N ARG D 154 -11.31 -32.19 1.15
CA ARG D 154 -11.16 -33.20 0.08
C ARG D 154 -10.18 -34.33 0.48
N GLY D 155 -9.08 -33.96 1.18
CA GLY D 155 -8.17 -34.99 1.70
C GLY D 155 -8.85 -35.92 2.70
N LEU D 156 -9.66 -35.34 3.60
CA LEU D 156 -10.45 -36.12 4.58
C LEU D 156 -11.29 -37.18 3.87
N ALA D 157 -12.05 -36.71 2.88
CA ALA D 157 -13.05 -37.57 2.24
C ALA D 157 -12.45 -38.74 1.53
N ASP D 158 -11.37 -38.46 0.79
CA ASP D 158 -10.64 -39.50 0.03
C ASP D 158 -10.04 -40.58 0.94
N ALA D 159 -9.29 -40.17 1.97
CA ALA D 159 -8.74 -41.07 3.01
C ALA D 159 -9.85 -41.83 3.76
N PHE D 160 -10.89 -41.12 4.16
CA PHE D 160 -12.04 -41.78 4.76
C PHE D 160 -12.60 -42.85 3.83
N ARG D 161 -12.74 -42.49 2.54
CA ARG D 161 -13.16 -43.45 1.53
C ARG D 161 -12.33 -44.71 1.58
N LYS D 162 -10.99 -44.59 1.60
CA LYS D 162 -10.10 -45.77 1.57
C LYS D 162 -10.19 -46.61 2.84
N GLU D 163 -10.19 -45.95 4.01
CA GLU D 163 -10.39 -46.63 5.32
C GLU D 163 -11.68 -47.46 5.40
N GLU D 164 -12.71 -47.04 4.69
CA GLU D 164 -14.01 -47.64 4.96
C GLU D 164 -14.50 -48.39 3.78
N ALA D 165 -13.72 -48.40 2.70
CA ALA D 165 -14.16 -49.07 1.48
C ALA D 165 -14.53 -50.54 1.75
N ASN D 166 -13.67 -51.17 2.53
CA ASN D 166 -13.79 -52.56 2.86
C ASN D 166 -14.90 -52.87 3.85
N ASN D 167 -15.52 -51.83 4.42
CA ASN D 167 -16.56 -52.04 5.42
C ASN D 167 -17.94 -51.62 4.98
N GLY D 168 -18.14 -51.52 3.66
CA GLY D 168 -19.47 -51.26 3.10
C GLY D 168 -19.81 -49.80 2.90
N ILE D 169 -18.96 -48.89 3.34
CA ILE D 169 -19.37 -47.51 3.32
C ILE D 169 -18.89 -46.80 2.07
N ARG D 170 -19.81 -46.08 1.43
CA ARG D 170 -19.49 -45.36 0.19
C ARG D 170 -19.34 -43.90 0.49
N VAL D 171 -18.37 -43.26 -0.14
CA VAL D 171 -18.08 -41.88 0.15
C VAL D 171 -18.11 -41.02 -1.11
N SER D 172 -18.72 -39.85 -0.97
CA SER D 172 -18.81 -39.04 -2.12
C SER D 172 -18.60 -37.58 -1.79
N THR D 173 -18.09 -36.82 -2.74
CA THR D 173 -17.97 -35.38 -2.58
C THR D 173 -18.74 -34.67 -3.68
N VAL D 174 -19.39 -33.57 -3.30
CA VAL D 174 -19.96 -32.69 -4.28
C VAL D 174 -19.16 -31.41 -4.20
N SER D 175 -18.52 -31.04 -5.31
CA SER D 175 -17.55 -29.94 -5.30
C SER D 175 -18.05 -28.75 -6.12
N PRO D 176 -18.85 -27.88 -5.49
CA PRO D 176 -19.46 -26.76 -6.20
C PRO D 176 -18.52 -25.56 -6.27
N GLY D 177 -18.12 -25.14 -7.47
CA GLY D 177 -17.13 -24.05 -7.61
C GLY D 177 -17.74 -22.71 -8.03
N ILE D 201 -24.99 -20.92 -7.75
CA ILE D 201 -25.67 -22.22 -7.89
C ILE D 201 -26.98 -22.31 -7.07
N GLU D 202 -28.07 -22.69 -7.72
CA GLU D 202 -29.31 -22.92 -6.97
C GLU D 202 -29.16 -24.17 -6.09
N PRO D 203 -29.59 -24.06 -4.83
CA PRO D 203 -29.35 -25.16 -3.92
C PRO D 203 -30.07 -26.40 -4.38
N LYS D 204 -31.10 -26.21 -5.21
CA LYS D 204 -31.91 -27.36 -5.63
C LYS D 204 -31.02 -28.24 -6.50
N GLU D 205 -30.03 -27.60 -7.08
CA GLU D 205 -29.14 -28.31 -7.99
C GLU D 205 -28.24 -29.23 -7.19
N ILE D 206 -27.72 -28.73 -6.07
CA ILE D 206 -26.96 -29.53 -5.12
C ILE D 206 -27.80 -30.71 -4.63
N ALA D 207 -29.05 -30.44 -4.28
CA ALA D 207 -29.94 -31.55 -3.89
C ALA D 207 -30.06 -32.56 -5.03
N ASN D 208 -30.14 -32.07 -6.27
CA ASN D 208 -30.26 -33.00 -7.38
C ASN D 208 -28.95 -33.78 -7.57
N ALA D 209 -27.82 -33.13 -7.30
CA ALA D 209 -26.56 -33.82 -7.40
C ALA D 209 -26.52 -34.93 -6.35
N ILE D 210 -26.88 -34.61 -5.10
CA ILE D 210 -27.01 -35.62 -4.03
C ILE D 210 -27.95 -36.76 -4.40
N ARG D 211 -29.10 -36.45 -4.99
CA ARG D 211 -30.04 -37.49 -5.37
C ARG D 211 -29.44 -38.41 -6.46
N PHE D 212 -28.80 -37.79 -7.44
CA PHE D 212 -28.13 -38.56 -8.47
C PHE D 212 -27.07 -39.51 -7.84
N VAL D 213 -26.25 -39.00 -6.93
CA VAL D 213 -25.28 -39.88 -6.22
C VAL D 213 -25.89 -41.09 -5.48
N ILE D 214 -26.89 -40.87 -4.64
CA ILE D 214 -27.37 -41.99 -3.81
C ILE D 214 -28.27 -42.94 -4.58
N ASP D 215 -28.71 -42.56 -5.76
CA ASP D 215 -29.62 -43.45 -6.50
C ASP D 215 -28.89 -44.28 -7.52
N ALA D 216 -27.56 -44.15 -7.49
CA ALA D 216 -26.70 -44.78 -8.47
C ALA D 216 -26.85 -46.30 -8.49
N GLY D 217 -26.70 -46.90 -9.67
CA GLY D 217 -26.94 -48.34 -9.85
C GLY D 217 -26.25 -49.29 -8.90
N GLU D 218 -26.56 -50.58 -9.04
CA GLU D 218 -26.12 -51.58 -8.07
C GLU D 218 -24.59 -51.81 -8.15
N THR D 219 -24.04 -51.64 -9.35
CA THR D 219 -22.63 -51.93 -9.63
C THR D 219 -21.73 -50.68 -9.57
N THR D 220 -22.28 -49.55 -9.12
CA THR D 220 -21.60 -48.26 -9.31
C THR D 220 -21.72 -47.26 -8.15
N GLN D 221 -20.65 -46.53 -7.95
CA GLN D 221 -20.57 -45.51 -6.95
C GLN D 221 -20.33 -44.21 -7.72
N ILE D 222 -20.85 -43.10 -7.24
CA ILE D 222 -20.48 -41.83 -7.81
C ILE D 222 -19.63 -41.13 -6.79
N THR D 223 -18.33 -41.13 -6.97
CA THR D 223 -17.48 -40.67 -5.91
C THR D 223 -17.25 -39.18 -5.88
N ASN D 224 -17.41 -38.49 -7.00
CA ASN D 224 -17.30 -37.03 -7.02
C ASN D 224 -18.11 -36.40 -8.13
N VAL D 225 -18.63 -35.20 -7.89
CA VAL D 225 -19.39 -34.49 -8.91
C VAL D 225 -18.95 -33.06 -8.82
N ASP D 226 -18.37 -32.56 -9.92
CA ASP D 226 -17.97 -31.15 -9.97
C ASP D 226 -19.14 -30.34 -10.55
N VAL D 227 -19.57 -29.35 -9.79
CA VAL D 227 -20.69 -28.49 -10.13
C VAL D 227 -20.19 -27.05 -10.29
N ARG D 228 -20.51 -26.39 -11.40
CA ARG D 228 -20.13 -25.00 -11.64
C ARG D 228 -21.35 -24.15 -12.01
N PRO D 229 -21.24 -22.82 -11.75
CA PRO D 229 -22.29 -21.85 -12.09
C PRO D 229 -22.48 -21.71 -13.59
N LYS E 6 -26.03 34.93 -11.18
CA LYS E 6 -24.58 34.81 -10.78
C LYS E 6 -23.86 33.71 -11.53
N ILE E 7 -22.63 34.03 -11.92
CA ILE E 7 -21.81 33.15 -12.73
C ILE E 7 -20.62 32.66 -11.94
N ALA E 8 -20.32 31.38 -12.06
CA ALA E 8 -19.20 30.73 -11.39
C ALA E 8 -18.34 29.98 -12.37
N VAL E 9 -17.03 29.97 -12.13
CA VAL E 9 -16.08 29.21 -12.92
C VAL E 9 -15.23 28.39 -11.96
N VAL E 10 -15.18 27.09 -12.21
CA VAL E 10 -14.61 26.14 -11.29
C VAL E 10 -13.67 25.26 -12.10
N THR E 11 -12.39 25.14 -11.69
CA THR E 11 -11.44 24.25 -12.40
C THR E 11 -11.27 22.95 -11.63
N GLY E 12 -10.71 21.92 -12.28
CA GLY E 12 -10.60 20.65 -11.61
C GLY E 12 -12.00 20.11 -11.31
N ALA E 13 -12.99 20.53 -12.12
CA ALA E 13 -14.38 20.19 -11.83
C ALA E 13 -14.81 18.70 -11.88
N THR E 14 -13.94 17.78 -12.33
CA THR E 14 -14.32 16.37 -12.30
C THR E 14 -13.52 15.59 -11.26
N GLY E 15 -12.69 16.27 -10.50
CA GLY E 15 -12.13 15.61 -9.32
C GLY E 15 -13.21 15.60 -8.25
N GLY E 16 -12.98 14.88 -7.15
CA GLY E 16 -13.96 14.71 -6.07
C GLY E 16 -14.44 16.04 -5.53
N MET E 17 -13.47 16.88 -5.15
CA MET E 17 -13.75 18.23 -4.66
C MET E 17 -14.59 19.03 -5.65
N GLY E 18 -14.10 19.11 -6.89
CA GLY E 18 -14.76 19.88 -7.95
C GLY E 18 -16.19 19.45 -8.18
N ILE E 19 -16.41 18.15 -8.23
CA ILE E 19 -17.78 17.62 -8.36
C ILE E 19 -18.70 18.22 -7.30
N GLU E 20 -18.25 18.20 -6.04
CA GLU E 20 -19.07 18.69 -4.96
C GLU E 20 -19.10 20.18 -4.92
N ILE E 21 -18.07 20.84 -5.44
CA ILE E 21 -18.07 22.29 -5.47
C ILE E 21 -19.07 22.78 -6.50
N VAL E 22 -19.06 22.15 -7.67
CA VAL E 22 -20.04 22.46 -8.72
C VAL E 22 -21.49 22.22 -8.25
N LYS E 23 -21.75 21.06 -7.68
CA LYS E 23 -23.10 20.77 -7.12
C LYS E 23 -23.58 21.88 -6.18
N ASP E 24 -22.75 22.23 -5.19
CA ASP E 24 -23.12 23.27 -4.22
C ASP E 24 -23.39 24.64 -4.84
N LEU E 25 -22.55 25.02 -5.80
CA LEU E 25 -22.68 26.31 -6.48
C LEU E 25 -23.80 26.38 -7.50
N SER E 26 -24.25 25.23 -8.01
CA SER E 26 -25.41 25.26 -8.94
C SER E 26 -26.68 25.79 -8.27
N ARG E 27 -26.81 25.57 -6.97
CA ARG E 27 -27.93 26.15 -6.22
C ARG E 27 -28.17 27.61 -6.62
N ASP E 28 -27.11 28.42 -6.72
CA ASP E 28 -27.31 29.82 -7.06
C ASP E 28 -26.42 30.39 -8.18
N HIS E 29 -25.68 29.55 -8.89
CA HIS E 29 -24.91 30.07 -10.03
C HIS E 29 -25.14 29.23 -11.28
N ILE E 30 -24.94 29.86 -12.43
CA ILE E 30 -24.60 29.11 -13.64
C ILE E 30 -23.12 28.75 -13.52
N VAL E 31 -22.80 27.47 -13.47
CA VAL E 31 -21.44 27.03 -13.20
C VAL E 31 -20.71 26.47 -14.43
N TYR E 32 -19.67 27.18 -14.90
CA TYR E 32 -18.76 26.65 -15.94
C TYR E 32 -17.80 25.67 -15.34
N ALA E 33 -17.95 24.40 -15.67
CA ALA E 33 -17.21 23.37 -14.99
C ALA E 33 -16.11 22.79 -15.86
N LEU E 34 -14.88 23.28 -15.69
CA LEU E 34 -13.76 22.80 -16.48
C LEU E 34 -13.23 21.51 -15.92
N GLY E 35 -13.17 20.48 -16.76
CA GLY E 35 -12.59 19.22 -16.32
C GLY E 35 -11.93 18.46 -17.46
N ARG E 36 -11.35 17.31 -17.08
CA ARG E 36 -10.67 16.40 -18.00
C ARG E 36 -11.56 15.17 -18.30
N ASN E 37 -11.96 14.44 -17.26
CA ASN E 37 -12.83 13.26 -17.39
C ASN E 37 -14.23 13.54 -18.02
N PRO E 38 -14.41 13.13 -19.29
CA PRO E 38 -15.61 13.40 -20.10
C PRO E 38 -16.86 12.66 -19.61
N GLU E 39 -16.67 11.54 -18.92
CA GLU E 39 -17.81 10.79 -18.34
C GLU E 39 -18.31 11.47 -17.07
N HIS E 40 -17.37 11.96 -16.25
CA HIS E 40 -17.74 12.75 -15.08
C HIS E 40 -18.31 14.08 -15.55
N LEU E 41 -17.81 14.56 -16.69
CA LEU E 41 -18.29 15.81 -17.28
C LEU E 41 -19.70 15.70 -17.84
N ALA E 42 -20.01 14.56 -18.41
CA ALA E 42 -21.36 14.33 -18.85
C ALA E 42 -22.22 14.18 -17.59
N ALA E 43 -21.77 13.35 -16.66
CA ALA E 43 -22.45 13.20 -15.38
C ALA E 43 -22.86 14.54 -14.76
N LEU E 44 -21.90 15.46 -14.67
CA LEU E 44 -22.15 16.79 -14.10
C LEU E 44 -23.16 17.58 -14.89
N ALA E 45 -23.14 17.42 -16.21
CA ALA E 45 -24.01 18.21 -17.08
C ALA E 45 -25.47 17.90 -16.80
N GLU E 46 -25.72 16.74 -16.21
CA GLU E 46 -27.02 16.35 -15.70
C GLU E 46 -27.57 17.39 -14.75
N ILE E 47 -26.67 18.08 -14.05
CA ILE E 47 -27.08 19.06 -13.07
C ILE E 47 -27.54 20.31 -13.77
N GLU E 48 -28.74 20.73 -13.46
CA GLU E 48 -29.26 21.95 -14.02
C GLU E 48 -28.34 23.11 -13.66
N GLY E 49 -28.05 23.96 -14.66
CA GLY E 49 -27.24 25.16 -14.44
C GLY E 49 -25.76 24.94 -14.68
N VAL E 50 -25.37 23.70 -14.95
CA VAL E 50 -23.96 23.41 -15.15
C VAL E 50 -23.60 23.29 -16.61
N GLU E 51 -22.73 24.18 -17.09
CA GLU E 51 -22.26 24.16 -18.48
C GLU E 51 -20.83 23.64 -18.60
N PRO E 52 -20.68 22.32 -18.78
CA PRO E 52 -19.37 21.67 -18.74
C PRO E 52 -18.50 21.90 -20.00
N ILE E 53 -17.19 21.77 -19.79
CA ILE E 53 -16.16 22.15 -20.73
C ILE E 53 -15.00 21.17 -20.63
N GLU E 54 -14.76 20.42 -21.70
CA GLU E 54 -13.56 19.59 -21.83
C GLU E 54 -12.35 20.53 -22.02
N SER E 55 -11.32 20.27 -21.24
CA SER E 55 -10.17 21.16 -21.26
C SER E 55 -8.88 20.49 -20.84
N ASP E 56 -7.81 20.84 -21.53
CA ASP E 56 -6.46 20.52 -21.14
C ASP E 56 -5.98 21.88 -20.63
N ILE E 57 -6.16 22.13 -19.32
CA ILE E 57 -6.13 23.50 -18.83
C ILE E 57 -4.75 24.17 -18.91
N VAL E 58 -3.71 23.38 -18.69
CA VAL E 58 -2.36 23.89 -18.89
C VAL E 58 -2.16 24.38 -20.33
N LYS E 59 -2.45 23.51 -21.29
CA LYS E 59 -2.27 23.87 -22.71
C LYS E 59 -3.06 25.13 -23.06
N GLU E 60 -4.32 25.21 -22.66
CA GLU E 60 -5.16 26.32 -23.09
C GLU E 60 -4.86 27.63 -22.38
N VAL E 61 -4.79 27.56 -21.03
CA VAL E 61 -4.54 28.75 -20.22
C VAL E 61 -3.13 29.29 -20.44
N LEU E 62 -2.14 28.39 -20.50
CA LEU E 62 -0.73 28.80 -20.66
C LEU E 62 -0.25 28.95 -22.12
N GLU E 63 -0.41 27.92 -22.95
CA GLU E 63 0.03 28.03 -24.36
C GLU E 63 -0.91 28.93 -25.18
N GLU E 64 -2.22 28.77 -25.02
CA GLU E 64 -3.14 29.49 -25.92
C GLU E 64 -3.80 30.79 -25.48
N GLY E 65 -3.63 31.17 -24.22
CA GLY E 65 -4.11 32.49 -23.79
C GLY E 65 -5.55 32.58 -23.33
N GLY E 66 -6.25 31.47 -23.23
CA GLY E 66 -7.60 31.52 -22.67
C GLY E 66 -8.32 30.22 -22.94
N VAL E 67 -9.31 29.89 -22.12
CA VAL E 67 -10.18 28.76 -22.45
C VAL E 67 -11.29 29.32 -23.32
N ASP E 68 -11.41 28.79 -24.54
CA ASP E 68 -12.44 29.23 -25.49
C ASP E 68 -13.79 29.55 -24.88
N LYS E 69 -14.41 28.55 -24.27
CA LYS E 69 -15.79 28.70 -23.83
C LYS E 69 -15.97 29.73 -22.73
N LEU E 70 -14.85 30.31 -22.26
CA LEU E 70 -14.89 31.35 -21.20
C LEU E 70 -14.68 32.77 -21.71
N LYS E 71 -14.29 32.88 -22.99
CA LYS E 71 -14.08 34.18 -23.65
C LYS E 71 -15.23 35.19 -23.58
N ASN E 72 -16.47 34.71 -23.67
CA ASN E 72 -17.65 35.58 -23.77
C ASN E 72 -18.17 36.21 -22.49
N LEU E 73 -17.66 35.82 -21.33
CA LEU E 73 -18.27 36.20 -20.06
C LEU E 73 -17.91 37.63 -19.65
N ASP E 74 -18.89 38.45 -19.28
CA ASP E 74 -18.55 39.82 -18.81
C ASP E 74 -18.54 39.94 -17.31
N HIS E 75 -19.17 38.98 -16.65
CA HIS E 75 -19.28 38.95 -15.21
C HIS E 75 -18.85 37.56 -14.72
N VAL E 76 -17.95 37.48 -13.73
CA VAL E 76 -17.73 36.23 -13.01
C VAL E 76 -17.81 36.55 -11.49
N ASP E 77 -18.72 35.91 -10.78
CA ASP E 77 -18.95 36.21 -9.38
C ASP E 77 -18.09 35.30 -8.47
N THR E 78 -17.80 34.11 -8.94
CA THR E 78 -17.10 33.13 -8.15
C THR E 78 -16.11 32.35 -9.03
N LEU E 79 -14.81 32.50 -8.77
CA LEU E 79 -13.79 31.68 -9.44
C LEU E 79 -13.07 30.80 -8.42
N VAL E 80 -13.10 29.49 -8.60
CA VAL E 80 -12.56 28.54 -7.68
C VAL E 80 -11.55 27.65 -8.38
N HIS E 81 -10.28 27.72 -7.97
CA HIS E 81 -9.21 26.88 -8.56
C HIS E 81 -9.09 25.58 -7.80
N ALA E 82 -9.58 24.49 -8.39
CA ALA E 82 -9.58 23.20 -7.69
C ALA E 82 -8.80 22.24 -8.52
N ALA E 83 -8.27 22.72 -9.64
CA ALA E 83 -7.48 21.82 -10.50
C ALA E 83 -6.19 21.38 -9.79
N GLY E 94 10.38 13.32 -7.78
CA GLY E 94 11.00 14.61 -7.49
C GLY E 94 11.92 15.12 -8.59
N SER E 95 11.56 14.77 -9.83
CA SER E 95 12.35 15.13 -11.02
C SER E 95 11.99 16.53 -11.49
N VAL E 96 12.79 17.08 -12.41
CA VAL E 96 12.49 18.36 -13.03
C VAL E 96 11.08 18.38 -13.65
N ALA E 97 10.67 17.23 -14.16
CA ALA E 97 9.33 17.08 -14.74
C ALA E 97 8.23 17.04 -13.69
N GLU E 98 8.52 16.55 -12.50
CA GLU E 98 7.53 16.70 -11.44
C GLU E 98 7.45 18.18 -11.05
N TRP E 99 8.57 18.87 -10.95
CA TRP E 99 8.55 20.31 -10.71
C TRP E 99 7.66 21.12 -11.66
N HIS E 100 7.88 20.97 -12.97
CA HIS E 100 7.12 21.73 -13.97
C HIS E 100 5.66 21.40 -13.95
N ALA E 101 5.36 20.12 -13.75
CA ALA E 101 3.98 19.70 -13.76
C ALA E 101 3.21 20.31 -12.58
N HIS E 102 3.81 20.38 -11.41
CA HIS E 102 3.09 20.93 -10.25
C HIS E 102 3.03 22.42 -10.24
N LEU E 103 4.15 23.02 -10.59
CA LEU E 103 4.24 24.46 -10.56
C LEU E 103 3.40 25.05 -11.66
N ASP E 104 3.40 24.39 -12.84
CA ASP E 104 2.52 24.78 -13.98
C ASP E 104 1.04 24.72 -13.59
N LEU E 105 0.62 23.56 -13.14
CA LEU E 105 -0.80 23.37 -12.78
C LEU E 105 -1.22 24.06 -11.48
N ASN E 106 -0.38 24.08 -10.45
CA ASN E 106 -0.86 24.55 -9.12
C ASN E 106 -0.61 26.02 -8.87
N VAL E 107 0.28 26.63 -9.66
CA VAL E 107 0.60 28.01 -9.41
C VAL E 107 0.41 28.92 -10.62
N ILE E 108 1.01 28.56 -11.76
CA ILE E 108 0.97 29.48 -12.92
C ILE E 108 -0.43 29.53 -13.56
N VAL E 109 -1.06 28.36 -13.71
CA VAL E 109 -2.41 28.31 -14.22
C VAL E 109 -3.36 29.16 -13.38
N PRO E 110 -3.36 29.00 -12.04
CA PRO E 110 -4.27 29.85 -11.29
C PRO E 110 -4.00 31.33 -11.44
N ALA E 111 -2.74 31.72 -11.50
CA ALA E 111 -2.41 33.12 -11.67
C ALA E 111 -2.86 33.68 -13.01
N GLU E 112 -2.63 32.92 -14.08
CA GLU E 112 -2.92 33.33 -15.46
C GLU E 112 -4.41 33.23 -15.82
N LEU E 113 -5.09 32.20 -15.30
CA LEU E 113 -6.53 32.13 -15.40
C LEU E 113 -7.16 33.33 -14.71
N SER E 114 -6.75 33.64 -13.48
CA SER E 114 -7.32 34.81 -12.81
C SER E 114 -7.04 36.11 -13.59
N ARG E 115 -5.87 36.22 -14.19
CA ARG E 115 -5.55 37.46 -14.88
C ARG E 115 -6.40 37.46 -16.15
N GLN E 116 -6.56 36.29 -16.77
CA GLN E 116 -7.41 36.23 -17.95
C GLN E 116 -8.86 36.72 -17.69
N LEU E 117 -9.44 36.29 -16.56
CA LEU E 117 -10.83 36.56 -16.17
C LEU E 117 -10.96 37.83 -15.41
N LEU E 118 -9.87 38.56 -15.32
CA LEU E 118 -9.81 39.77 -14.51
C LEU E 118 -10.89 40.81 -14.86
N PRO E 119 -11.13 41.05 -16.16
CA PRO E 119 -12.16 42.08 -16.43
C PRO E 119 -13.56 41.62 -15.95
N ALA E 120 -13.92 40.35 -16.20
CA ALA E 120 -15.18 39.82 -15.69
C ALA E 120 -15.26 39.84 -14.16
N LEU E 121 -14.17 39.50 -13.48
CA LEU E 121 -14.17 39.49 -12.03
C LEU E 121 -14.37 40.91 -11.47
N ARG E 122 -13.76 41.90 -12.10
CA ARG E 122 -13.92 43.29 -11.62
C ARG E 122 -15.35 43.75 -11.78
N ALA E 123 -15.92 43.51 -12.96
CA ALA E 123 -17.26 43.98 -13.25
C ALA E 123 -18.24 43.45 -12.18
N ALA E 124 -18.10 42.18 -11.81
CA ALA E 124 -19.01 41.55 -10.85
C ALA E 124 -18.64 41.81 -9.38
N SER E 125 -17.52 42.48 -9.15
CA SER E 125 -16.85 42.42 -7.85
C SER E 125 -16.83 40.98 -7.28
N GLY E 126 -16.22 40.05 -8.02
CA GLY E 126 -16.31 38.62 -7.67
C GLY E 126 -15.27 38.14 -6.68
N CYS E 127 -15.38 36.86 -6.33
CA CYS E 127 -14.44 36.27 -5.38
CA CYS E 127 -14.53 36.23 -5.36
C CYS E 127 -13.66 35.19 -6.08
N VAL E 128 -12.36 35.17 -5.76
CA VAL E 128 -11.44 34.17 -6.26
C VAL E 128 -11.02 33.30 -5.10
N ILE E 129 -11.21 31.99 -5.21
CA ILE E 129 -10.82 31.05 -4.18
C ILE E 129 -9.77 30.09 -4.71
N TYR E 130 -8.64 29.99 -4.03
CA TYR E 130 -7.62 28.98 -4.34
C TYR E 130 -7.70 27.89 -3.28
N ILE E 131 -7.82 26.63 -3.72
CA ILE E 131 -7.76 25.51 -2.82
C ILE E 131 -6.32 25.09 -2.85
N ASN E 132 -5.60 25.30 -1.77
CA ASN E 132 -4.28 24.72 -1.60
C ASN E 132 -4.32 23.20 -1.31
N GLY E 142 6.76 14.45 -4.37
CA GLY E 142 7.96 14.57 -3.53
C GLY E 142 7.81 15.76 -2.60
N ASN E 143 8.13 15.56 -1.33
CA ASN E 143 7.90 16.55 -0.29
C ASN E 143 8.36 17.95 -0.59
N THR E 144 9.50 18.04 -1.24
CA THR E 144 10.12 19.30 -1.43
C THR E 144 9.27 20.11 -2.42
N ILE E 145 8.70 19.40 -3.41
CA ILE E 145 7.88 20.06 -4.42
C ILE E 145 6.50 20.49 -3.87
N TYR E 146 5.98 19.67 -2.97
CA TYR E 146 4.68 19.87 -2.37
C TYR E 146 4.78 21.11 -1.51
N ALA E 147 5.77 21.16 -0.65
CA ALA E 147 6.00 22.33 0.17
C ALA E 147 6.24 23.58 -0.70
N ALA E 148 7.06 23.48 -1.75
CA ALA E 148 7.39 24.68 -2.50
C ALA E 148 6.15 25.21 -3.17
N SER E 149 5.28 24.34 -3.68
CA SER E 149 4.09 24.88 -4.31
C SER E 149 2.98 25.23 -3.36
N LYS E 150 2.78 24.48 -2.27
CA LYS E 150 1.80 25.02 -1.32
C LYS E 150 2.15 26.45 -0.92
N HIS E 151 3.40 26.74 -0.57
CA HIS E 151 3.82 28.10 -0.26
C HIS E 151 3.73 29.11 -1.42
N ALA E 152 4.16 28.73 -2.62
CA ALA E 152 4.03 29.63 -3.77
C ALA E 152 2.56 30.11 -4.01
N LEU E 153 1.64 29.16 -3.94
CA LEU E 153 0.22 29.44 -4.11
C LEU E 153 -0.31 30.43 -3.09
N ARG E 154 0.05 30.25 -1.84
CA ARG E 154 -0.36 31.18 -0.83
C ARG E 154 0.32 32.54 -1.02
N GLY E 155 1.60 32.56 -1.40
CA GLY E 155 2.24 33.82 -1.72
C GLY E 155 1.48 34.47 -2.88
N LEU E 156 1.15 33.69 -3.90
CA LEU E 156 0.34 34.20 -5.02
C LEU E 156 -1.00 34.86 -4.56
N ALA E 157 -1.72 34.15 -3.72
CA ALA E 157 -3.05 34.58 -3.32
C ALA E 157 -3.00 35.87 -2.56
N ASP E 158 -2.14 35.91 -1.55
CA ASP E 158 -1.93 37.07 -0.70
C ASP E 158 -1.46 38.29 -1.47
N ALA E 159 -0.60 38.14 -2.48
CA ALA E 159 -0.22 39.33 -3.29
C ALA E 159 -1.34 39.69 -4.29
N PHE E 160 -2.00 38.67 -4.85
CA PHE E 160 -3.15 38.95 -5.68
C PHE E 160 -4.25 39.74 -4.93
N ARG E 161 -4.56 39.37 -3.70
CA ARG E 161 -5.54 40.06 -2.86
C ARG E 161 -5.13 41.50 -2.68
N LYS E 162 -3.87 41.75 -2.34
CA LYS E 162 -3.38 43.12 -2.19
C LYS E 162 -3.60 43.93 -3.47
N GLU E 163 -3.17 43.39 -4.60
CA GLU E 163 -3.31 44.09 -5.88
C GLU E 163 -4.72 44.50 -6.24
N GLU E 164 -5.71 43.68 -5.87
CA GLU E 164 -7.06 43.88 -6.39
C GLU E 164 -8.07 44.33 -5.37
N ALA E 165 -7.62 44.66 -4.16
CA ALA E 165 -8.59 44.99 -3.12
C ALA E 165 -9.34 46.27 -3.46
N ASN E 166 -8.71 47.17 -4.21
CA ASN E 166 -9.33 48.44 -4.60
C ASN E 166 -10.22 48.35 -5.81
N ASN E 167 -10.15 47.25 -6.53
CA ASN E 167 -11.07 47.06 -7.63
C ASN E 167 -12.20 46.14 -7.29
N GLY E 168 -12.51 46.01 -6.00
CA GLY E 168 -13.67 45.25 -5.56
C GLY E 168 -13.65 43.74 -5.70
N ILE E 169 -12.47 43.15 -5.95
CA ILE E 169 -12.31 41.68 -5.95
C ILE E 169 -11.87 41.12 -4.58
N ARG E 170 -12.60 40.14 -4.07
CA ARG E 170 -12.24 39.47 -2.84
C ARG E 170 -11.52 38.18 -3.15
N VAL E 171 -10.62 37.79 -2.25
CA VAL E 171 -9.69 36.70 -2.49
C VAL E 171 -9.59 35.87 -1.27
N SER E 172 -9.71 34.56 -1.45
CA SER E 172 -9.77 33.67 -0.30
C SER E 172 -8.99 32.37 -0.56
N THR E 173 -8.35 31.79 0.45
CA THR E 173 -7.66 30.50 0.26
C THR E 173 -8.23 29.45 1.20
N VAL E 174 -8.37 28.21 0.72
CA VAL E 174 -8.73 27.11 1.58
C VAL E 174 -7.49 26.25 1.68
N SER E 175 -6.92 26.12 2.89
CA SER E 175 -5.61 25.45 3.04
C SER E 175 -5.78 24.16 3.77
N PRO E 176 -5.79 23.03 3.05
CA PRO E 176 -5.76 21.74 3.80
C PRO E 176 -4.44 21.48 4.56
N GLY E 177 -4.36 20.32 5.23
CA GLY E 177 -3.19 19.98 6.11
C GLY E 177 -3.29 18.57 6.67
N ILE E 201 -9.98 14.19 3.56
CA ILE E 201 -11.08 15.06 3.96
C ILE E 201 -12.24 14.96 2.97
N GLU E 202 -13.45 14.69 3.46
CA GLU E 202 -14.60 14.56 2.57
C GLU E 202 -14.78 15.80 1.67
N PRO E 203 -14.76 15.62 0.34
CA PRO E 203 -14.92 16.70 -0.64
C PRO E 203 -16.05 17.69 -0.33
N LYS E 204 -17.14 17.24 0.27
CA LYS E 204 -18.26 18.15 0.55
C LYS E 204 -17.94 19.16 1.65
N GLU E 205 -16.90 18.88 2.43
CA GLU E 205 -16.44 19.77 3.48
C GLU E 205 -15.74 20.96 2.88
N ILE E 206 -14.99 20.71 1.81
CA ILE E 206 -14.37 21.79 1.06
C ILE E 206 -15.45 22.69 0.45
N ALA E 207 -16.47 22.04 -0.11
CA ALA E 207 -17.55 22.74 -0.77
C ALA E 207 -18.26 23.58 0.26
N ASN E 208 -18.48 23.00 1.44
CA ASN E 208 -19.12 23.75 2.51
C ASN E 208 -18.26 24.98 2.85
N ALA E 209 -16.95 24.76 2.96
CA ALA E 209 -16.01 25.83 3.25
C ALA E 209 -16.12 26.97 2.23
N ILE E 210 -16.22 26.63 0.96
CA ILE E 210 -16.35 27.60 -0.12
C ILE E 210 -17.68 28.33 -0.08
N ARG E 211 -18.74 27.58 0.20
CA ARG E 211 -20.06 28.17 0.39
C ARG E 211 -20.00 29.20 1.54
N PHE E 212 -19.34 28.84 2.62
CA PHE E 212 -19.16 29.78 3.74
C PHE E 212 -18.34 31.03 3.30
N VAL E 213 -17.35 30.87 2.44
CA VAL E 213 -16.63 32.10 2.04
C VAL E 213 -17.45 33.05 1.16
N ILE E 214 -18.15 32.49 0.19
CA ILE E 214 -18.81 33.36 -0.77
C ILE E 214 -20.06 34.01 -0.20
N ASP E 215 -20.60 33.42 0.88
CA ASP E 215 -21.82 33.97 1.44
C ASP E 215 -21.60 34.80 2.69
N ALA E 216 -20.35 35.23 2.87
CA ALA E 216 -19.98 36.17 3.96
C ALA E 216 -20.69 37.49 3.79
N GLY E 217 -20.96 38.19 4.90
CA GLY E 217 -21.77 39.40 4.83
C GLY E 217 -21.23 40.50 3.94
N GLU E 218 -22.01 41.57 3.75
CA GLU E 218 -21.59 42.66 2.85
C GLU E 218 -20.35 43.41 3.37
N THR E 219 -20.23 43.52 4.68
CA THR E 219 -19.10 44.22 5.28
C THR E 219 -17.95 43.28 5.68
N THR E 220 -18.02 42.02 5.28
CA THR E 220 -17.05 41.04 5.76
C THR E 220 -16.55 40.11 4.70
N GLN E 221 -15.24 39.85 4.69
CA GLN E 221 -14.70 38.77 3.86
C GLN E 221 -13.88 37.71 4.64
N ILE E 222 -14.03 36.45 4.22
CA ILE E 222 -13.26 35.38 4.80
C ILE E 222 -12.01 35.18 3.92
N THR E 223 -10.83 35.56 4.41
CA THR E 223 -9.61 35.46 3.60
C THR E 223 -8.96 34.08 3.61
N ASN E 224 -9.07 33.33 4.69
CA ASN E 224 -8.50 31.99 4.78
C ASN E 224 -9.28 31.06 5.75
N VAL E 225 -9.39 29.82 5.33
CA VAL E 225 -9.93 28.79 6.17
C VAL E 225 -8.90 27.65 6.21
N ASP E 226 -8.47 27.25 7.40
CA ASP E 226 -7.59 26.10 7.56
C ASP E 226 -8.38 24.83 7.91
N VAL E 227 -8.24 23.80 7.11
CA VAL E 227 -9.05 22.61 7.28
C VAL E 227 -8.09 21.44 7.45
N ARG E 228 -8.39 20.55 8.39
CA ARG E 228 -7.56 19.39 8.67
C ARG E 228 -8.47 18.23 9.02
N PRO E 229 -7.98 16.98 8.85
CA PRO E 229 -8.90 15.82 9.05
C PRO E 229 -9.35 15.67 10.51
N LYS F 6 -27.25 19.56 23.84
CA LYS F 6 -25.88 20.16 23.73
C LYS F 6 -25.67 21.39 24.59
N ILE F 7 -24.44 21.51 25.11
CA ILE F 7 -24.10 22.57 26.05
C ILE F 7 -22.97 23.38 25.49
N ALA F 8 -23.10 24.69 25.65
CA ALA F 8 -22.12 25.63 25.20
C ALA F 8 -21.84 26.54 26.37
N VAL F 9 -20.57 26.97 26.50
CA VAL F 9 -20.18 28.01 27.43
C VAL F 9 -19.58 29.13 26.62
N VAL F 10 -20.02 30.34 26.85
CA VAL F 10 -19.57 31.51 26.12
C VAL F 10 -19.16 32.58 27.10
N THR F 11 -17.91 33.06 27.00
CA THR F 11 -17.47 34.23 27.79
C THR F 11 -17.61 35.55 27.03
N GLY F 12 -17.60 36.68 27.74
CA GLY F 12 -17.77 37.99 27.08
C GLY F 12 -19.11 38.08 26.39
N ALA F 13 -20.10 37.39 26.96
CA ALA F 13 -21.42 37.18 26.37
C ALA F 13 -22.32 38.42 26.24
N THR F 14 -22.01 39.48 26.99
CA THR F 14 -22.84 40.69 26.93
C THR F 14 -22.18 41.76 26.07
N GLY F 15 -20.98 41.49 25.55
CA GLY F 15 -20.40 42.34 24.50
C GLY F 15 -21.14 42.00 23.23
N GLY F 16 -20.97 42.83 22.19
CA GLY F 16 -21.69 42.69 20.91
C GLY F 16 -21.57 41.33 20.25
N MET F 17 -20.34 40.82 20.20
CA MET F 17 -20.09 39.48 19.66
C MET F 17 -20.82 38.43 20.48
N GLY F 18 -20.64 38.51 21.79
CA GLY F 18 -21.24 37.58 22.72
C GLY F 18 -22.72 37.41 22.47
N ILE F 19 -23.43 38.54 22.41
CA ILE F 19 -24.88 38.50 22.20
C ILE F 19 -25.26 37.67 20.99
N GLU F 20 -24.63 37.93 19.85
CA GLU F 20 -24.93 37.19 18.64
C GLU F 20 -24.52 35.73 18.70
N ILE F 21 -23.38 35.46 19.32
CA ILE F 21 -22.91 34.09 19.43
C ILE F 21 -23.91 33.28 20.27
N VAL F 22 -24.39 33.89 21.35
CA VAL F 22 -25.38 33.26 22.22
C VAL F 22 -26.70 32.92 21.50
N LYS F 23 -27.25 33.91 20.79
CA LYS F 23 -28.44 33.65 19.99
C LYS F 23 -28.25 32.49 19.03
N ASP F 24 -27.24 32.57 18.17
CA ASP F 24 -27.01 31.46 17.26
C ASP F 24 -26.88 30.10 17.96
N LEU F 25 -26.04 30.05 19.01
CA LEU F 25 -25.80 28.77 19.70
C LEU F 25 -27.07 28.23 20.44
N SER F 26 -27.90 29.15 20.94
CA SER F 26 -29.16 28.72 21.59
C SER F 26 -30.13 27.97 20.70
N ARG F 27 -29.90 28.05 19.39
CA ARG F 27 -30.71 27.30 18.45
C ARG F 27 -30.54 25.78 18.65
N ASP F 28 -29.43 25.34 19.25
CA ASP F 28 -29.23 23.89 19.47
C ASP F 28 -28.41 23.53 20.70
N HIS F 29 -28.19 24.49 21.59
CA HIS F 29 -27.38 24.33 22.79
C HIS F 29 -28.16 25.00 23.91
N ILE F 30 -28.01 24.49 25.13
CA ILE F 30 -28.21 25.34 26.30
C ILE F 30 -26.92 26.15 26.42
N VAL F 31 -27.02 27.47 26.50
CA VAL F 31 -25.85 28.31 26.54
C VAL F 31 -25.66 28.83 27.95
N TYR F 32 -24.52 28.52 28.55
CA TYR F 32 -24.14 29.17 29.77
C TYR F 32 -23.31 30.38 29.45
N ALA F 33 -23.96 31.53 29.59
CA ALA F 33 -23.46 32.80 29.15
C ALA F 33 -22.87 33.57 30.33
N LEU F 34 -21.55 33.70 30.33
CA LEU F 34 -20.87 34.43 31.36
C LEU F 34 -20.81 35.91 31.01
N GLY F 35 -21.25 36.75 31.94
CA GLY F 35 -21.17 38.21 31.75
C GLY F 35 -21.00 38.97 33.06
N ARG F 36 -20.86 40.30 32.94
CA ARG F 36 -20.67 41.19 34.10
C ARG F 36 -21.59 42.42 34.05
N PRO F 38 -25.64 43.74 34.83
CA PRO F 38 -26.61 42.65 34.74
C PRO F 38 -27.80 42.98 33.81
N GLU F 39 -27.79 44.19 33.23
CA GLU F 39 -28.88 44.62 32.33
C GLU F 39 -28.83 43.85 31.01
N HIS F 40 -27.62 43.68 30.49
CA HIS F 40 -27.38 42.91 29.27
C HIS F 40 -27.55 41.43 29.62
N LEU F 41 -27.28 41.11 30.89
CA LEU F 41 -27.46 39.75 31.40
C LEU F 41 -28.94 39.44 31.59
N ALA F 42 -29.71 40.45 31.97
CA ALA F 42 -31.16 40.27 32.07
C ALA F 42 -31.68 40.00 30.66
N ALA F 43 -31.39 40.96 29.78
CA ALA F 43 -31.62 40.84 28.34
C ALA F 43 -31.45 39.40 27.84
N LEU F 44 -30.28 38.81 28.12
CA LEU F 44 -29.92 37.50 27.60
C LEU F 44 -30.83 36.35 28.02
N ALA F 45 -31.18 36.32 29.32
CA ALA F 45 -31.94 35.21 29.91
C ALA F 45 -33.30 35.04 29.26
N GLU F 46 -33.67 36.01 28.43
CA GLU F 46 -34.97 36.06 27.81
C GLU F 46 -35.09 34.96 26.77
N ILE F 47 -33.94 34.57 26.20
CA ILE F 47 -33.89 33.56 25.14
C ILE F 47 -33.96 32.16 25.71
N GLU F 48 -34.81 31.32 25.12
CA GLU F 48 -34.95 29.93 25.57
C GLU F 48 -33.63 29.15 25.41
N GLY F 49 -33.18 28.54 26.50
CA GLY F 49 -31.93 27.79 26.49
C GLY F 49 -30.72 28.57 27.01
N VAL F 50 -30.91 29.83 27.38
CA VAL F 50 -29.81 30.61 27.92
C VAL F 50 -29.83 30.73 29.46
N GLU F 51 -28.75 30.28 30.09
CA GLU F 51 -28.52 30.42 31.55
C GLU F 51 -27.45 31.47 31.85
N PRO F 52 -27.85 32.74 32.04
CA PRO F 52 -26.94 33.86 32.28
C PRO F 52 -26.24 33.78 33.64
N ILE F 53 -25.03 34.33 33.71
CA ILE F 53 -24.15 34.18 34.87
C ILE F 53 -23.34 35.45 35.16
N GLU F 54 -23.73 36.19 36.20
CA GLU F 54 -22.92 37.30 36.68
C GLU F 54 -21.64 36.69 37.21
N SER F 55 -20.51 37.27 36.82
CA SER F 55 -19.19 36.70 37.13
C SER F 55 -18.03 37.66 36.93
N ASP F 56 -17.02 37.48 37.78
CA ASP F 56 -15.76 38.20 37.58
C ASP F 56 -14.76 37.16 37.14
N ILE F 57 -14.62 37.09 35.83
CA ILE F 57 -14.04 35.92 35.22
C ILE F 57 -12.56 35.81 35.56
N VAL F 58 -11.90 36.96 35.54
CA VAL F 58 -10.51 37.00 35.95
C VAL F 58 -10.32 36.50 37.42
N LYS F 59 -11.04 37.08 38.40
CA LYS F 59 -10.91 36.64 39.79
C LYS F 59 -11.23 35.16 39.92
N GLU F 60 -12.40 34.78 39.40
CA GLU F 60 -12.87 33.41 39.65
C GLU F 60 -12.02 32.37 38.95
N VAL F 61 -11.64 32.65 37.71
CA VAL F 61 -10.86 31.67 36.98
C VAL F 61 -9.45 31.63 37.52
N LEU F 62 -8.84 32.78 37.75
CA LEU F 62 -7.42 32.83 38.12
C LEU F 62 -7.20 32.69 39.64
N GLU F 63 -8.01 33.39 40.44
CA GLU F 63 -7.80 33.39 41.91
C GLU F 63 -8.67 32.35 42.64
N GLU F 64 -9.96 32.38 42.43
CA GLU F 64 -10.85 31.41 43.07
C GLU F 64 -10.82 30.00 42.49
N GLY F 65 -10.01 29.79 41.46
CA GLY F 65 -9.87 28.45 40.87
C GLY F 65 -11.05 27.93 40.03
N GLY F 66 -12.09 28.72 39.79
CA GLY F 66 -13.20 28.26 38.94
C GLY F 66 -14.44 29.15 38.92
N VAL F 67 -15.34 28.96 37.96
CA VAL F 67 -16.60 29.72 38.03
C VAL F 67 -17.68 28.83 38.61
N ASP F 68 -18.31 29.32 39.69
CA ASP F 68 -19.26 28.55 40.50
C ASP F 68 -20.31 27.86 39.66
N LYS F 69 -21.11 28.66 38.96
CA LYS F 69 -22.23 28.12 38.23
C LYS F 69 -21.81 27.28 37.01
N LEU F 70 -20.50 27.18 36.74
CA LEU F 70 -19.98 26.33 35.63
C LEU F 70 -19.48 25.01 36.13
N LYS F 71 -19.42 24.87 37.44
CA LYS F 71 -18.70 23.75 38.03
C LYS F 71 -19.41 22.42 37.86
N ASN F 72 -20.73 22.50 37.76
CA ASN F 72 -21.56 21.33 37.78
C ASN F 72 -22.01 20.83 36.39
N LEU F 73 -21.24 21.14 35.36
CA LEU F 73 -21.58 20.70 34.00
C LEU F 73 -20.94 19.34 33.76
N ASP F 74 -21.69 18.32 33.33
CA ASP F 74 -21.03 17.02 33.07
C ASP F 74 -20.34 16.96 31.72
N HIS F 75 -20.62 17.92 30.86
CA HIS F 75 -19.93 17.96 29.57
C HIS F 75 -20.17 19.32 28.93
N VAL F 76 -19.27 19.70 28.04
CA VAL F 76 -19.40 20.93 27.30
C VAL F 76 -19.06 20.58 25.86
N ASP F 77 -19.95 20.93 24.93
CA ASP F 77 -19.73 20.63 23.51
C ASP F 77 -19.00 21.77 22.80
N THR F 78 -19.26 22.98 23.26
CA THR F 78 -18.67 24.16 22.66
C THR F 78 -18.26 25.18 23.71
N LEU F 79 -16.98 25.48 23.75
CA LEU F 79 -16.54 26.58 24.62
C LEU F 79 -16.05 27.75 23.75
N VAL F 80 -16.61 28.92 23.97
CA VAL F 80 -16.20 30.04 23.17
C VAL F 80 -15.68 31.12 24.09
N HIS F 81 -14.39 31.45 23.95
CA HIS F 81 -13.78 32.57 24.67
C HIS F 81 -13.93 33.84 23.84
N ALA F 82 -14.82 34.73 24.28
CA ALA F 82 -15.08 35.99 23.59
C ALA F 82 -14.96 37.17 24.55
N ALA F 83 -14.53 36.91 25.77
CA ALA F 83 -14.30 37.99 26.71
C ALA F 83 -13.07 38.84 26.29
N SER F 95 1.26 50.68 29.62
CA SER F 95 1.59 50.54 31.07
C SER F 95 1.52 49.10 31.63
N VAL F 96 2.17 48.92 32.78
CA VAL F 96 2.24 47.64 33.45
C VAL F 96 0.87 47.12 33.84
N ALA F 97 0.01 48.01 34.33
CA ALA F 97 -1.39 47.66 34.66
C ALA F 97 -2.16 47.20 33.42
N GLU F 98 -2.11 47.97 32.32
CA GLU F 98 -2.57 47.51 31.01
C GLU F 98 -2.02 46.13 30.61
N TRP F 99 -0.71 45.94 30.67
CA TRP F 99 -0.14 44.65 30.33
C TRP F 99 -0.86 43.55 31.09
N HIS F 100 -0.95 43.73 32.39
CA HIS F 100 -1.51 42.69 33.24
C HIS F 100 -2.98 42.40 32.94
N ALA F 101 -3.77 43.46 32.83
CA ALA F 101 -5.19 43.30 32.64
C ALA F 101 -5.44 42.60 31.29
N HIS F 102 -4.75 43.07 30.27
CA HIS F 102 -4.86 42.46 28.95
C HIS F 102 -4.43 41.01 28.85
N LEU F 103 -3.21 40.71 29.27
CA LEU F 103 -2.72 39.35 29.24
C LEU F 103 -3.53 38.42 30.17
N ASP F 104 -3.99 38.98 31.30
CA ASP F 104 -4.89 38.24 32.20
C ASP F 104 -6.14 37.71 31.50
N LEU F 105 -6.81 38.62 30.83
CA LEU F 105 -8.14 38.39 30.31
C LEU F 105 -8.06 37.78 28.92
N ASN F 106 -7.14 38.28 28.09
CA ASN F 106 -7.00 37.74 26.73
C ASN F 106 -6.29 36.39 26.61
N VAL F 107 -5.40 36.07 27.55
CA VAL F 107 -4.53 34.90 27.41
C VAL F 107 -4.68 33.91 28.55
N ILE F 108 -4.45 34.38 29.79
CA ILE F 108 -4.34 33.44 30.91
C ILE F 108 -5.72 32.89 31.26
N VAL F 109 -6.73 33.75 31.32
CA VAL F 109 -8.08 33.22 31.58
C VAL F 109 -8.44 32.09 30.59
N PRO F 110 -8.39 32.37 29.27
CA PRO F 110 -8.71 31.31 28.31
C PRO F 110 -7.93 30.03 28.51
N ALA F 111 -6.63 30.12 28.73
CA ALA F 111 -5.83 28.93 29.05
C ALA F 111 -6.30 28.25 30.34
N GLU F 112 -6.58 29.03 31.37
CA GLU F 112 -6.93 28.43 32.65
C GLU F 112 -8.40 27.95 32.71
N LEU F 113 -9.30 28.72 32.11
CA LEU F 113 -10.68 28.28 32.04
C LEU F 113 -10.81 27.04 31.20
N SER F 114 -10.08 26.99 30.10
CA SER F 114 -10.09 25.80 29.28
C SER F 114 -9.57 24.62 30.11
N ARG F 115 -8.48 24.83 30.85
CA ARG F 115 -7.90 23.76 31.70
C ARG F 115 -8.96 23.26 32.70
N GLN F 116 -9.57 24.18 33.42
CA GLN F 116 -10.55 23.87 34.43
C GLN F 116 -11.67 23.01 33.88
N LEU F 117 -12.11 23.30 32.64
CA LEU F 117 -13.19 22.55 31.97
C LEU F 117 -12.77 21.29 31.22
N LEU F 118 -11.50 20.95 31.31
CA LEU F 118 -11.01 19.82 30.55
C LEU F 118 -11.82 18.50 30.71
N PRO F 119 -12.29 18.19 31.94
CA PRO F 119 -13.08 16.94 32.06
C PRO F 119 -14.43 17.00 31.35
N ALA F 120 -15.11 18.13 31.44
CA ALA F 120 -16.33 18.33 30.68
C ALA F 120 -16.11 18.28 29.16
N LEU F 121 -15.00 18.85 28.69
CA LEU F 121 -14.72 18.87 27.27
C LEU F 121 -14.32 17.48 26.75
N ARG F 122 -13.53 16.75 27.53
CA ARG F 122 -13.06 15.44 27.06
C ARG F 122 -14.22 14.49 26.96
N ALA F 123 -15.09 14.54 27.97
CA ALA F 123 -16.25 13.64 28.03
C ALA F 123 -17.16 13.84 26.83
N ALA F 124 -17.25 15.07 26.35
CA ALA F 124 -18.12 15.37 25.22
C ALA F 124 -17.42 15.35 23.87
N SER F 125 -16.11 15.07 23.83
CA SER F 125 -15.30 15.48 22.67
C SER F 125 -15.61 16.91 22.16
N GLY F 126 -15.52 17.92 23.01
CA GLY F 126 -15.96 19.24 22.61
C GLY F 126 -15.01 20.06 21.74
N CYS F 127 -15.53 21.22 21.35
CA CYS F 127 -14.82 22.21 20.54
CA CYS F 127 -14.77 22.17 20.56
C CYS F 127 -14.43 23.38 21.41
N VAL F 128 -13.16 23.79 21.36
CA VAL F 128 -12.74 25.00 22.02
C VAL F 128 -12.42 26.03 20.94
N ILE F 129 -13.04 27.19 21.05
CA ILE F 129 -12.91 28.22 20.05
C ILE F 129 -12.45 29.53 20.70
N TYR F 130 -11.33 30.07 20.21
CA TYR F 130 -10.78 31.31 20.70
C TYR F 130 -10.96 32.37 19.62
N ILE F 131 -11.56 33.50 19.99
CA ILE F 131 -11.68 34.66 19.12
C ILE F 131 -10.57 35.60 19.49
N ASN F 132 -9.74 35.92 18.52
CA ASN F 132 -8.56 36.76 18.69
C ASN F 132 -8.83 38.12 18.11
N GLY F 142 -2.87 49.91 23.68
CA GLY F 142 -1.85 50.44 22.76
C GLY F 142 -1.19 49.32 21.96
N ASN F 143 -0.73 49.63 20.73
CA ASN F 143 -0.30 48.60 19.74
C ASN F 143 0.55 47.42 20.23
N THR F 144 1.47 47.73 21.10
CA THR F 144 2.45 46.81 21.55
C THR F 144 1.84 45.72 22.44
N ILE F 145 0.83 46.09 23.18
CA ILE F 145 0.08 45.18 24.02
C ILE F 145 -0.86 44.33 23.18
N TYR F 146 -1.40 44.94 22.13
CA TYR F 146 -2.37 44.35 21.23
C TYR F 146 -1.74 43.27 20.35
N ALA F 147 -0.61 43.60 19.74
CA ALA F 147 0.18 42.62 19.01
C ALA F 147 0.56 41.43 19.90
N ALA F 148 1.05 41.73 21.10
CA ALA F 148 1.64 40.69 21.95
C ALA F 148 0.61 39.70 22.39
N SER F 149 -0.56 40.22 22.73
CA SER F 149 -1.57 39.31 23.27
C SER F 149 -2.25 38.54 22.16
N LYS F 150 -2.48 39.18 21.01
CA LYS F 150 -2.96 38.43 19.82
C LYS F 150 -2.03 37.25 19.42
N HIS F 151 -0.73 37.50 19.33
CA HIS F 151 0.18 36.39 19.09
C HIS F 151 0.20 35.43 20.24
N ALA F 152 0.13 35.93 21.48
CA ALA F 152 0.14 35.00 22.62
C ALA F 152 -1.08 34.05 22.53
N LEU F 153 -2.28 34.63 22.34
CA LEU F 153 -3.49 33.82 22.26
C LEU F 153 -3.36 32.72 21.18
N ARG F 154 -2.80 33.09 20.02
CA ARG F 154 -2.62 32.14 18.93
C ARG F 154 -1.59 31.05 19.26
N GLY F 155 -0.44 31.42 19.84
CA GLY F 155 0.47 30.39 20.36
C GLY F 155 -0.20 29.41 21.35
N LEU F 156 -0.93 29.94 22.31
CA LEU F 156 -1.68 29.11 23.29
C LEU F 156 -2.61 28.08 22.61
N ALA F 157 -3.34 28.55 21.59
CA ALA F 157 -4.42 27.82 20.98
C ALA F 157 -3.83 26.67 20.22
N ASP F 158 -2.79 26.96 19.42
CA ASP F 158 -2.02 25.94 18.71
C ASP F 158 -1.39 24.93 19.63
N ALA F 159 -0.77 25.38 20.73
CA ALA F 159 -0.19 24.42 21.69
C ALA F 159 -1.26 23.51 22.35
N PHE F 160 -2.34 24.12 22.81
CA PHE F 160 -3.46 23.41 23.38
C PHE F 160 -4.02 22.33 22.43
N ARG F 161 -4.16 22.67 21.14
CA ARG F 161 -4.63 21.73 20.14
C ARG F 161 -3.76 20.49 20.15
N LYS F 162 -2.45 20.65 19.96
CA LYS F 162 -1.50 19.53 20.01
C LYS F 162 -1.65 18.76 21.32
N GLU F 163 -1.83 19.46 22.43
CA GLU F 163 -2.01 18.76 23.69
C GLU F 163 -3.23 17.87 23.72
N GLU F 164 -4.36 18.33 23.19
CA GLU F 164 -5.60 17.56 23.35
C GLU F 164 -6.07 16.86 22.07
N ALA F 165 -5.26 16.95 21.03
CA ALA F 165 -5.58 16.21 19.83
C ALA F 165 -5.89 14.72 20.14
N ASN F 166 -5.03 14.05 20.91
CA ASN F 166 -5.26 12.62 21.09
C ASN F 166 -6.28 12.33 22.16
N ASN F 167 -6.82 13.37 22.76
CA ASN F 167 -7.91 13.17 23.73
C ASN F 167 -9.30 13.50 23.23
N GLY F 168 -9.52 13.63 21.90
CA GLY F 168 -10.85 14.00 21.35
C GLY F 168 -11.31 15.47 21.36
N ILE F 169 -10.44 16.40 21.74
CA ILE F 169 -10.83 17.80 21.73
C ILE F 169 -10.38 18.49 20.45
N ARG F 170 -11.25 19.35 19.93
CA ARG F 170 -10.94 20.14 18.75
C ARG F 170 -10.75 21.62 19.11
N VAL F 171 -9.74 22.26 18.50
CA VAL F 171 -9.41 23.63 18.85
C VAL F 171 -9.41 24.54 17.63
N SER F 172 -10.05 25.67 17.74
CA SER F 172 -10.14 26.52 16.60
C SER F 172 -9.99 27.99 16.99
N THR F 173 -9.33 28.78 16.12
CA THR F 173 -9.28 30.22 16.29
C THR F 173 -10.08 30.93 15.20
N VAL F 174 -10.73 32.02 15.58
CA VAL F 174 -11.30 32.93 14.62
C VAL F 174 -10.43 34.14 14.76
N SER F 175 -9.85 34.58 13.66
CA SER F 175 -8.85 35.65 13.76
C SER F 175 -9.28 36.86 12.97
N PRO F 176 -9.89 37.86 13.63
CA PRO F 176 -10.20 39.15 13.00
C PRO F 176 -8.96 39.96 12.60
N GLY F 177 -9.21 41.19 12.14
CA GLY F 177 -8.11 42.02 11.66
C GLY F 177 -8.50 42.50 10.30
N ILE F 201 -16.65 45.13 10.93
CA ILE F 201 -17.19 43.77 11.04
C ILE F 201 -18.42 43.65 11.95
N GLU F 202 -19.56 43.30 11.34
CA GLU F 202 -20.75 42.94 12.10
C GLU F 202 -20.48 41.71 12.97
N PRO F 203 -20.82 41.79 14.26
CA PRO F 203 -20.67 40.67 15.18
C PRO F 203 -21.41 39.39 14.72
N LYS F 204 -22.44 39.55 13.90
CA LYS F 204 -23.21 38.40 13.42
C LYS F 204 -22.34 37.47 12.58
N GLU F 205 -21.39 38.06 11.87
CA GLU F 205 -20.51 37.31 11.00
C GLU F 205 -19.58 36.44 11.82
N ILE F 206 -19.11 36.98 12.93
CA ILE F 206 -18.36 36.16 13.88
C ILE F 206 -19.21 34.97 14.37
N ALA F 207 -20.45 35.23 14.76
CA ALA F 207 -21.37 34.16 15.14
C ALA F 207 -21.55 33.14 13.98
N ASN F 208 -21.71 33.64 12.76
CA ASN F 208 -21.65 32.77 11.56
C ASN F 208 -20.34 32.00 11.42
N ALA F 209 -19.20 32.62 11.70
CA ALA F 209 -17.94 31.87 11.60
C ALA F 209 -17.92 30.73 12.65
N ILE F 210 -18.48 31.00 13.82
CA ILE F 210 -18.47 30.01 14.88
C ILE F 210 -19.40 28.88 14.52
N ARG F 211 -20.56 29.24 13.97
CA ARG F 211 -21.53 28.25 13.50
C ARG F 211 -20.85 27.37 12.44
N PHE F 212 -20.15 28.01 11.53
CA PHE F 212 -19.54 27.28 10.46
C PHE F 212 -18.57 26.26 11.06
N VAL F 213 -17.69 26.71 11.94
CA VAL F 213 -16.73 25.81 12.59
C VAL F 213 -17.32 24.62 13.35
N ILE F 214 -18.39 24.83 14.10
CA ILE F 214 -18.89 23.72 14.91
C ILE F 214 -19.72 22.76 14.06
N ASP F 215 -20.24 23.21 12.91
CA ASP F 215 -21.05 22.34 12.05
C ASP F 215 -20.21 21.52 11.10
N ALA F 216 -18.89 21.65 11.17
CA ALA F 216 -18.07 20.87 10.26
C ALA F 216 -18.35 19.36 10.39
N GLY F 217 -18.23 18.63 9.28
CA GLY F 217 -18.52 17.20 9.29
C GLY F 217 -17.65 16.38 10.21
N GLU F 218 -17.83 15.05 10.21
CA GLU F 218 -17.25 14.20 11.24
C GLU F 218 -15.74 14.00 11.04
N THR F 219 -15.32 13.86 9.78
CA THR F 219 -13.92 13.66 9.42
C THR F 219 -13.14 14.97 9.24
N THR F 220 -13.75 16.08 9.66
CA THR F 220 -13.05 17.33 9.48
C THR F 220 -13.22 18.35 10.53
N GLN F 221 -12.21 19.22 10.59
CA GLN F 221 -12.00 20.14 11.69
C GLN F 221 -11.46 21.47 11.10
N ILE F 222 -12.21 22.54 11.31
CA ILE F 222 -11.82 23.85 10.89
C ILE F 222 -10.96 24.47 11.99
N THR F 223 -9.65 24.46 11.81
CA THR F 223 -8.76 24.91 12.87
C THR F 223 -8.61 26.41 12.97
N ASN F 224 -8.85 27.12 11.87
CA ASN F 224 -8.69 28.56 11.85
C ASN F 224 -9.48 29.24 10.72
N VAL F 225 -10.03 30.43 11.00
CA VAL F 225 -10.76 31.22 10.03
C VAL F 225 -10.24 32.65 10.11
N ASP F 226 -9.82 33.23 8.99
CA ASP F 226 -9.31 34.60 8.99
C ASP F 226 -10.41 35.52 8.45
N VAL F 227 -10.84 36.48 9.23
CA VAL F 227 -11.99 37.29 8.87
C VAL F 227 -11.53 38.74 8.77
N ARG F 228 -11.87 39.45 7.69
CA ARG F 228 -11.38 40.85 7.45
C ARG F 228 -12.56 41.73 7.10
N PRO F 229 -12.43 43.06 7.29
CA PRO F 229 -13.58 43.93 7.04
C PRO F 229 -13.85 44.13 5.57
N LYS G 6 38.86 24.19 1.83
CA LYS G 6 37.43 23.84 1.54
C LYS G 6 36.92 24.15 0.11
N ILE G 7 35.77 23.57 -0.26
CA ILE G 7 35.21 23.74 -1.57
C ILE G 7 33.85 24.43 -1.50
N ALA G 8 33.73 25.51 -2.24
CA ALA G 8 32.54 26.33 -2.31
C ALA G 8 32.10 26.36 -3.77
N VAL G 9 30.78 26.37 -3.96
CA VAL G 9 30.12 26.60 -5.24
C VAL G 9 29.16 27.80 -5.07
N VAL G 10 29.31 28.81 -5.89
CA VAL G 10 28.46 29.96 -5.81
C VAL G 10 27.81 30.22 -7.16
N THR G 11 26.49 30.03 -7.27
CA THR G 11 25.73 30.54 -8.44
C THR G 11 25.43 32.05 -8.43
N GLY G 12 25.31 32.66 -9.60
CA GLY G 12 25.17 34.13 -9.69
C GLY G 12 26.40 34.90 -9.21
N ALA G 13 27.56 34.35 -9.50
CA ALA G 13 28.80 34.86 -8.92
C ALA G 13 29.23 36.19 -9.51
N THR G 14 28.59 36.63 -10.60
CA THR G 14 28.93 37.94 -11.17
C THR G 14 27.98 39.09 -10.80
N GLY G 15 26.81 38.75 -10.21
CA GLY G 15 25.95 39.75 -9.59
C GLY G 15 26.68 40.42 -8.44
N GLY G 16 26.22 41.60 -8.01
CA GLY G 16 26.80 42.35 -6.89
C GLY G 16 27.08 41.53 -5.63
N MET G 17 26.09 40.77 -5.17
CA MET G 17 26.16 39.95 -3.96
C MET G 17 27.15 38.83 -4.19
N GLY G 18 26.98 38.12 -5.30
CA GLY G 18 27.83 37.00 -5.67
C GLY G 18 29.31 37.39 -5.68
N ILE G 19 29.63 38.51 -6.31
CA ILE G 19 31.01 38.98 -6.31
C ILE G 19 31.53 39.05 -4.90
N GLU G 20 30.81 39.75 -3.99
CA GLU G 20 31.30 39.91 -2.60
C GLU G 20 31.34 38.55 -1.90
N ILE G 21 30.42 37.66 -2.27
CA ILE G 21 30.38 36.36 -1.62
C ILE G 21 31.60 35.55 -2.03
N VAL G 22 31.91 35.60 -3.32
CA VAL G 22 33.11 34.96 -3.86
C VAL G 22 34.40 35.46 -3.19
N LYS G 23 34.52 36.78 -2.96
CA LYS G 23 35.77 37.24 -2.30
C LYS G 23 35.91 36.78 -0.87
N ASP G 24 34.80 36.82 -0.12
CA ASP G 24 34.88 36.38 1.27
C ASP G 24 35.12 34.85 1.39
N LEU G 25 34.41 34.08 0.60
CA LEU G 25 34.57 32.64 0.67
C LEU G 25 36.00 32.26 0.22
N SER G 26 36.64 33.09 -0.59
CA SER G 26 37.97 32.73 -1.16
C SER G 26 39.05 32.88 -0.10
N ARG G 27 38.72 33.46 1.05
CA ARG G 27 39.65 33.43 2.15
C ARG G 27 40.02 31.97 2.53
N ASP G 28 39.08 31.03 2.46
CA ASP G 28 39.34 29.68 3.00
C ASP G 28 38.68 28.57 2.20
N HIS G 29 38.12 28.92 1.04
CA HIS G 29 37.65 27.94 0.09
C HIS G 29 38.28 28.13 -1.27
N ILE G 30 38.37 27.04 -2.04
CA ILE G 30 38.43 27.10 -3.48
C ILE G 30 37.01 27.35 -3.93
N VAL G 31 36.78 28.41 -4.67
CA VAL G 31 35.41 28.78 -5.03
C VAL G 31 35.10 28.54 -6.52
N TYR G 32 34.20 27.60 -6.81
CA TYR G 32 33.68 27.47 -8.17
C TYR G 32 32.58 28.48 -8.40
N ALA G 33 32.91 29.55 -9.10
CA ALA G 33 32.04 30.66 -9.33
C ALA G 33 31.25 30.50 -10.66
N LEU G 34 29.98 30.12 -10.59
CA LEU G 34 29.13 30.07 -11.77
C LEU G 34 28.54 31.40 -12.20
N GLY G 35 28.94 31.87 -13.38
CA GLY G 35 28.51 33.17 -13.82
C GLY G 35 28.02 33.33 -15.24
N ARG G 36 27.44 34.51 -15.48
CA ARG G 36 26.92 34.94 -16.79
C ARG G 36 27.93 35.86 -17.51
N ASN G 37 28.14 37.05 -16.90
CA ASN G 37 29.13 38.06 -17.30
C ASN G 37 30.58 37.54 -17.41
N PRO G 38 31.11 37.49 -18.65
CA PRO G 38 32.51 37.08 -18.94
C PRO G 38 33.60 38.01 -18.38
N GLU G 39 33.29 39.28 -18.18
CA GLU G 39 34.31 40.21 -17.73
C GLU G 39 34.38 40.36 -16.21
N HIS G 40 33.29 40.03 -15.51
CA HIS G 40 33.39 39.94 -14.06
C HIS G 40 34.00 38.57 -13.80
N LEU G 41 33.69 37.62 -14.70
CA LEU G 41 34.18 36.23 -14.61
C LEU G 41 35.69 36.24 -14.73
N ALA G 42 36.19 37.09 -15.64
CA ALA G 42 37.61 37.32 -15.78
C ALA G 42 38.10 38.00 -14.51
N ALA G 43 37.47 39.09 -14.14
CA ALA G 43 37.84 39.82 -12.94
C ALA G 43 38.00 38.90 -11.73
N LEU G 44 37.04 38.00 -11.57
CA LEU G 44 37.03 37.05 -10.47
C LEU G 44 38.19 36.06 -10.48
N ALA G 45 38.56 35.54 -11.65
CA ALA G 45 39.65 34.54 -11.71
C ALA G 45 41.00 35.13 -11.34
N GLU G 46 41.04 36.45 -11.11
CA GLU G 46 42.23 37.11 -10.61
C GLU G 46 42.41 36.78 -9.13
N ILE G 47 41.34 36.34 -8.47
CA ILE G 47 41.41 36.00 -7.06
C ILE G 47 41.92 34.58 -6.95
N GLU G 48 42.96 34.41 -6.15
CA GLU G 48 43.56 33.12 -5.96
C GLU G 48 42.52 32.09 -5.53
N GLY G 49 42.53 30.95 -6.21
CA GLY G 49 41.67 29.85 -5.83
C GLY G 49 40.26 29.95 -6.39
N VAL G 50 39.96 31.00 -7.14
CA VAL G 50 38.63 31.08 -7.74
C VAL G 50 38.63 30.40 -9.09
N GLU G 51 37.78 29.38 -9.24
CA GLU G 51 37.61 28.70 -10.52
C GLU G 51 36.33 29.18 -11.20
N PRO G 52 36.43 30.12 -12.17
CA PRO G 52 35.27 30.61 -12.91
C PRO G 52 34.74 29.54 -13.84
N ILE G 53 33.43 29.50 -14.01
CA ILE G 53 32.75 28.49 -14.79
C ILE G 53 31.64 29.20 -15.56
N GLU G 54 31.76 29.22 -16.89
CA GLU G 54 30.78 29.90 -17.71
C GLU G 54 29.69 28.89 -17.84
N SER G 55 28.43 29.29 -17.65
CA SER G 55 27.37 28.29 -17.59
C SER G 55 26.05 28.92 -17.93
N ASP G 56 25.22 28.17 -18.63
CA ASP G 56 23.81 28.54 -18.76
C ASP G 56 23.09 27.68 -17.73
N ILE G 57 22.83 28.27 -16.57
CA ILE G 57 22.51 27.44 -15.43
C ILE G 57 21.15 26.74 -15.62
N VAL G 58 20.16 27.49 -16.07
CA VAL G 58 18.86 26.89 -16.25
C VAL G 58 18.96 25.69 -17.19
N LYS G 59 19.57 25.90 -18.35
CA LYS G 59 19.64 24.83 -19.36
C LYS G 59 20.47 23.66 -18.81
N GLU G 60 21.63 23.97 -18.27
CA GLU G 60 22.46 22.89 -17.71
C GLU G 60 21.85 22.13 -16.51
N VAL G 61 21.36 22.85 -15.52
CA VAL G 61 20.85 22.17 -14.36
C VAL G 61 19.56 21.44 -14.73
N LEU G 62 18.71 22.07 -15.54
CA LEU G 62 17.38 21.50 -15.81
C LEU G 62 17.27 20.60 -17.05
N GLU G 63 17.89 20.97 -18.14
CA GLU G 63 17.70 20.17 -19.37
C GLU G 63 18.79 19.10 -19.49
N GLU G 64 20.04 19.51 -19.29
CA GLU G 64 21.17 18.59 -19.42
C GLU G 64 21.39 17.66 -18.24
N GLY G 65 20.76 17.94 -17.10
CA GLY G 65 20.98 17.09 -15.91
C GLY G 65 22.26 17.39 -15.15
N GLY G 66 22.78 18.60 -15.28
CA GLY G 66 23.96 18.99 -14.50
C GLY G 66 24.93 19.93 -15.17
N VAL G 67 25.71 20.67 -14.38
CA VAL G 67 26.81 21.49 -14.85
C VAL G 67 28.09 20.65 -14.87
N ASP G 68 28.60 20.33 -16.06
CA ASP G 68 29.68 19.34 -16.27
C ASP G 68 30.92 19.50 -15.35
N LYS G 69 31.48 20.71 -15.32
CA LYS G 69 32.56 21.06 -14.41
C LYS G 69 32.36 20.92 -12.90
N LEU G 70 31.21 20.40 -12.46
CA LEU G 70 31.02 20.22 -11.03
C LEU G 70 30.72 18.78 -10.76
N LYS G 71 30.63 17.99 -11.82
CA LYS G 71 30.35 16.56 -11.64
C LYS G 71 31.49 15.78 -10.92
N ASN G 72 32.68 16.36 -10.83
CA ASN G 72 33.87 15.66 -10.33
C ASN G 72 34.14 15.98 -8.90
N LEU G 73 33.51 17.03 -8.35
CA LEU G 73 33.69 17.41 -6.94
C LEU G 73 33.13 16.32 -6.04
N ASP G 74 33.96 15.78 -5.16
CA ASP G 74 33.49 14.71 -4.34
C ASP G 74 33.08 15.21 -2.95
N HIS G 75 33.46 16.45 -2.65
CA HIS G 75 33.09 17.15 -1.40
C HIS G 75 32.72 18.66 -1.70
N VAL G 76 31.52 19.10 -1.32
CA VAL G 76 31.22 20.55 -1.35
C VAL G 76 30.84 21.06 0.01
N ASP G 77 31.65 21.98 0.56
CA ASP G 77 31.45 22.49 1.95
C ASP G 77 30.38 23.55 2.00
N THR G 78 30.38 24.42 0.99
CA THR G 78 29.50 25.60 0.91
C THR G 78 28.92 25.77 -0.50
N LEU G 79 27.61 25.64 -0.61
CA LEU G 79 26.89 25.90 -1.81
C LEU G 79 25.92 27.07 -1.55
N VAL G 80 26.14 28.16 -2.28
CA VAL G 80 25.35 29.37 -2.17
C VAL G 80 24.58 29.65 -3.47
N HIS G 81 23.26 29.72 -3.40
CA HIS G 81 22.41 29.98 -4.53
C HIS G 81 22.13 31.50 -4.57
N ALA G 82 22.92 32.24 -5.33
CA ALA G 82 22.69 33.69 -5.45
C ALA G 82 22.21 34.06 -6.87
N ALA G 83 22.00 33.09 -7.74
CA ALA G 83 21.47 33.41 -9.08
C ALA G 83 20.01 33.88 -8.94
N GLY G 94 5.73 39.38 -21.59
CA GLY G 94 4.91 38.18 -21.43
C GLY G 94 4.92 37.62 -19.99
N SER G 95 3.73 37.38 -19.41
CA SER G 95 3.60 37.08 -18.00
C SER G 95 3.90 35.61 -17.78
N VAL G 96 3.42 34.76 -18.67
CA VAL G 96 3.67 33.35 -18.60
C VAL G 96 5.17 33.06 -18.64
N ALA G 97 5.84 33.76 -19.54
CA ALA G 97 7.27 33.61 -19.76
C ALA G 97 8.00 34.06 -18.51
N GLU G 98 7.53 35.16 -17.94
CA GLU G 98 8.09 35.62 -16.72
C GLU G 98 7.91 34.60 -15.56
N TRP G 99 6.71 34.02 -15.40
CA TRP G 99 6.48 33.00 -14.42
C TRP G 99 7.49 31.87 -14.59
N HIS G 100 7.67 31.37 -15.81
CA HIS G 100 8.66 30.31 -16.08
C HIS G 100 10.10 30.70 -15.80
N ALA G 101 10.46 31.94 -16.10
CA ALA G 101 11.83 32.34 -15.95
C ALA G 101 12.13 32.35 -14.46
N HIS G 102 11.36 33.14 -13.74
CA HIS G 102 11.50 33.24 -12.30
C HIS G 102 11.44 31.94 -11.55
N LEU G 103 10.37 31.21 -11.71
CA LEU G 103 10.26 29.93 -11.01
C LEU G 103 11.42 28.97 -11.36
N ASP G 104 11.77 28.90 -12.65
CA ASP G 104 12.90 28.08 -13.14
C ASP G 104 14.18 28.41 -12.39
N LEU G 105 14.53 29.69 -12.38
CA LEU G 105 15.80 30.11 -11.85
C LEU G 105 15.85 30.27 -10.30
N ASN G 106 14.74 30.73 -9.70
CA ASN G 106 14.69 31.01 -8.26
C ASN G 106 14.31 29.80 -7.43
N VAL G 107 13.63 28.84 -8.05
CA VAL G 107 13.15 27.68 -7.32
C VAL G 107 13.64 26.34 -7.87
N ILE G 108 13.40 26.07 -9.13
CA ILE G 108 13.74 24.73 -9.62
C ILE G 108 15.24 24.51 -9.72
N VAL G 109 16.00 25.50 -10.18
CA VAL G 109 17.47 25.38 -10.20
C VAL G 109 18.09 25.06 -8.78
N PRO G 110 17.82 25.91 -7.75
CA PRO G 110 18.32 25.55 -6.42
C PRO G 110 17.94 24.15 -6.04
N ALA G 111 16.71 23.76 -6.30
CA ALA G 111 16.27 22.47 -5.81
C ALA G 111 17.04 21.32 -6.52
N GLU G 112 17.27 21.45 -7.83
CA GLU G 112 17.83 20.36 -8.63
C GLU G 112 19.35 20.38 -8.57
N LEU G 113 19.94 21.58 -8.56
CA LEU G 113 21.38 21.71 -8.38
C LEU G 113 21.80 21.20 -6.98
N SER G 114 21.00 21.49 -5.95
CA SER G 114 21.25 20.93 -4.62
C SER G 114 21.20 19.42 -4.68
N ARG G 115 20.21 18.90 -5.42
CA ARG G 115 19.98 17.47 -5.51
C ARG G 115 21.16 16.83 -6.26
N GLN G 116 21.68 17.52 -7.27
CA GLN G 116 22.79 16.94 -8.02
C GLN G 116 24.03 16.95 -7.18
N LEU G 117 24.20 17.97 -6.33
CA LEU G 117 25.39 18.04 -5.50
C LEU G 117 25.19 17.33 -4.18
N LEU G 118 24.02 16.74 -4.01
CA LEU G 118 23.73 16.02 -2.76
C LEU G 118 24.80 15.06 -2.25
N PRO G 119 25.38 14.19 -3.12
CA PRO G 119 26.45 13.29 -2.57
C PRO G 119 27.72 14.00 -2.08
N ALA G 120 28.23 14.96 -2.86
CA ALA G 120 29.36 15.80 -2.40
C ALA G 120 29.04 16.67 -1.11
N LEU G 121 27.79 17.10 -0.96
CA LEU G 121 27.40 17.91 0.19
C LEU G 121 27.28 17.02 1.45
N ARG G 122 26.69 15.83 1.33
CA ARG G 122 26.68 14.88 2.41
C ARG G 122 28.11 14.50 2.83
N ALA G 123 28.96 14.27 1.83
CA ALA G 123 30.35 13.88 2.08
C ALA G 123 31.01 14.94 2.92
N ALA G 124 30.64 16.19 2.68
CA ALA G 124 31.34 17.30 3.35
C ALA G 124 30.61 17.81 4.59
N SER G 125 29.48 17.22 4.94
CA SER G 125 28.52 17.88 5.84
C SER G 125 28.33 19.37 5.50
N GLY G 126 28.17 19.72 4.25
CA GLY G 126 28.20 21.13 3.88
C GLY G 126 26.99 21.98 4.24
N CYS G 127 27.14 23.28 4.02
CA CYS G 127 26.06 24.22 4.22
CA CYS G 127 26.06 24.23 4.23
C CYS G 127 25.52 24.63 2.86
N VAL G 128 24.21 24.54 2.70
CA VAL G 128 23.51 25.05 1.53
C VAL G 128 22.78 26.35 1.93
N ILE G 129 23.07 27.44 1.24
CA ILE G 129 22.52 28.70 1.57
C ILE G 129 21.72 29.25 0.38
N TYR G 130 20.47 29.59 0.62
CA TYR G 130 19.62 30.16 -0.42
C TYR G 130 19.49 31.65 -0.13
N ILE G 131 19.76 32.52 -1.10
CA ILE G 131 19.47 33.94 -0.91
C ILE G 131 18.02 34.20 -1.30
N ASN G 132 17.15 34.58 -0.36
CA ASN G 132 15.68 34.68 -0.65
C ASN G 132 15.12 36.11 -0.76
N ASN G 143 4.51 42.74 -7.04
CA ASN G 143 4.11 41.78 -8.07
C ASN G 143 3.85 40.38 -7.51
N THR G 144 3.10 39.64 -8.32
CA THR G 144 2.52 38.41 -7.91
C THR G 144 3.52 37.29 -8.13
N ILE G 145 4.37 37.43 -9.13
CA ILE G 145 5.41 36.49 -9.40
C ILE G 145 6.52 36.50 -8.34
N TYR G 146 6.88 37.69 -7.87
CA TYR G 146 7.94 37.82 -6.88
C TYR G 146 7.56 37.25 -5.53
N ALA G 147 6.35 37.52 -5.07
CA ALA G 147 5.83 36.93 -3.84
C ALA G 147 5.76 35.41 -3.92
N ALA G 148 5.19 34.87 -4.98
CA ALA G 148 5.04 33.41 -5.07
C ALA G 148 6.40 32.72 -5.11
N SER G 149 7.35 33.31 -5.83
CA SER G 149 8.65 32.69 -5.96
C SER G 149 9.36 32.71 -4.61
N LYS G 150 9.33 33.84 -3.92
CA LYS G 150 10.06 33.88 -2.67
C LYS G 150 9.42 32.97 -1.65
N HIS G 151 8.08 32.87 -1.64
CA HIS G 151 7.47 31.91 -0.73
C HIS G 151 7.81 30.48 -1.19
N ALA G 152 7.86 30.23 -2.50
CA ALA G 152 8.25 28.87 -2.92
C ALA G 152 9.65 28.48 -2.43
N LEU G 153 10.60 29.40 -2.58
CA LEU G 153 11.98 29.17 -2.21
C LEU G 153 12.06 28.79 -0.76
N ARG G 154 11.45 29.58 0.10
CA ARG G 154 11.39 29.30 1.52
C ARG G 154 10.78 27.94 1.88
N GLY G 155 9.67 27.57 1.21
CA GLY G 155 9.08 26.26 1.41
C GLY G 155 10.09 25.16 1.08
N LEU G 156 10.80 25.34 -0.05
CA LEU G 156 11.83 24.37 -0.52
C LEU G 156 12.92 24.22 0.53
N ALA G 157 13.50 25.32 0.99
CA ALA G 157 14.58 25.33 1.98
C ALA G 157 14.20 24.66 3.29
N ASP G 158 13.00 24.89 3.75
CA ASP G 158 12.56 24.32 5.02
C ASP G 158 12.35 22.84 4.90
N ALA G 159 11.72 22.40 3.82
CA ALA G 159 11.54 20.95 3.56
C ALA G 159 12.87 20.29 3.27
N PHE G 160 13.68 20.89 2.43
CA PHE G 160 15.05 20.42 2.25
C PHE G 160 15.82 20.19 3.59
N ARG G 161 15.84 21.21 4.45
CA ARG G 161 16.48 21.11 5.76
C ARG G 161 16.07 19.88 6.53
N LYS G 162 14.77 19.57 6.62
CA LYS G 162 14.29 18.41 7.36
C LYS G 162 14.66 17.11 6.67
N GLU G 163 14.70 17.11 5.35
CA GLU G 163 15.17 15.95 4.63
C GLU G 163 16.63 15.58 4.88
N GLU G 164 17.50 16.57 5.12
CA GLU G 164 18.92 16.32 5.15
C GLU G 164 19.59 16.57 6.51
N ALA G 165 18.85 16.90 7.56
CA ALA G 165 19.56 17.18 8.82
C ALA G 165 20.38 15.97 9.35
N ASN G 166 19.80 14.77 9.26
CA ASN G 166 20.50 13.57 9.64
C ASN G 166 21.82 13.31 8.92
N ASN G 167 21.98 13.88 7.72
CA ASN G 167 23.18 13.59 6.95
C ASN G 167 24.26 14.62 7.15
N GLY G 168 24.07 15.53 8.09
CA GLY G 168 25.14 16.48 8.35
C GLY G 168 24.98 17.76 7.55
N ILE G 169 24.04 17.82 6.63
CA ILE G 169 23.90 19.07 5.89
C ILE G 169 23.14 20.16 6.67
N ARG G 170 23.69 21.37 6.67
CA ARG G 170 23.03 22.53 7.23
C ARG G 170 22.43 23.44 6.16
N VAL G 171 21.18 23.86 6.38
CA VAL G 171 20.45 24.61 5.37
C VAL G 171 20.06 25.98 5.91
N SER G 172 20.33 27.04 5.17
CA SER G 172 20.11 28.34 5.67
C SER G 172 19.52 29.27 4.60
N THR G 173 18.54 30.08 4.97
CA THR G 173 18.11 31.14 4.07
C THR G 173 18.55 32.49 4.56
N VAL G 174 19.10 33.27 3.67
CA VAL G 174 19.37 34.64 4.02
C VAL G 174 18.28 35.40 3.31
N SER G 175 17.52 36.24 4.05
CA SER G 175 16.30 36.86 3.49
C SER G 175 16.33 38.38 3.43
N PRO G 176 16.79 38.94 2.33
CA PRO G 176 16.77 40.40 2.25
C PRO G 176 15.35 40.89 1.95
N GLY G 177 15.04 42.13 2.32
CA GLY G 177 13.66 42.61 2.11
C GLY G 177 13.65 44.10 2.28
N PRO G 178 12.52 44.75 1.92
CA PRO G 178 12.44 46.20 2.10
C PRO G 178 12.15 46.56 3.56
N THR G 179 12.42 47.81 3.92
CA THR G 179 12.12 48.27 5.27
C THR G 179 10.78 48.98 5.25
N ARG G 196 14.62 52.16 2.22
CA ARG G 196 13.39 51.37 2.02
C ARG G 196 13.51 50.07 1.18
N PRO G 197 13.68 50.18 -0.14
CA PRO G 197 13.68 48.96 -0.98
C PRO G 197 14.97 48.15 -0.83
N GLU G 198 14.90 46.84 -1.02
CA GLU G 198 16.03 45.98 -0.67
C GLU G 198 17.39 46.24 -1.38
N ILE G 199 17.39 46.94 -2.52
CA ILE G 199 18.61 47.13 -3.28
C ILE G 199 19.52 48.19 -2.66
N TYR G 200 19.07 48.81 -1.60
CA TYR G 200 19.96 49.69 -0.87
C TYR G 200 20.74 48.97 0.24
N ILE G 201 20.56 47.65 0.34
CA ILE G 201 21.41 46.87 1.23
C ILE G 201 22.75 46.63 0.52
N GLU G 202 23.84 47.05 1.15
CA GLU G 202 25.18 46.75 0.63
C GLU G 202 25.38 45.25 0.47
N PRO G 203 25.77 44.80 -0.74
CA PRO G 203 25.98 43.39 -1.03
C PRO G 203 27.04 42.74 -0.14
N LYS G 204 27.91 43.53 0.44
CA LYS G 204 28.84 43.02 1.40
C LYS G 204 28.20 42.46 2.67
N GLU G 205 27.06 42.98 3.07
CA GLU G 205 26.47 42.57 4.34
C GLU G 205 25.84 41.22 4.09
N ILE G 206 25.43 41.00 2.85
CA ILE G 206 24.98 39.67 2.45
C ILE G 206 26.15 38.70 2.54
N ALA G 207 27.36 39.13 2.11
CA ALA G 207 28.49 38.21 2.18
C ALA G 207 28.80 37.92 3.65
N ASN G 208 28.76 38.96 4.51
CA ASN G 208 28.98 38.73 5.91
C ASN G 208 27.88 37.86 6.55
N ALA G 209 26.65 37.95 6.04
CA ALA G 209 25.64 37.06 6.58
C ALA G 209 26.03 35.65 6.22
N ILE G 210 26.56 35.43 5.02
CA ILE G 210 26.99 34.08 4.64
C ILE G 210 28.13 33.56 5.50
N ARG G 211 29.16 34.36 5.67
CA ARG G 211 30.25 34.11 6.59
C ARG G 211 29.78 33.74 8.04
N PHE G 212 28.89 34.55 8.59
CA PHE G 212 28.26 34.25 9.87
C PHE G 212 27.51 32.92 9.86
N VAL G 213 26.75 32.61 8.83
CA VAL G 213 26.11 31.28 8.83
C VAL G 213 27.06 30.04 8.76
N ILE G 214 28.09 30.11 7.95
CA ILE G 214 28.94 28.90 7.76
C ILE G 214 29.93 28.71 8.89
N ASP G 215 30.29 29.81 9.58
CA ASP G 215 31.19 29.78 10.74
C ASP G 215 30.52 29.37 12.04
N ALA G 216 29.19 29.29 12.09
CA ALA G 216 28.54 28.84 13.35
C ALA G 216 29.02 27.49 13.89
N GLY G 217 29.06 27.36 15.20
CA GLY G 217 29.56 26.14 15.81
C GLY G 217 28.82 24.88 15.43
N GLU G 218 29.47 23.76 15.67
CA GLU G 218 28.97 22.49 15.19
C GLU G 218 27.70 22.10 15.93
N THR G 219 27.45 22.65 17.11
CA THR G 219 26.22 22.22 17.74
C THR G 219 25.06 23.12 17.38
N THR G 220 25.17 23.82 16.27
CA THR G 220 24.19 24.81 15.85
C THR G 220 23.96 24.92 14.34
N GLN G 221 22.75 25.32 13.96
CA GLN G 221 22.43 25.77 12.60
C GLN G 221 21.92 27.19 12.79
N ILE G 222 22.45 28.14 12.00
CA ILE G 222 21.76 29.43 11.83
C ILE G 222 20.84 29.20 10.66
N THR G 223 19.55 29.00 10.89
CA THR G 223 18.73 28.64 9.75
C THR G 223 18.13 29.80 8.95
N ASN G 224 17.98 30.97 9.53
CA ASN G 224 17.48 32.12 8.80
C ASN G 224 18.07 33.46 9.28
N VAL G 225 18.35 34.35 8.34
CA VAL G 225 18.82 35.68 8.66
C VAL G 225 17.95 36.67 7.86
N ASP G 226 17.24 37.57 8.55
CA ASP G 226 16.40 38.62 7.90
C ASP G 226 17.14 39.94 7.84
N VAL G 227 17.28 40.45 6.62
CA VAL G 227 18.15 41.59 6.40
C VAL G 227 17.29 42.72 5.81
N ARG G 228 17.45 43.93 6.32
CA ARG G 228 16.67 45.03 5.82
C ARG G 228 17.59 46.21 5.72
N PRO G 229 17.25 47.14 4.83
CA PRO G 229 17.96 48.41 4.76
C PRO G 229 17.78 49.24 6.04
N ARG G 230 18.69 50.13 6.33
CA ARG G 230 18.61 50.91 7.55
C ARG G 230 18.41 52.41 7.21
N LYS H 6 30.60 53.70 23.53
CA LYS H 6 29.20 53.23 23.38
C LYS H 6 28.72 52.57 24.63
N ILE H 7 27.41 52.54 24.80
CA ILE H 7 26.85 52.11 26.05
C ILE H 7 25.88 50.92 25.84
N ALA H 8 26.00 49.89 26.67
CA ALA H 8 25.20 48.73 26.52
C ALA H 8 24.57 48.41 27.85
N VAL H 9 23.33 47.94 27.78
CA VAL H 9 22.62 47.41 28.91
C VAL H 9 22.23 45.95 28.64
N VAL H 10 22.59 45.05 29.54
CA VAL H 10 22.29 43.68 29.33
C VAL H 10 21.63 43.10 30.56
N THR H 11 20.45 42.50 30.39
CA THR H 11 19.73 41.79 31.47
C THR H 11 20.02 40.26 31.41
N GLY H 12 19.82 39.56 32.53
CA GLY H 12 20.16 38.15 32.70
C GLY H 12 21.67 38.03 32.60
N ALA H 13 22.37 39.05 33.09
CA ALA H 13 23.81 39.18 32.90
C ALA H 13 24.61 38.07 33.61
N THR H 14 23.99 37.37 34.58
CA THR H 14 24.74 36.29 35.24
C THR H 14 24.24 34.88 34.85
N GLY H 15 23.32 34.77 33.90
CA GLY H 15 23.07 33.47 33.27
C GLY H 15 24.17 33.20 32.24
N GLY H 16 24.25 31.98 31.70
CA GLY H 16 25.29 31.62 30.73
C GLY H 16 25.29 32.51 29.48
N MET H 17 24.13 32.69 28.91
CA MET H 17 23.99 33.63 27.80
C MET H 17 24.53 35.03 28.13
N GLY H 18 24.02 35.60 29.22
CA GLY H 18 24.36 36.95 29.62
C GLY H 18 25.84 37.10 29.82
N ILE H 19 26.46 36.13 30.45
CA ILE H 19 27.89 36.26 30.73
C ILE H 19 28.65 36.45 29.43
N GLU H 20 28.33 35.63 28.41
CA GLU H 20 29.04 35.67 27.13
C GLU H 20 28.81 36.95 26.43
N ILE H 21 27.57 37.44 26.51
CA ILE H 21 27.20 38.69 25.88
C ILE H 21 27.97 39.88 26.48
N VAL H 22 28.10 39.94 27.80
CA VAL H 22 28.78 41.08 28.45
C VAL H 22 30.26 41.09 28.11
N LYS H 23 30.86 39.89 28.16
CA LYS H 23 32.26 39.69 27.69
C LYS H 23 32.43 40.09 26.25
N ASP H 24 31.46 39.78 25.41
CA ASP H 24 31.66 40.20 24.03
C ASP H 24 31.41 41.71 23.86
N LEU H 25 30.28 42.20 24.40
CA LEU H 25 29.99 43.61 24.23
C LEU H 25 31.00 44.58 24.89
N SER H 26 31.68 44.15 25.97
CA SER H 26 32.63 45.01 26.69
C SER H 26 33.91 45.28 25.90
N ARG H 27 34.03 44.69 24.73
CA ARG H 27 35.13 45.02 23.86
C ARG H 27 34.99 46.43 23.38
N ASP H 28 33.75 46.86 23.16
CA ASP H 28 33.55 48.17 22.54
C ASP H 28 32.43 49.02 23.19
N HIS H 29 31.87 48.57 24.32
CA HIS H 29 30.90 49.34 25.08
C HIS H 29 31.32 49.36 26.57
N ILE H 30 30.77 50.30 27.31
CA ILE H 30 30.72 50.23 28.74
C ILE H 30 29.43 49.45 28.99
N VAL H 31 29.47 48.44 29.85
CA VAL H 31 28.33 47.58 29.93
C VAL H 31 27.67 47.65 31.29
N TYR H 32 26.39 48.06 31.31
CA TYR H 32 25.62 47.90 32.51
C TYR H 32 25.07 46.48 32.52
N ALA H 33 25.67 45.65 33.36
CA ALA H 33 25.28 44.29 33.39
C ALA H 33 24.33 44.08 34.55
N LEU H 34 23.07 43.80 34.26
CA LEU H 34 22.12 43.46 35.31
C LEU H 34 21.95 41.96 35.47
N GLY H 35 22.21 41.41 36.65
CA GLY H 35 21.89 40.01 36.85
C GLY H 35 21.61 39.70 38.29
N ARG H 36 21.46 38.42 38.60
CA ARG H 36 21.04 37.97 39.93
C ARG H 36 22.19 37.54 40.83
N ASN H 37 23.19 36.87 40.25
CA ASN H 37 24.27 36.21 41.01
C ASN H 37 25.39 37.17 41.33
N PRO H 38 25.60 37.44 42.63
CA PRO H 38 26.60 38.45 43.04
C PRO H 38 28.05 38.02 42.80
N GLU H 39 28.33 36.72 42.90
CA GLU H 39 29.67 36.17 42.62
C GLU H 39 30.03 36.41 41.13
N HIS H 40 29.11 36.07 40.24
CA HIS H 40 29.34 36.33 38.84
C HIS H 40 29.43 37.81 38.55
N LEU H 41 28.62 38.59 39.27
CA LEU H 41 28.57 40.01 39.03
C LEU H 41 29.90 40.59 39.39
N ALA H 42 30.43 40.16 40.54
CA ALA H 42 31.78 40.56 40.93
C ALA H 42 32.85 40.12 39.90
N ALA H 43 32.66 38.96 39.27
CA ALA H 43 33.65 38.47 38.33
C ALA H 43 33.58 39.36 37.12
N LEU H 44 32.36 39.59 36.64
CA LEU H 44 32.13 40.50 35.51
C LEU H 44 32.68 41.91 35.69
N ALA H 45 32.60 42.42 36.92
CA ALA H 45 33.00 43.80 37.26
C ALA H 45 34.50 44.01 37.19
N GLU H 46 35.24 42.92 37.19
CA GLU H 46 36.68 42.99 36.93
C GLU H 46 36.97 43.30 35.47
N ILE H 47 35.97 43.23 34.60
CA ILE H 47 36.21 43.50 33.18
C ILE H 47 36.13 44.98 33.01
N GLU H 48 37.07 45.59 32.29
CA GLU H 48 37.15 47.05 32.19
C GLU H 48 35.83 47.68 31.68
N GLY H 49 35.31 48.70 32.38
CA GLY H 49 34.13 49.42 31.90
C GLY H 49 32.86 48.67 32.21
N VAL H 50 32.90 47.62 33.02
CA VAL H 50 31.66 46.93 33.30
C VAL H 50 31.04 47.46 34.61
N GLU H 51 29.78 47.87 34.56
CA GLU H 51 29.15 48.31 35.78
C GLU H 51 28.18 47.26 36.28
N PRO H 52 28.51 46.59 37.39
CA PRO H 52 27.60 45.55 37.82
C PRO H 52 26.32 46.12 38.46
N ILE H 53 25.17 45.47 38.21
CA ILE H 53 23.93 45.87 38.88
C ILE H 53 23.19 44.66 39.39
N GLU H 54 23.20 44.44 40.70
CA GLU H 54 22.46 43.33 41.30
C GLU H 54 20.98 43.71 41.39
N SER H 55 20.11 42.85 40.91
CA SER H 55 18.77 43.30 40.58
C SER H 55 17.85 42.12 40.65
N ASP H 56 16.68 42.33 41.23
CA ASP H 56 15.54 41.44 41.03
C ASP H 56 14.70 42.14 39.96
N ILE H 57 14.83 41.68 38.70
CA ILE H 57 14.41 42.51 37.58
C ILE H 57 12.91 42.68 37.44
N VAL H 58 12.15 41.65 37.74
CA VAL H 58 10.71 41.76 37.63
C VAL H 58 10.21 42.78 38.65
N LYS H 59 10.63 42.64 39.92
CA LYS H 59 10.30 43.63 40.96
C LYS H 59 10.67 45.05 40.60
N GLU H 60 11.91 45.30 40.19
CA GLU H 60 12.39 46.68 40.01
C GLU H 60 11.82 47.30 38.77
N VAL H 61 11.80 46.52 37.70
CA VAL H 61 11.22 47.04 36.46
C VAL H 61 9.69 47.18 36.52
N LEU H 62 8.98 46.17 37.03
CA LEU H 62 7.50 46.22 37.02
C LEU H 62 6.91 46.91 38.24
N GLU H 63 7.34 46.55 39.45
CA GLU H 63 6.75 47.16 40.64
C GLU H 63 7.39 48.52 41.00
N GLU H 64 8.71 48.65 40.85
CA GLU H 64 9.45 49.72 41.51
C GLU H 64 9.85 50.91 40.68
N GLY H 65 9.26 51.13 39.53
CA GLY H 65 9.63 52.30 38.74
C GLY H 65 10.83 52.24 37.78
N GLY H 66 11.66 51.20 37.85
CA GLY H 66 12.83 51.22 36.99
C GLY H 66 14.04 50.74 37.74
N VAL H 67 15.17 50.68 37.07
CA VAL H 67 16.36 50.29 37.78
C VAL H 67 17.13 51.55 38.16
N ASP H 68 17.40 51.68 39.45
CA ASP H 68 18.14 52.82 39.98
C ASP H 68 19.35 53.20 39.19
N LYS H 69 20.27 52.27 38.98
CA LYS H 69 21.52 52.63 38.33
C LYS H 69 21.39 52.93 36.83
N LEU H 70 20.21 52.69 36.30
CA LEU H 70 20.01 52.95 34.90
C LEU H 70 19.35 54.31 34.70
N LYS H 71 18.90 54.93 35.80
CA LYS H 71 17.96 56.09 35.70
C LYS H 71 18.54 57.36 35.09
N ASN H 72 19.82 57.60 35.33
CA ASN H 72 20.43 58.83 34.88
C ASN H 72 21.19 58.72 33.55
N LEU H 73 21.07 57.58 32.85
CA LEU H 73 21.76 57.39 31.57
C LEU H 73 21.08 58.21 30.48
N ASP H 74 21.84 58.92 29.66
CA ASP H 74 21.23 59.61 28.51
C ASP H 74 21.46 58.97 27.15
N HIS H 75 22.43 58.06 27.04
CA HIS H 75 22.65 57.23 25.83
C HIS H 75 22.60 55.76 26.20
N VAL H 76 21.86 54.98 25.41
CA VAL H 76 22.06 53.54 25.30
C VAL H 76 22.11 53.16 23.84
N ASP H 77 23.26 52.66 23.40
CA ASP H 77 23.42 52.25 21.99
C ASP H 77 22.91 50.86 21.75
N THR H 78 23.05 50.00 22.77
CA THR H 78 22.67 48.59 22.64
C THR H 78 21.99 48.14 23.93
N LEU H 79 20.77 47.67 23.81
CA LEU H 79 20.07 47.08 24.94
C LEU H 79 19.73 45.62 24.57
N VAL H 80 20.12 44.68 25.41
CA VAL H 80 19.90 43.27 25.15
C VAL H 80 19.09 42.63 26.25
N HIS H 81 17.95 42.05 25.92
CA HIS H 81 17.09 41.42 26.93
C HIS H 81 17.43 39.90 26.94
N ALA H 82 18.25 39.46 27.89
CA ALA H 82 18.67 38.06 27.93
C ALA H 82 18.33 37.49 29.28
N ALA H 83 17.61 38.27 30.08
CA ALA H 83 17.02 37.69 31.24
C ALA H 83 16.02 36.62 30.73
N SER H 95 0.06 26.84 38.68
CA SER H 95 0.32 26.94 37.23
C SER H 95 -0.15 28.29 36.72
N VAL H 96 -1.16 28.90 37.35
CA VAL H 96 -1.40 30.33 37.15
C VAL H 96 -0.19 31.14 37.61
N ALA H 97 0.52 30.65 38.62
CA ALA H 97 1.68 31.32 39.15
C ALA H 97 2.80 31.20 38.14
N GLU H 98 2.85 30.06 37.47
CA GLU H 98 3.87 29.87 36.44
C GLU H 98 3.58 30.72 35.20
N TRP H 99 2.31 30.96 34.94
CA TRP H 99 1.90 31.78 33.83
C TRP H 99 2.40 33.20 34.08
N HIS H 100 2.18 33.69 35.29
CA HIS H 100 2.52 35.05 35.63
C HIS H 100 4.04 35.22 35.64
N ALA H 101 4.74 34.20 36.12
CA ALA H 101 6.19 34.28 36.21
C ALA H 101 6.78 34.38 34.81
N HIS H 102 6.29 33.55 33.90
CA HIS H 102 6.87 33.50 32.57
C HIS H 102 6.55 34.75 31.76
N LEU H 103 5.28 35.13 31.72
CA LEU H 103 4.82 36.35 31.01
C LEU H 103 5.42 37.64 31.57
N ASP H 104 5.47 37.75 32.90
CA ASP H 104 6.13 38.90 33.56
C ASP H 104 7.57 39.05 33.09
N LEU H 105 8.36 37.99 33.23
CA LEU H 105 9.78 38.09 32.92
C LEU H 105 10.07 38.16 31.43
N ASN H 106 9.33 37.38 30.64
CA ASN H 106 9.72 37.16 29.26
C ASN H 106 9.13 38.18 28.34
N VAL H 107 7.99 38.74 28.73
CA VAL H 107 7.23 39.65 27.88
C VAL H 107 7.13 41.07 28.46
N ILE H 108 6.58 41.19 29.68
CA ILE H 108 6.29 42.51 30.23
C ILE H 108 7.55 43.26 30.62
N VAL H 109 8.52 42.54 31.18
CA VAL H 109 9.78 43.19 31.54
C VAL H 109 10.53 43.80 30.34
N PRO H 110 10.69 43.03 29.22
CA PRO H 110 11.35 43.67 28.04
C PRO H 110 10.56 44.86 27.53
N ALA H 111 9.24 44.72 27.51
CA ALA H 111 8.40 45.84 27.10
C ALA H 111 8.60 47.08 27.99
N GLU H 112 8.62 46.89 29.30
CA GLU H 112 8.59 48.04 30.19
C GLU H 112 10.00 48.59 30.37
N LEU H 113 11.02 47.72 30.36
CA LEU H 113 12.41 48.21 30.38
C LEU H 113 12.75 48.97 29.11
N SER H 114 12.31 48.50 27.95
CA SER H 114 12.57 49.29 26.76
C SER H 114 11.86 50.66 26.82
N ARG H 115 10.57 50.67 27.21
CA ARG H 115 9.86 51.93 27.41
C ARG H 115 10.63 52.86 28.38
N GLN H 116 11.08 52.34 29.52
CA GLN H 116 11.79 53.21 30.48
C GLN H 116 13.08 53.77 29.91
N LEU H 117 13.71 53.07 28.97
CA LEU H 117 14.99 53.50 28.36
C LEU H 117 14.79 54.26 27.06
N LEU H 118 13.54 54.41 26.67
CA LEU H 118 13.22 55.04 25.37
C LEU H 118 14.05 56.35 25.06
N PRO H 119 14.09 57.30 26.02
CA PRO H 119 14.76 58.60 25.69
C PRO H 119 16.23 58.43 25.41
N ALA H 120 16.91 57.57 26.18
CA ALA H 120 18.32 57.23 25.99
C ALA H 120 18.55 56.50 24.68
N LEU H 121 17.64 55.61 24.31
CA LEU H 121 17.68 54.87 23.04
C LEU H 121 17.43 55.79 21.83
N ARG H 122 16.46 56.72 21.97
CA ARG H 122 16.26 57.74 20.90
C ARG H 122 17.45 58.66 20.87
N ALA H 123 17.88 59.13 22.02
CA ALA H 123 19.03 60.03 21.97
C ALA H 123 20.20 59.32 21.22
N ALA H 124 20.43 58.04 21.49
CA ALA H 124 21.54 57.32 20.84
C ALA H 124 21.30 56.79 19.40
N SER H 125 20.07 56.86 18.87
CA SER H 125 19.68 55.97 17.72
C SER H 125 20.12 54.49 17.90
N GLY H 126 19.89 53.93 19.08
CA GLY H 126 20.48 52.68 19.42
C GLY H 126 19.62 51.51 18.96
N CYS H 127 20.01 50.32 19.39
CA CYS H 127 19.22 49.17 19.04
CA CYS H 127 19.42 49.06 19.01
C CYS H 127 18.86 48.29 20.23
N VAL H 128 17.71 47.66 20.09
CA VAL H 128 17.14 46.79 21.11
C VAL H 128 17.10 45.40 20.58
N ILE H 129 17.63 44.47 21.36
CA ILE H 129 17.64 43.11 20.91
C ILE H 129 16.94 42.24 21.95
N TYR H 130 15.99 41.42 21.47
CA TYR H 130 15.26 40.47 22.31
C TYR H 130 15.72 39.03 22.01
N ILE H 131 16.23 38.33 23.01
CA ILE H 131 16.50 36.93 22.90
C ILE H 131 15.21 36.20 23.21
N ASN H 132 14.56 35.67 22.19
CA ASN H 132 13.37 34.87 22.41
C ASN H 132 13.67 33.39 22.70
N GLY H 142 5.87 24.28 30.87
CA GLY H 142 4.66 23.65 30.29
C GLY H 142 4.47 24.15 28.86
N ASN H 143 4.07 23.28 27.93
CA ASN H 143 4.12 23.65 26.50
C ASN H 143 3.37 24.94 26.20
N THR H 144 2.17 24.99 26.75
CA THR H 144 1.20 26.02 26.56
C THR H 144 1.69 27.41 27.01
N ILE H 145 2.45 27.47 28.10
CA ILE H 145 2.96 28.71 28.66
C ILE H 145 4.13 29.20 27.85
N TYR H 146 4.93 28.22 27.41
CA TYR H 146 6.13 28.43 26.65
C TYR H 146 5.81 28.93 25.25
N ALA H 147 4.81 28.32 24.64
CA ALA H 147 4.33 28.70 23.34
C ALA H 147 3.74 30.10 23.36
N ALA H 148 2.93 30.39 24.37
CA ALA H 148 2.32 31.71 24.42
C ALA H 148 3.35 32.81 24.63
N SER H 149 4.35 32.60 25.49
CA SER H 149 5.29 33.71 25.75
C SER H 149 6.23 33.95 24.61
N LYS H 150 6.69 32.86 23.96
CA LYS H 150 7.59 33.01 22.84
C LYS H 150 6.92 33.75 21.66
N HIS H 151 5.67 33.43 21.35
CA HIS H 151 4.91 34.21 20.32
C HIS H 151 4.64 35.65 20.75
N ALA H 152 4.32 35.79 22.04
CA ALA H 152 4.03 37.09 22.64
C ALA H 152 5.27 37.98 22.55
N LEU H 153 6.40 37.44 22.95
CA LEU H 153 7.63 38.23 22.85
C LEU H 153 7.86 38.69 21.38
N ARG H 154 7.69 37.77 20.45
CA ARG H 154 7.84 38.07 19.02
C ARG H 154 6.85 39.12 18.50
N GLY H 155 5.60 39.04 18.96
CA GLY H 155 4.63 40.07 18.61
C GLY H 155 5.04 41.40 19.21
N LEU H 156 5.44 41.42 20.48
CA LEU H 156 5.98 42.66 21.08
C LEU H 156 7.14 43.28 20.25
N ALA H 157 8.15 42.48 19.92
CA ALA H 157 9.30 42.97 19.18
C ALA H 157 8.89 43.60 17.87
N ASP H 158 8.08 42.88 17.11
CA ASP H 158 7.67 43.39 15.80
C ASP H 158 6.80 44.65 15.88
N ALA H 159 5.95 44.79 16.90
CA ALA H 159 5.19 46.04 16.97
C ALA H 159 6.07 47.18 17.51
N PHE H 160 6.98 46.86 18.41
CA PHE H 160 7.93 47.86 18.92
C PHE H 160 8.78 48.40 17.79
N ARG H 161 9.28 47.52 16.94
CA ARG H 161 9.98 47.96 15.73
C ARG H 161 9.19 48.99 14.92
N LYS H 162 7.90 48.75 14.70
CA LYS H 162 7.10 49.69 13.91
C LYS H 162 6.88 51.03 14.59
N GLU H 163 6.60 51.03 15.90
CA GLU H 163 6.43 52.31 16.64
C GLU H 163 7.66 53.17 16.65
N GLU H 164 8.84 52.56 16.69
CA GLU H 164 10.06 53.34 16.93
C GLU H 164 10.91 53.51 15.68
N ALA H 165 10.46 52.91 14.57
CA ALA H 165 11.16 52.93 13.28
C ALA H 165 11.56 54.36 12.78
N ASN H 166 10.62 55.30 12.82
CA ASN H 166 10.94 56.70 12.53
C ASN H 166 11.70 57.42 13.60
N ASN H 167 11.91 56.77 14.75
CA ASN H 167 12.68 57.44 15.81
C ASN H 167 14.16 57.07 15.79
N GLY H 168 14.58 56.31 14.78
CA GLY H 168 15.97 55.89 14.69
C GLY H 168 16.33 54.77 15.67
N ILE H 169 15.34 54.04 16.19
CA ILE H 169 15.64 52.88 17.01
C ILE H 169 15.44 51.63 16.20
N ARG H 170 16.44 50.76 16.26
CA ARG H 170 16.46 49.51 15.51
C ARG H 170 16.15 48.37 16.43
N VAL H 171 15.40 47.40 15.92
CA VAL H 171 14.90 46.34 16.75
C VAL H 171 15.24 44.99 16.15
N SER H 172 15.70 44.09 17.00
CA SER H 172 16.19 42.84 16.55
C SER H 172 15.71 41.70 17.44
N THR H 173 15.48 40.54 16.84
CA THR H 173 15.22 39.35 17.59
C THR H 173 16.19 38.23 17.26
N VAL H 174 16.64 37.54 18.31
CA VAL H 174 17.41 36.34 18.18
C VAL H 174 16.48 35.23 18.63
N SER H 175 16.23 34.26 17.76
CA SER H 175 15.20 33.24 18.04
C SER H 175 15.77 31.85 18.14
N PRO H 176 16.18 31.41 19.35
CA PRO H 176 16.73 30.07 19.56
C PRO H 176 15.65 28.97 19.55
N GLY H 177 16.04 27.73 19.86
CA GLY H 177 15.03 26.67 19.90
C GLY H 177 15.50 25.34 19.39
N ILE H 201 21.42 25.21 23.15
CA ILE H 201 22.28 26.11 22.37
C ILE H 201 23.45 26.76 23.14
N GLU H 202 24.66 26.50 22.67
CA GLU H 202 25.84 27.16 23.25
C GLU H 202 25.63 28.67 23.42
N PRO H 203 25.86 29.15 24.65
CA PRO H 203 25.86 30.54 25.03
C PRO H 203 26.74 31.46 24.19
N LYS H 204 27.93 31.04 23.80
CA LYS H 204 28.76 31.90 22.97
C LYS H 204 28.17 32.13 21.58
N GLU H 205 27.31 31.23 21.11
CA GLU H 205 26.73 31.35 19.78
C GLU H 205 25.66 32.46 19.72
N ILE H 206 24.93 32.60 20.81
CA ILE H 206 23.99 33.68 21.03
C ILE H 206 24.74 35.00 21.05
N ALA H 207 25.85 35.05 21.80
CA ALA H 207 26.73 36.21 21.83
C ALA H 207 27.36 36.55 20.46
N ASN H 208 27.71 35.54 19.69
CA ASN H 208 28.11 35.78 18.31
C ASN H 208 26.95 36.31 17.49
N ALA H 209 25.74 35.84 17.74
CA ALA H 209 24.66 36.30 16.93
C ALA H 209 24.39 37.77 17.27
N ILE H 210 24.45 38.09 18.56
CA ILE H 210 24.29 39.49 18.98
C ILE H 210 25.35 40.41 18.42
N ARG H 211 26.61 39.96 18.41
CA ARG H 211 27.71 40.67 17.79
C ARG H 211 27.42 40.86 16.29
N PHE H 212 26.87 39.84 15.62
CA PHE H 212 26.67 39.94 14.19
C PHE H 212 25.60 41.02 13.94
N VAL H 213 24.50 40.95 14.69
CA VAL H 213 23.44 41.93 14.58
C VAL H 213 24.00 43.35 14.73
N ILE H 214 24.71 43.65 15.81
CA ILE H 214 25.14 45.07 15.99
C ILE H 214 26.35 45.48 15.12
N ASP H 215 27.09 44.52 14.57
CA ASP H 215 28.17 44.86 13.61
C ASP H 215 27.63 45.21 12.21
N ALA H 216 26.33 45.15 12.01
CA ALA H 216 25.79 45.42 10.68
C ALA H 216 26.20 46.82 10.14
N GLY H 217 26.36 46.96 8.82
CA GLY H 217 26.86 48.25 8.27
C GLY H 217 25.87 49.41 8.38
N GLU H 218 26.27 50.60 7.93
CA GLU H 218 25.44 51.80 8.02
C GLU H 218 24.12 51.71 7.25
N THR H 219 24.12 50.97 6.16
CA THR H 219 22.95 50.83 5.34
C THR H 219 22.08 49.68 5.77
N THR H 220 22.52 48.90 6.74
CA THR H 220 21.86 47.61 6.96
C THR H 220 21.47 47.31 8.39
N GLN H 221 20.54 46.39 8.53
CA GLN H 221 19.88 46.13 9.79
C GLN H 221 19.61 44.64 9.72
N ILE H 222 19.94 43.89 10.75
CA ILE H 222 19.57 42.49 10.77
C ILE H 222 18.36 42.44 11.71
N THR H 223 17.16 42.04 11.25
CA THR H 223 16.04 42.21 12.18
C THR H 223 15.72 40.94 12.97
N ASN H 224 16.15 39.78 12.43
CA ASN H 224 15.98 38.50 13.06
C ASN H 224 17.06 37.49 12.62
N VAL H 225 17.43 36.62 13.55
CA VAL H 225 18.34 35.50 13.36
C VAL H 225 17.67 34.29 14.07
N ASP H 226 17.34 33.25 13.32
CA ASP H 226 16.87 31.99 13.89
C ASP H 226 18.05 31.05 14.11
N VAL H 227 18.08 30.46 15.30
CA VAL H 227 19.20 29.66 15.73
C VAL H 227 18.60 28.34 16.25
N ARG H 228 19.16 27.22 15.80
CA ARG H 228 18.66 25.91 16.15
C ARG H 228 19.82 24.98 16.44
N PRO H 229 19.52 23.89 17.17
CA PRO H 229 20.35 22.71 17.46
C PRO H 229 20.95 22.10 16.20
#